data_1V5J
#
_entry.id   1V5J
#
_entity_poly.entity_id   1
_entity_poly.type   'polypeptide(L)'
_entity_poly.pdbx_seq_one_letter_code
;GSSGSSGLSPPRGLVAVRTPRGVLLHWDPPELVPKRLDGYVLEGRQGSQGWEVLDPAVAGTETELLVPGLIKDVLYEFRL
VAFAGSFVSDPSNTANVSTSGLSGPSSG
;
_entity_poly.pdbx_strand_id   A
#
# COMPACT_ATOMS: atom_id res chain seq x y z
N GLY A 1 5.73 -21.44 -9.89
CA GLY A 1 5.75 -20.32 -10.81
C GLY A 1 4.46 -20.27 -11.64
N SER A 2 4.61 -19.82 -12.88
CA SER A 2 3.48 -19.73 -13.78
C SER A 2 2.27 -19.13 -13.04
N SER A 3 2.22 -17.80 -13.05
CA SER A 3 1.14 -17.09 -12.40
C SER A 3 0.46 -16.14 -13.38
N GLY A 4 0.39 -16.58 -14.62
CA GLY A 4 -0.22 -15.77 -15.66
C GLY A 4 0.84 -15.16 -16.59
N SER A 5 0.41 -14.17 -17.36
CA SER A 5 1.30 -13.50 -18.28
C SER A 5 0.74 -12.13 -18.67
N SER A 6 1.32 -11.10 -18.08
CA SER A 6 0.87 -9.74 -18.35
C SER A 6 2.07 -8.78 -18.37
N GLY A 7 1.89 -7.66 -19.03
CA GLY A 7 2.94 -6.66 -19.12
C GLY A 7 2.63 -5.44 -18.25
N LEU A 8 2.42 -5.71 -16.98
CA LEU A 8 2.11 -4.66 -16.03
C LEU A 8 3.12 -4.70 -14.87
N SER A 9 3.89 -3.64 -14.76
CA SER A 9 4.89 -3.55 -13.71
C SER A 9 4.25 -3.09 -12.40
N PRO A 10 4.78 -3.63 -11.28
CA PRO A 10 4.26 -3.28 -9.96
C PRO A 10 4.70 -1.87 -9.55
N PRO A 11 4.11 -1.39 -8.42
CA PRO A 11 4.43 -0.07 -7.91
C PRO A 11 5.81 -0.07 -7.24
N ARG A 12 6.22 1.11 -6.81
CA ARG A 12 7.51 1.27 -6.15
C ARG A 12 7.46 2.44 -5.17
N GLY A 13 8.55 2.58 -4.41
CA GLY A 13 8.64 3.65 -3.43
C GLY A 13 7.42 3.66 -2.50
N LEU A 14 7.03 2.45 -2.09
CA LEU A 14 5.89 2.31 -1.20
C LEU A 14 6.34 2.53 0.24
N VAL A 15 5.80 3.59 0.83
CA VAL A 15 6.14 3.92 2.20
C VAL A 15 4.86 4.25 2.98
N ALA A 16 5.00 4.31 4.29
CA ALA A 16 3.87 4.61 5.14
C ALA A 16 4.29 5.62 6.22
N VAL A 17 3.62 6.77 6.19
CA VAL A 17 3.92 7.82 7.15
C VAL A 17 2.75 7.98 8.12
N ARG A 18 2.98 7.58 9.36
CA ARG A 18 1.95 7.67 10.38
C ARG A 18 1.64 9.14 10.69
N THR A 19 0.36 9.47 10.57
CA THR A 19 -0.08 10.83 10.84
C THR A 19 -1.17 10.84 11.92
N PRO A 20 -1.57 12.07 12.32
CA PRO A 20 -2.59 12.23 13.34
C PRO A 20 -3.98 11.93 12.77
N ARG A 21 -4.16 12.29 11.51
CA ARG A 21 -5.43 12.07 10.84
C ARG A 21 -5.53 10.62 10.35
N GLY A 22 -4.39 9.94 10.39
CA GLY A 22 -4.34 8.55 9.96
C GLY A 22 -2.91 8.18 9.53
N VAL A 23 -2.84 7.37 8.48
CA VAL A 23 -1.56 6.92 7.96
C VAL A 23 -1.50 7.18 6.46
N LEU A 24 -0.54 8.00 6.07
CA LEU A 24 -0.37 8.33 4.66
C LEU A 24 0.64 7.37 4.03
N LEU A 25 0.29 6.88 2.85
CA LEU A 25 1.15 5.96 2.14
C LEU A 25 1.60 6.59 0.82
N HIS A 26 2.90 6.54 0.58
CA HIS A 26 3.46 7.10 -0.64
C HIS A 26 4.06 5.98 -1.50
N TRP A 27 3.61 5.94 -2.75
CA TRP A 27 4.09 4.94 -3.68
C TRP A 27 4.40 5.62 -5.01
N ASP A 28 4.90 4.83 -5.96
CA ASP A 28 5.23 5.35 -7.26
C ASP A 28 4.44 4.60 -8.33
N PRO A 29 4.10 5.34 -9.42
CA PRO A 29 3.34 4.75 -10.51
C PRO A 29 4.22 3.82 -11.36
N PRO A 30 3.60 2.71 -11.83
CA PRO A 30 4.31 1.75 -12.65
C PRO A 30 4.51 2.27 -14.07
N GLU A 31 5.75 2.63 -14.36
CA GLU A 31 6.08 3.14 -15.68
C GLU A 31 5.71 2.12 -16.76
N LEU A 32 5.82 0.86 -16.40
CA LEU A 32 5.49 -0.22 -17.32
C LEU A 32 4.01 -0.59 -17.18
N VAL A 33 3.24 -0.24 -18.21
CA VAL A 33 1.82 -0.53 -18.20
C VAL A 33 1.42 -1.10 -19.56
N PRO A 34 0.46 -2.07 -19.52
CA PRO A 34 -0.02 -2.70 -20.73
C PRO A 34 -0.96 -1.76 -21.50
N LYS A 35 -1.40 -0.73 -20.82
CA LYS A 35 -2.30 0.25 -21.43
C LYS A 35 -2.69 1.29 -20.38
N ARG A 36 -3.76 1.01 -19.67
CA ARG A 36 -4.25 1.91 -18.64
C ARG A 36 -4.39 1.17 -17.31
N LEU A 37 -4.13 1.91 -16.23
CA LEU A 37 -4.22 1.33 -14.90
C LEU A 37 -5.69 1.34 -14.45
N ASP A 38 -6.10 0.22 -13.89
CA ASP A 38 -7.47 0.08 -13.41
C ASP A 38 -7.55 0.55 -11.96
N GLY A 39 -6.45 0.35 -11.24
CA GLY A 39 -6.38 0.75 -9.85
C GLY A 39 -5.52 -0.23 -9.04
N TYR A 40 -5.01 0.26 -7.92
CA TYR A 40 -4.18 -0.55 -7.06
C TYR A 40 -4.99 -1.14 -5.91
N VAL A 41 -4.31 -1.91 -5.07
CA VAL A 41 -4.95 -2.53 -3.93
C VAL A 41 -4.04 -2.42 -2.70
N LEU A 42 -4.50 -1.66 -1.74
CA LEU A 42 -3.75 -1.45 -0.51
C LEU A 42 -4.03 -2.60 0.46
N GLU A 43 -2.98 -3.32 0.80
CA GLU A 43 -3.10 -4.44 1.72
C GLU A 43 -2.17 -4.26 2.91
N GLY A 44 -2.77 -4.12 4.08
CA GLY A 44 -2.01 -3.94 5.31
C GLY A 44 -2.33 -5.04 6.32
N ARG A 45 -1.68 -4.94 7.47
CA ARG A 45 -1.88 -5.92 8.53
C ARG A 45 -0.98 -5.60 9.72
N GLN A 46 -1.42 -6.05 10.89
CA GLN A 46 -0.67 -5.82 12.11
C GLN A 46 0.42 -6.89 12.27
N GLY A 47 1.63 -6.43 12.56
CA GLY A 47 2.75 -7.33 12.73
C GLY A 47 2.68 -8.50 11.76
N SER A 48 2.26 -9.64 12.27
CA SER A 48 2.14 -10.84 11.46
C SER A 48 0.68 -11.31 11.44
N GLN A 49 -0.22 -10.37 11.20
CA GLN A 49 -1.63 -10.68 11.15
C GLN A 49 -2.05 -11.02 9.72
N GLY A 50 -3.35 -11.22 9.55
CA GLY A 50 -3.89 -11.56 8.24
C GLY A 50 -3.90 -10.34 7.33
N TRP A 51 -3.37 -10.53 6.13
CA TRP A 51 -3.30 -9.45 5.16
C TRP A 51 -4.74 -8.98 4.89
N GLU A 52 -5.05 -7.81 5.45
CA GLU A 52 -6.37 -7.24 5.29
C GLU A 52 -6.38 -6.24 4.14
N VAL A 53 -7.33 -6.42 3.25
CA VAL A 53 -7.46 -5.53 2.09
C VAL A 53 -8.05 -4.20 2.54
N LEU A 54 -7.17 -3.23 2.72
CA LEU A 54 -7.58 -1.90 3.15
C LEU A 54 -8.46 -1.27 2.06
N ASP A 55 -7.99 -1.39 0.83
CA ASP A 55 -8.73 -0.84 -0.31
C ASP A 55 -8.15 -1.42 -1.60
N PRO A 56 -8.91 -2.39 -2.18
CA PRO A 56 -8.49 -3.04 -3.41
C PRO A 56 -8.71 -2.11 -4.60
N ALA A 57 -9.59 -1.14 -4.41
CA ALA A 57 -9.90 -0.19 -5.47
C ALA A 57 -9.22 1.15 -5.15
N VAL A 58 -8.07 1.35 -5.77
CA VAL A 58 -7.32 2.58 -5.57
C VAL A 58 -7.02 3.22 -6.93
N ALA A 59 -7.32 4.51 -7.02
CA ALA A 59 -7.10 5.25 -8.25
C ALA A 59 -5.80 4.75 -8.90
N GLY A 60 -5.90 4.47 -10.19
CA GLY A 60 -4.74 4.00 -10.93
C GLY A 60 -3.75 5.14 -11.20
N THR A 61 -4.13 6.31 -10.75
CA THR A 61 -3.29 7.49 -10.92
C THR A 61 -2.79 8.00 -9.57
N GLU A 62 -3.48 7.59 -8.52
CA GLU A 62 -3.11 8.00 -7.18
C GLU A 62 -1.67 7.58 -6.87
N THR A 63 -1.03 8.39 -6.03
CA THR A 63 0.35 8.11 -5.66
C THR A 63 0.46 7.94 -4.14
N GLU A 64 -0.70 7.97 -3.49
CA GLU A 64 -0.74 7.81 -2.04
C GLU A 64 -2.18 7.60 -1.58
N LEU A 65 -2.32 7.32 -0.29
CA LEU A 65 -3.63 7.09 0.29
C LEU A 65 -3.52 7.14 1.81
N LEU A 66 -4.64 7.50 2.44
CA LEU A 66 -4.67 7.60 3.89
C LEU A 66 -5.35 6.34 4.46
N VAL A 67 -4.79 5.86 5.56
CA VAL A 67 -5.31 4.66 6.19
C VAL A 67 -5.26 4.84 7.71
N PRO A 68 -6.30 5.55 8.24
CA PRO A 68 -6.38 5.79 9.68
C PRO A 68 -6.80 4.53 10.43
N GLY A 69 -7.14 3.50 9.67
CA GLY A 69 -7.56 2.24 10.24
C GLY A 69 -6.36 1.46 10.78
N LEU A 70 -5.55 2.15 11.57
CA LEU A 70 -4.37 1.54 12.16
C LEU A 70 -4.55 1.43 13.68
N ILE A 71 -3.78 0.54 14.27
CA ILE A 71 -3.85 0.33 15.71
C ILE A 71 -2.55 0.82 16.35
N LYS A 72 -2.66 1.22 17.61
CA LYS A 72 -1.51 1.71 18.34
C LYS A 72 -0.85 0.55 19.09
N ASP A 73 0.40 0.75 19.45
CA ASP A 73 1.16 -0.27 20.17
C ASP A 73 1.41 -1.46 19.23
N VAL A 74 1.09 -1.25 17.96
CA VAL A 74 1.28 -2.29 16.96
C VAL A 74 1.99 -1.70 15.74
N LEU A 75 2.31 -2.58 14.81
CA LEU A 75 3.00 -2.17 13.60
C LEU A 75 2.23 -2.69 12.38
N TYR A 76 1.42 -1.80 11.82
CA TYR A 76 0.63 -2.14 10.65
C TYR A 76 1.47 -2.09 9.38
N GLU A 77 1.37 -3.14 8.58
CA GLU A 77 2.12 -3.22 7.34
C GLU A 77 1.27 -2.67 6.18
N PHE A 78 1.85 -2.74 4.99
CA PHE A 78 1.17 -2.24 3.81
C PHE A 78 1.81 -2.81 2.53
N ARG A 79 1.00 -2.87 1.49
CA ARG A 79 1.48 -3.39 0.21
C ARG A 79 0.52 -2.98 -0.91
N LEU A 80 1.07 -2.30 -1.89
CA LEU A 80 0.29 -1.84 -3.03
C LEU A 80 0.60 -2.73 -4.25
N VAL A 81 -0.47 -3.17 -4.90
CA VAL A 81 -0.32 -4.01 -6.08
C VAL A 81 -1.21 -3.47 -7.20
N ALA A 82 -0.55 -2.89 -8.20
CA ALA A 82 -1.25 -2.33 -9.33
C ALA A 82 -1.79 -3.46 -10.21
N PHE A 83 -2.92 -3.20 -10.82
CA PHE A 83 -3.55 -4.19 -11.69
C PHE A 83 -4.37 -3.51 -12.79
N ALA A 84 -4.30 -4.10 -13.98
CA ALA A 84 -5.02 -3.57 -15.12
C ALA A 84 -6.05 -4.60 -15.60
N GLY A 85 -7.32 -4.30 -15.33
CA GLY A 85 -8.39 -5.19 -15.72
C GLY A 85 -8.08 -6.64 -15.32
N SER A 86 -7.89 -7.46 -16.33
CA SER A 86 -7.59 -8.87 -16.09
C SER A 86 -6.15 -9.03 -15.62
N PHE A 87 -5.34 -8.05 -15.98
CA PHE A 87 -3.94 -8.06 -15.60
C PHE A 87 -3.74 -7.50 -14.19
N VAL A 88 -2.73 -8.02 -13.51
CA VAL A 88 -2.44 -7.58 -12.16
C VAL A 88 -0.92 -7.50 -11.98
N SER A 89 -0.50 -6.77 -10.95
CA SER A 89 0.91 -6.61 -10.66
C SER A 89 1.19 -7.04 -9.22
N ASP A 90 2.47 -7.32 -8.97
CA ASP A 90 2.88 -7.75 -7.64
C ASP A 90 2.77 -6.57 -6.68
N PRO A 91 2.60 -6.91 -5.37
CA PRO A 91 2.47 -5.89 -4.34
C PRO A 91 3.82 -5.27 -4.02
N SER A 92 3.96 -4.01 -4.42
CA SER A 92 5.20 -3.28 -4.19
C SER A 92 5.74 -3.60 -2.78
N ASN A 93 6.99 -3.24 -2.57
CA ASN A 93 7.63 -3.48 -1.28
C ASN A 93 6.61 -3.25 -0.17
N THR A 94 6.85 -3.90 0.96
CA THR A 94 5.97 -3.78 2.11
C THR A 94 6.26 -2.49 2.88
N ALA A 95 5.20 -1.83 3.30
CA ALA A 95 5.34 -0.60 4.05
C ALA A 95 4.91 -0.83 5.51
N ASN A 96 5.76 -0.38 6.42
CA ASN A 96 5.49 -0.54 7.83
C ASN A 96 5.28 0.84 8.46
N VAL A 97 4.39 0.88 9.44
CA VAL A 97 4.09 2.13 10.13
C VAL A 97 4.40 1.97 11.62
N SER A 98 4.81 3.07 12.22
CA SER A 98 5.15 3.07 13.64
C SER A 98 4.11 3.89 14.42
N THR A 99 3.90 3.48 15.66
CA THR A 99 2.95 4.16 16.53
C THR A 99 3.27 3.89 17.99
N SER A 100 4.44 4.37 18.41
CA SER A 100 4.88 4.19 19.78
C SER A 100 4.92 5.54 20.49
N GLY A 101 5.21 6.58 19.72
CA GLY A 101 5.29 7.92 20.26
C GLY A 101 4.48 8.91 19.41
N LEU A 102 3.76 8.35 18.43
CA LEU A 102 2.95 9.17 17.55
C LEU A 102 1.96 9.99 18.38
N SER A 103 1.48 11.07 17.78
CA SER A 103 0.54 11.94 18.45
C SER A 103 1.00 12.21 19.87
N GLY A 104 2.05 13.01 19.98
CA GLY A 104 2.60 13.35 21.28
C GLY A 104 3.73 14.38 21.15
N PRO A 105 4.42 14.63 22.30
CA PRO A 105 5.52 15.57 22.32
C PRO A 105 6.76 14.99 21.66
N SER A 106 7.44 15.83 20.89
CA SER A 106 8.65 15.41 20.21
C SER A 106 9.29 16.60 19.49
N SER A 107 10.60 16.67 19.58
CA SER A 107 11.34 17.76 18.96
C SER A 107 12.36 17.19 17.96
N GLY A 108 11.91 17.07 16.72
CA GLY A 108 12.76 16.54 15.67
C GLY A 108 12.92 15.02 15.79
N GLY A 1 -4.12 -22.94 -13.76
CA GLY A 1 -3.01 -22.57 -14.62
C GLY A 1 -3.12 -21.12 -15.08
N SER A 2 -2.08 -20.66 -15.74
CA SER A 2 -2.05 -19.29 -16.24
C SER A 2 -1.84 -19.29 -17.75
N SER A 3 -2.95 -19.21 -18.47
CA SER A 3 -2.91 -19.20 -19.92
C SER A 3 -2.87 -17.76 -20.44
N GLY A 4 -2.21 -16.90 -19.66
CA GLY A 4 -2.09 -15.50 -20.02
C GLY A 4 -0.74 -14.94 -19.58
N SER A 5 -0.38 -13.83 -20.21
CA SER A 5 0.88 -13.17 -19.90
C SER A 5 0.63 -11.84 -19.20
N SER A 6 1.61 -11.41 -18.41
CA SER A 6 1.49 -10.17 -17.68
C SER A 6 2.40 -9.11 -18.32
N GLY A 7 1.89 -7.89 -18.38
CA GLY A 7 2.63 -6.79 -18.96
C GLY A 7 2.51 -5.53 -18.10
N LEU A 8 1.97 -5.71 -16.90
CA LEU A 8 1.77 -4.60 -15.99
C LEU A 8 2.83 -4.68 -14.88
N SER A 9 3.63 -3.63 -14.79
CA SER A 9 4.68 -3.56 -13.79
C SER A 9 4.09 -3.14 -12.44
N PRO A 10 4.72 -3.65 -11.35
CA PRO A 10 4.27 -3.33 -10.01
C PRO A 10 4.67 -1.92 -9.61
N PRO A 11 4.10 -1.46 -8.47
CA PRO A 11 4.39 -0.12 -7.98
C PRO A 11 5.78 -0.06 -7.35
N ARG A 12 6.17 1.14 -6.94
CA ARG A 12 7.46 1.35 -6.33
C ARG A 12 7.42 2.53 -5.36
N GLY A 13 8.55 2.80 -4.74
CA GLY A 13 8.66 3.90 -3.79
C GLY A 13 7.43 3.93 -2.87
N LEU A 14 7.14 2.78 -2.29
CA LEU A 14 6.01 2.66 -1.38
C LEU A 14 6.49 2.84 0.05
N VAL A 15 5.84 3.76 0.76
CA VAL A 15 6.19 4.04 2.14
C VAL A 15 4.92 4.36 2.93
N ALA A 16 5.07 4.36 4.25
CA ALA A 16 3.95 4.65 5.13
C ALA A 16 4.39 5.64 6.20
N VAL A 17 3.84 6.84 6.12
CA VAL A 17 4.17 7.88 7.08
C VAL A 17 2.98 8.11 8.01
N ARG A 18 3.21 7.84 9.29
CA ARG A 18 2.18 8.01 10.29
C ARG A 18 1.90 9.49 10.52
N THR A 19 0.61 9.81 10.59
CA THR A 19 0.19 11.18 10.81
C THR A 19 -0.90 11.25 11.88
N PRO A 20 -1.35 12.50 12.18
CA PRO A 20 -2.38 12.71 13.17
C PRO A 20 -3.76 12.32 12.63
N ARG A 21 -3.97 12.67 11.37
CA ARG A 21 -5.23 12.36 10.71
C ARG A 21 -5.28 10.87 10.31
N GLY A 22 -4.14 10.23 10.45
CA GLY A 22 -4.04 8.82 10.12
C GLY A 22 -2.66 8.49 9.55
N VAL A 23 -2.64 7.56 8.59
CA VAL A 23 -1.40 7.15 7.97
C VAL A 23 -1.45 7.49 6.47
N LEU A 24 -0.33 7.96 5.96
CA LEU A 24 -0.23 8.33 4.57
C LEU A 24 0.77 7.41 3.87
N LEU A 25 0.34 6.81 2.77
CA LEU A 25 1.18 5.91 2.02
C LEU A 25 1.57 6.58 0.70
N HIS A 26 2.87 6.60 0.45
CA HIS A 26 3.38 7.22 -0.77
C HIS A 26 4.02 6.13 -1.65
N TRP A 27 3.38 5.89 -2.79
CA TRP A 27 3.87 4.89 -3.72
C TRP A 27 4.18 5.59 -5.05
N ASP A 28 4.68 4.82 -5.99
CA ASP A 28 5.02 5.35 -7.30
C ASP A 28 4.27 4.56 -8.38
N PRO A 29 3.92 5.28 -9.47
CA PRO A 29 3.20 4.64 -10.58
C PRO A 29 4.14 3.77 -11.41
N PRO A 30 3.55 2.69 -11.99
CA PRO A 30 4.31 1.77 -12.81
C PRO A 30 4.62 2.37 -14.18
N GLU A 31 5.90 2.35 -14.53
CA GLU A 31 6.34 2.89 -15.81
C GLU A 31 5.88 1.99 -16.95
N LEU A 32 5.91 0.68 -16.68
CA LEU A 32 5.50 -0.29 -17.69
C LEU A 32 4.02 -0.62 -17.49
N VAL A 33 3.23 -0.20 -18.46
CA VAL A 33 1.79 -0.45 -18.41
C VAL A 33 1.34 -1.07 -19.73
N PRO A 34 0.38 -2.03 -19.62
CA PRO A 34 -0.14 -2.71 -20.79
C PRO A 34 -1.09 -1.81 -21.57
N LYS A 35 -1.51 -0.74 -20.90
CA LYS A 35 -2.43 0.22 -21.52
C LYS A 35 -2.84 1.26 -20.48
N ARG A 36 -3.90 0.93 -19.76
CA ARG A 36 -4.41 1.84 -18.74
C ARG A 36 -4.49 1.11 -17.39
N LEU A 37 -4.34 1.89 -16.33
CA LEU A 37 -4.39 1.33 -14.99
C LEU A 37 -5.84 1.34 -14.49
N ASP A 38 -6.24 0.21 -13.93
CA ASP A 38 -7.59 0.07 -13.41
C ASP A 38 -7.62 0.48 -11.94
N GLY A 39 -6.49 0.26 -11.28
CA GLY A 39 -6.37 0.59 -9.87
C GLY A 39 -5.43 -0.38 -9.15
N TYR A 40 -5.03 0.01 -7.96
CA TYR A 40 -4.14 -0.81 -7.16
C TYR A 40 -4.89 -1.45 -5.99
N VAL A 41 -4.16 -2.27 -5.24
CA VAL A 41 -4.75 -2.95 -4.08
C VAL A 41 -3.83 -2.75 -2.87
N LEU A 42 -4.29 -1.90 -1.96
CA LEU A 42 -3.53 -1.63 -0.75
C LEU A 42 -3.90 -2.65 0.33
N GLU A 43 -2.91 -3.46 0.69
CA GLU A 43 -3.12 -4.48 1.71
C GLU A 43 -2.18 -4.24 2.89
N GLY A 44 -2.78 -4.22 4.07
CA GLY A 44 -2.02 -3.99 5.29
C GLY A 44 -2.29 -5.10 6.32
N ARG A 45 -1.62 -5.00 7.45
CA ARG A 45 -1.78 -5.98 8.51
C ARG A 45 -0.81 -5.67 9.67
N GLN A 46 -1.21 -6.11 10.85
CA GLN A 46 -0.41 -5.89 12.04
C GLN A 46 0.57 -7.05 12.23
N GLY A 47 1.72 -6.73 12.81
CA GLY A 47 2.75 -7.72 13.06
C GLY A 47 2.78 -8.75 11.93
N SER A 48 2.21 -9.92 12.22
CA SER A 48 2.18 -10.99 11.24
C SER A 48 0.74 -11.47 11.04
N GLN A 49 -0.18 -10.52 11.14
CA GLN A 49 -1.59 -10.83 10.97
C GLN A 49 -1.90 -11.10 9.50
N GLY A 50 -3.19 -11.25 9.21
CA GLY A 50 -3.63 -11.51 7.85
C GLY A 50 -3.74 -10.21 7.05
N TRP A 51 -3.35 -10.28 5.79
CA TRP A 51 -3.39 -9.13 4.91
C TRP A 51 -4.86 -8.75 4.71
N GLU A 52 -5.26 -7.67 5.38
CA GLU A 52 -6.62 -7.19 5.29
C GLU A 52 -6.73 -6.10 4.22
N VAL A 53 -7.34 -6.47 3.10
CA VAL A 53 -7.53 -5.54 2.00
C VAL A 53 -8.03 -4.21 2.55
N LEU A 54 -7.12 -3.24 2.60
CA LEU A 54 -7.46 -1.92 3.09
C LEU A 54 -8.25 -1.17 2.02
N ASP A 55 -7.77 -1.26 0.80
CA ASP A 55 -8.42 -0.59 -0.32
C ASP A 55 -8.16 -1.38 -1.59
N PRO A 56 -9.22 -2.08 -2.06
CA PRO A 56 -9.12 -2.89 -3.27
C PRO A 56 -9.12 -2.00 -4.52
N ALA A 57 -10.01 -1.01 -4.50
CA ALA A 57 -10.12 -0.09 -5.62
C ALA A 57 -9.39 1.21 -5.27
N VAL A 58 -8.25 1.41 -5.92
CA VAL A 58 -7.45 2.60 -5.69
C VAL A 58 -7.17 3.28 -7.03
N ALA A 59 -7.45 4.57 -7.07
CA ALA A 59 -7.23 5.35 -8.28
C ALA A 59 -5.96 4.85 -8.98
N GLY A 60 -6.10 4.62 -10.28
CA GLY A 60 -4.98 4.13 -11.08
C GLY A 60 -3.94 5.25 -11.29
N THR A 61 -4.28 6.42 -10.78
CA THR A 61 -3.38 7.57 -10.90
C THR A 61 -2.87 7.99 -9.53
N GLU A 62 -3.66 7.67 -8.52
CA GLU A 62 -3.30 8.01 -7.15
C GLU A 62 -1.87 7.55 -6.85
N THR A 63 -1.16 8.40 -6.10
CA THR A 63 0.21 8.09 -5.74
C THR A 63 0.33 7.91 -4.21
N GLU A 64 -0.82 7.93 -3.55
CA GLU A 64 -0.87 7.78 -2.12
C GLU A 64 -2.30 7.57 -1.64
N LEU A 65 -2.43 7.26 -0.36
CA LEU A 65 -3.74 7.03 0.23
C LEU A 65 -3.63 7.12 1.76
N LEU A 66 -4.74 7.51 2.37
CA LEU A 66 -4.79 7.63 3.82
C LEU A 66 -5.25 6.31 4.43
N VAL A 67 -4.65 5.98 5.56
CA VAL A 67 -4.98 4.74 6.25
C VAL A 67 -5.03 5.01 7.76
N PRO A 68 -6.07 5.77 8.18
CA PRO A 68 -6.24 6.10 9.58
C PRO A 68 -6.75 4.89 10.38
N GLY A 69 -7.12 3.84 9.64
CA GLY A 69 -7.62 2.63 10.26
C GLY A 69 -6.57 2.01 11.19
N LEU A 70 -5.32 2.34 10.92
CA LEU A 70 -4.22 1.84 11.72
C LEU A 70 -4.54 2.02 13.20
N ILE A 71 -3.67 1.49 14.04
CA ILE A 71 -3.85 1.59 15.48
C ILE A 71 -2.49 1.82 16.15
N LYS A 72 -2.51 1.78 17.47
CA LYS A 72 -1.29 1.99 18.24
C LYS A 72 -0.89 0.67 18.91
N ASP A 73 0.27 0.70 19.54
CA ASP A 73 0.78 -0.48 20.23
C ASP A 73 0.84 -1.65 19.24
N VAL A 74 0.83 -1.30 17.95
CA VAL A 74 0.88 -2.30 16.91
C VAL A 74 1.68 -1.77 15.72
N LEU A 75 2.05 -2.67 14.84
CA LEU A 75 2.82 -2.31 13.66
C LEU A 75 2.10 -2.80 12.41
N TYR A 76 1.36 -1.89 11.80
CA TYR A 76 0.61 -2.22 10.59
C TYR A 76 1.50 -2.11 9.36
N GLU A 77 1.32 -3.08 8.45
CA GLU A 77 2.10 -3.10 7.23
C GLU A 77 1.26 -2.59 6.05
N PHE A 78 1.86 -2.64 4.87
CA PHE A 78 1.18 -2.18 3.68
C PHE A 78 1.82 -2.78 2.42
N ARG A 79 1.02 -2.86 1.36
CA ARG A 79 1.50 -3.40 0.10
C ARG A 79 0.55 -3.03 -1.03
N LEU A 80 1.11 -2.35 -2.02
CA LEU A 80 0.33 -1.92 -3.17
C LEU A 80 0.63 -2.85 -4.36
N VAL A 81 -0.44 -3.19 -5.09
CA VAL A 81 -0.31 -4.06 -6.24
C VAL A 81 -1.18 -3.52 -7.37
N ALA A 82 -0.51 -3.02 -8.40
CA ALA A 82 -1.21 -2.47 -9.56
C ALA A 82 -1.81 -3.62 -10.37
N PHE A 83 -2.95 -3.34 -10.98
CA PHE A 83 -3.63 -4.34 -11.78
C PHE A 83 -4.49 -3.67 -12.86
N ALA A 84 -4.35 -4.20 -14.07
CA ALA A 84 -5.10 -3.66 -15.21
C ALA A 84 -6.04 -4.75 -15.74
N GLY A 85 -7.32 -4.57 -15.47
CA GLY A 85 -8.33 -5.52 -15.92
C GLY A 85 -7.72 -6.89 -16.13
N SER A 86 -7.79 -7.72 -15.09
CA SER A 86 -7.25 -9.06 -15.14
C SER A 86 -5.80 -9.06 -14.67
N PHE A 87 -4.98 -8.28 -15.36
CA PHE A 87 -3.58 -8.18 -15.03
C PHE A 87 -3.39 -7.70 -13.59
N VAL A 88 -2.69 -8.52 -12.81
CA VAL A 88 -2.42 -8.19 -11.42
C VAL A 88 -0.91 -8.16 -11.19
N SER A 89 -0.42 -6.96 -10.93
CA SER A 89 1.01 -6.77 -10.67
C SER A 89 1.35 -7.21 -9.25
N ASP A 90 2.63 -7.45 -9.04
CA ASP A 90 3.11 -7.88 -7.72
C ASP A 90 2.98 -6.71 -6.74
N PRO A 91 2.85 -7.08 -5.43
CA PRO A 91 2.72 -6.08 -4.39
C PRO A 91 4.07 -5.40 -4.11
N SER A 92 4.14 -4.13 -4.50
CA SER A 92 5.37 -3.36 -4.30
C SER A 92 5.93 -3.63 -2.91
N ASN A 93 7.14 -3.15 -2.69
CA ASN A 93 7.80 -3.32 -1.41
C ASN A 93 6.78 -3.15 -0.28
N THR A 94 7.13 -3.68 0.88
CA THR A 94 6.25 -3.59 2.04
C THR A 94 6.55 -2.33 2.85
N ALA A 95 5.49 -1.63 3.19
CA ALA A 95 5.63 -0.39 3.96
C ALA A 95 4.82 -0.52 5.26
N ASN A 96 5.35 0.07 6.31
CA ASN A 96 4.69 0.04 7.60
C ASN A 96 5.05 1.30 8.39
N VAL A 97 4.30 1.54 9.45
CA VAL A 97 4.52 2.70 10.29
C VAL A 97 4.67 2.25 11.74
N SER A 98 5.19 3.17 12.56
CA SER A 98 5.39 2.88 13.97
C SER A 98 4.43 3.71 14.81
N THR A 99 4.17 3.22 16.02
CA THR A 99 3.27 3.90 16.92
C THR A 99 3.51 3.44 18.36
N SER A 100 4.62 3.90 18.92
CA SER A 100 4.98 3.55 20.29
C SER A 100 4.93 4.79 21.18
N GLY A 101 5.10 5.94 20.55
CA GLY A 101 5.08 7.20 21.28
C GLY A 101 3.78 7.98 21.00
N LEU A 102 2.70 7.21 20.85
CA LEU A 102 1.41 7.81 20.57
C LEU A 102 0.76 8.24 21.89
N SER A 103 -0.24 9.11 21.77
CA SER A 103 -0.95 9.60 22.93
C SER A 103 -1.35 8.43 23.84
N GLY A 104 -1.83 7.37 23.20
CA GLY A 104 -2.25 6.19 23.92
C GLY A 104 -3.58 6.43 24.65
N PRO A 105 -3.79 5.64 25.74
CA PRO A 105 -5.01 5.77 26.53
C PRO A 105 -4.97 7.01 27.40
N SER A 106 -5.10 8.16 26.75
CA SER A 106 -5.09 9.43 27.45
C SER A 106 -6.24 10.30 26.98
N SER A 107 -6.60 11.27 27.81
CA SER A 107 -7.69 12.17 27.50
C SER A 107 -7.83 13.23 28.60
N GLY A 108 -7.81 14.49 28.18
CA GLY A 108 -7.93 15.58 29.11
C GLY A 108 -9.21 15.45 29.96
N GLY A 1 8.30 -17.28 -16.24
CA GLY A 1 7.34 -16.20 -16.10
C GLY A 1 6.44 -16.42 -14.89
N SER A 2 6.90 -15.93 -13.75
CA SER A 2 6.14 -16.06 -12.51
C SER A 2 6.20 -14.76 -11.72
N SER A 3 7.42 -14.34 -11.42
CA SER A 3 7.63 -13.12 -10.66
C SER A 3 8.51 -12.15 -11.47
N GLY A 4 8.34 -12.20 -12.79
CA GLY A 4 9.12 -11.35 -13.66
C GLY A 4 8.61 -11.45 -15.11
N SER A 5 8.56 -10.30 -15.77
CA SER A 5 8.10 -10.26 -17.15
C SER A 5 6.60 -10.57 -17.21
N SER A 6 5.90 -9.77 -18.00
CA SER A 6 4.47 -9.96 -18.16
C SER A 6 3.90 -8.87 -19.07
N GLY A 7 3.66 -7.71 -18.48
CA GLY A 7 3.11 -6.58 -19.22
C GLY A 7 2.78 -5.41 -18.28
N LEU A 8 2.39 -5.76 -17.07
CA LEU A 8 2.04 -4.76 -16.07
C LEU A 8 3.07 -4.80 -14.93
N SER A 9 3.82 -3.71 -14.82
CA SER A 9 4.84 -3.61 -13.79
C SER A 9 4.20 -3.18 -12.47
N PRO A 10 4.78 -3.70 -11.36
CA PRO A 10 4.29 -3.39 -10.03
C PRO A 10 4.67 -1.96 -9.61
N PRO A 11 4.09 -1.52 -8.47
CA PRO A 11 4.36 -0.19 -7.96
C PRO A 11 5.74 -0.12 -7.31
N ARG A 12 6.11 1.08 -6.89
CA ARG A 12 7.40 1.27 -6.24
C ARG A 12 7.35 2.50 -5.32
N GLY A 13 8.49 2.79 -4.72
CA GLY A 13 8.59 3.92 -3.82
C GLY A 13 7.39 3.97 -2.87
N LEU A 14 7.08 2.81 -2.30
CA LEU A 14 5.95 2.72 -1.38
C LEU A 14 6.45 2.95 0.05
N VAL A 15 5.80 3.87 0.74
CA VAL A 15 6.16 4.18 2.11
C VAL A 15 4.88 4.48 2.91
N ALA A 16 5.06 4.53 4.22
CA ALA A 16 3.93 4.80 5.11
C ALA A 16 4.37 5.81 6.18
N VAL A 17 3.65 6.91 6.24
CA VAL A 17 3.95 7.95 7.21
C VAL A 17 2.78 8.08 8.19
N ARG A 18 3.05 7.75 9.44
CA ARG A 18 2.03 7.83 10.47
C ARG A 18 1.74 9.29 10.82
N THR A 19 0.48 9.66 10.69
CA THR A 19 0.06 11.02 10.99
C THR A 19 -1.09 11.02 12.01
N PRO A 20 -1.54 12.24 12.36
CA PRO A 20 -2.63 12.39 13.32
C PRO A 20 -3.97 12.05 12.67
N ARG A 21 -4.12 12.46 11.43
CA ARG A 21 -5.34 12.20 10.68
C ARG A 21 -5.41 10.73 10.25
N GLY A 22 -4.26 10.07 10.38
CA GLY A 22 -4.18 8.67 10.01
C GLY A 22 -2.77 8.31 9.52
N VAL A 23 -2.72 7.53 8.46
CA VAL A 23 -1.45 7.12 7.89
C VAL A 23 -1.48 7.35 6.38
N LEU A 24 -0.53 8.15 5.92
CA LEU A 24 -0.43 8.47 4.50
C LEU A 24 0.61 7.55 3.85
N LEU A 25 0.21 6.96 2.73
CA LEU A 25 1.10 6.06 2.01
C LEU A 25 1.51 6.72 0.68
N HIS A 26 2.80 6.69 0.43
CA HIS A 26 3.33 7.27 -0.80
C HIS A 26 3.97 6.18 -1.66
N TRP A 27 3.35 5.93 -2.80
CA TRP A 27 3.84 4.92 -3.71
C TRP A 27 4.18 5.59 -5.04
N ASP A 28 4.68 4.79 -5.96
CA ASP A 28 5.04 5.31 -7.28
C ASP A 28 4.26 4.54 -8.35
N PRO A 29 3.97 5.26 -9.47
CA PRO A 29 3.23 4.67 -10.57
C PRO A 29 4.10 3.70 -11.36
N PRO A 30 3.44 2.71 -12.01
CA PRO A 30 4.14 1.72 -12.81
C PRO A 30 4.61 2.31 -14.13
N GLU A 31 5.92 2.26 -14.34
CA GLU A 31 6.51 2.80 -15.55
C GLU A 31 6.25 1.85 -16.73
N LEU A 32 6.09 0.58 -16.39
CA LEU A 32 5.83 -0.43 -17.41
C LEU A 32 4.41 -0.98 -17.22
N VAL A 33 3.52 -0.50 -18.08
CA VAL A 33 2.13 -0.94 -18.03
C VAL A 33 1.66 -1.33 -19.42
N PRO A 34 0.65 -2.23 -19.47
CA PRO A 34 0.11 -2.69 -20.73
C PRO A 34 -0.78 -1.63 -21.37
N LYS A 35 -1.52 -0.94 -20.53
CA LYS A 35 -2.41 0.11 -21.00
C LYS A 35 -2.52 1.20 -19.94
N ARG A 36 -3.67 1.22 -19.27
CA ARG A 36 -3.91 2.20 -18.23
C ARG A 36 -4.16 1.50 -16.88
N LEU A 37 -3.80 2.21 -15.81
CA LEU A 37 -3.98 1.67 -14.48
C LEU A 37 -5.46 1.72 -14.09
N ASP A 38 -6.04 0.55 -13.93
CA ASP A 38 -7.44 0.45 -13.56
C ASP A 38 -7.61 0.77 -12.07
N GLY A 39 -6.60 0.37 -11.30
CA GLY A 39 -6.61 0.61 -9.87
C GLY A 39 -5.65 -0.34 -9.14
N TYR A 40 -5.19 0.12 -7.99
CA TYR A 40 -4.26 -0.68 -7.20
C TYR A 40 -5.00 -1.38 -6.04
N VAL A 41 -4.25 -2.18 -5.31
CA VAL A 41 -4.80 -2.90 -4.18
C VAL A 41 -3.93 -2.68 -2.95
N LEU A 42 -4.46 -1.87 -2.03
CA LEU A 42 -3.74 -1.56 -0.81
C LEU A 42 -4.00 -2.66 0.22
N GLU A 43 -2.93 -3.35 0.58
CA GLU A 43 -3.03 -4.44 1.55
C GLU A 43 -2.13 -4.14 2.76
N GLY A 44 -2.76 -4.08 3.92
CA GLY A 44 -2.03 -3.81 5.15
C GLY A 44 -2.26 -4.92 6.18
N ARG A 45 -1.56 -4.80 7.30
CA ARG A 45 -1.68 -5.79 8.36
C ARG A 45 -0.72 -5.45 9.51
N GLN A 46 -1.13 -5.83 10.71
CA GLN A 46 -0.33 -5.58 11.89
C GLN A 46 -0.06 -6.89 12.63
N GLY A 47 0.85 -6.79 13.60
CA GLY A 47 1.21 -7.95 14.40
C GLY A 47 1.07 -9.25 13.58
N SER A 48 1.46 -9.15 12.32
CA SER A 48 1.38 -10.30 11.43
C SER A 48 -0.05 -10.48 10.93
N GLN A 49 -0.96 -10.62 11.90
CA GLN A 49 -2.37 -10.82 11.58
C GLN A 49 -2.51 -11.43 10.19
N GLY A 50 -3.57 -11.00 9.50
CA GLY A 50 -3.84 -11.50 8.16
C GLY A 50 -3.95 -10.35 7.15
N TRP A 51 -3.16 -10.47 6.10
CA TRP A 51 -3.16 -9.45 5.05
C TRP A 51 -4.61 -9.01 4.82
N GLU A 52 -4.93 -7.83 5.33
CA GLU A 52 -6.27 -7.28 5.17
C GLU A 52 -6.27 -6.13 4.16
N VAL A 53 -7.00 -6.34 3.08
CA VAL A 53 -7.10 -5.34 2.03
C VAL A 53 -7.65 -4.05 2.63
N LEU A 54 -6.85 -3.00 2.55
CA LEU A 54 -7.25 -1.70 3.07
C LEU A 54 -8.10 -0.97 2.02
N ASP A 55 -7.71 -1.16 0.76
CA ASP A 55 -8.41 -0.53 -0.35
C ASP A 55 -8.17 -1.33 -1.63
N PRO A 56 -9.22 -2.07 -2.06
CA PRO A 56 -9.13 -2.87 -3.27
C PRO A 56 -9.18 -2.00 -4.52
N ALA A 57 -10.03 -0.98 -4.45
CA ALA A 57 -10.17 -0.06 -5.57
C ALA A 57 -9.51 1.27 -5.23
N VAL A 58 -8.37 1.51 -5.86
CA VAL A 58 -7.63 2.74 -5.63
C VAL A 58 -7.38 3.43 -6.97
N ALA A 59 -7.65 4.73 -6.99
CA ALA A 59 -7.47 5.52 -8.19
C ALA A 59 -6.19 5.05 -8.91
N GLY A 60 -6.36 4.71 -10.18
CA GLY A 60 -5.24 4.25 -10.98
C GLY A 60 -4.27 5.39 -11.29
N THR A 61 -4.68 6.59 -10.89
CA THR A 61 -3.87 7.77 -11.12
C THR A 61 -3.36 8.33 -9.78
N GLU A 62 -3.72 7.64 -8.71
CA GLU A 62 -3.31 8.06 -7.38
C GLU A 62 -1.87 7.63 -7.11
N THR A 63 -1.26 8.29 -6.14
CA THR A 63 0.12 7.98 -5.78
C THR A 63 0.26 7.87 -4.26
N GLU A 64 -0.89 7.92 -3.59
CA GLU A 64 -0.91 7.83 -2.14
C GLU A 64 -2.34 7.62 -1.65
N LEU A 65 -2.45 7.34 -0.36
CA LEU A 65 -3.75 7.11 0.25
C LEU A 65 -3.61 7.16 1.78
N LEU A 66 -4.71 7.50 2.43
CA LEU A 66 -4.73 7.59 3.88
C LEU A 66 -5.34 6.31 4.46
N VAL A 67 -4.67 5.79 5.49
CA VAL A 67 -5.13 4.57 6.13
C VAL A 67 -5.15 4.79 7.65
N PRO A 68 -6.27 5.39 8.13
CA PRO A 68 -6.43 5.66 9.55
C PRO A 68 -6.75 4.36 10.31
N GLY A 69 -6.98 3.31 9.55
CA GLY A 69 -7.30 2.02 10.13
C GLY A 69 -6.05 1.35 10.72
N LEU A 70 -5.33 2.13 11.53
CA LEU A 70 -4.11 1.63 12.15
C LEU A 70 -4.33 1.55 13.66
N ILE A 71 -3.50 0.74 14.31
CA ILE A 71 -3.58 0.57 15.74
C ILE A 71 -2.28 1.07 16.39
N LYS A 72 -2.31 1.17 17.71
CA LYS A 72 -1.16 1.63 18.45
C LYS A 72 -0.46 0.43 19.10
N ASP A 73 0.84 0.59 19.30
CA ASP A 73 1.63 -0.48 19.90
C ASP A 73 1.73 -1.65 18.92
N VAL A 74 1.43 -1.36 17.66
CA VAL A 74 1.49 -2.37 16.62
C VAL A 74 2.24 -1.82 15.42
N LEU A 75 2.56 -2.72 14.49
CA LEU A 75 3.28 -2.33 13.29
C LEU A 75 2.48 -2.75 12.06
N TYR A 76 1.70 -1.82 11.56
CA TYR A 76 0.88 -2.07 10.39
C TYR A 76 1.70 -1.94 9.10
N GLU A 77 1.63 -2.98 8.29
CA GLU A 77 2.37 -2.99 7.03
C GLU A 77 1.49 -2.46 5.90
N PHE A 78 2.04 -2.49 4.69
CA PHE A 78 1.32 -2.01 3.53
C PHE A 78 1.96 -2.52 2.24
N ARG A 79 1.11 -2.96 1.32
CA ARG A 79 1.58 -3.47 0.04
C ARG A 79 0.61 -3.09 -1.07
N LEU A 80 1.14 -2.40 -2.06
CA LEU A 80 0.34 -1.97 -3.20
C LEU A 80 0.61 -2.89 -4.39
N VAL A 81 -0.46 -3.19 -5.12
CA VAL A 81 -0.35 -4.06 -6.28
C VAL A 81 -1.21 -3.50 -7.41
N ALA A 82 -0.53 -2.98 -8.43
CA ALA A 82 -1.22 -2.40 -9.57
C ALA A 82 -1.80 -3.53 -10.43
N PHE A 83 -2.99 -3.28 -10.96
CA PHE A 83 -3.66 -4.26 -11.79
C PHE A 83 -4.47 -3.57 -12.89
N ALA A 84 -4.41 -4.16 -14.08
CA ALA A 84 -5.13 -3.62 -15.22
C ALA A 84 -6.05 -4.70 -15.79
N GLY A 85 -7.34 -4.54 -15.53
CA GLY A 85 -8.33 -5.49 -16.02
C GLY A 85 -7.72 -6.87 -16.20
N SER A 86 -7.85 -7.69 -15.17
CA SER A 86 -7.31 -9.03 -15.20
C SER A 86 -5.85 -9.03 -14.74
N PHE A 87 -5.03 -8.29 -15.47
CA PHE A 87 -3.61 -8.19 -15.15
C PHE A 87 -3.41 -7.67 -13.73
N VAL A 88 -2.81 -8.51 -12.90
CA VAL A 88 -2.56 -8.14 -11.52
C VAL A 88 -1.04 -8.10 -11.27
N SER A 89 -0.54 -6.91 -11.02
CA SER A 89 0.88 -6.73 -10.77
C SER A 89 1.23 -7.19 -9.35
N ASP A 90 2.50 -7.47 -9.15
CA ASP A 90 2.98 -7.93 -7.86
C ASP A 90 2.86 -6.78 -6.85
N PRO A 91 2.75 -7.17 -5.54
CA PRO A 91 2.64 -6.18 -4.48
C PRO A 91 3.98 -5.52 -4.20
N SER A 92 4.05 -4.23 -4.53
CA SER A 92 5.28 -3.47 -4.32
C SER A 92 5.83 -3.77 -2.92
N ASN A 93 7.03 -3.24 -2.68
CA ASN A 93 7.68 -3.43 -1.40
C ASN A 93 6.66 -3.24 -0.28
N THR A 94 7.07 -3.64 0.93
CA THR A 94 6.20 -3.53 2.09
C THR A 94 6.59 -2.31 2.93
N ALA A 95 5.58 -1.55 3.31
CA ALA A 95 5.80 -0.36 4.13
C ALA A 95 4.98 -0.45 5.40
N ASN A 96 5.50 0.16 6.46
CA ASN A 96 4.82 0.15 7.74
C ASN A 96 5.16 1.43 8.51
N VAL A 97 4.39 1.68 9.56
CA VAL A 97 4.61 2.86 10.38
C VAL A 97 4.60 2.46 11.86
N SER A 98 5.57 2.97 12.59
CA SER A 98 5.68 2.68 14.00
C SER A 98 4.61 3.45 14.78
N THR A 99 4.12 2.80 15.83
CA THR A 99 3.09 3.41 16.66
C THR A 99 3.52 3.39 18.14
N SER A 100 4.71 3.91 18.38
CA SER A 100 5.25 3.96 19.73
C SER A 100 5.21 5.40 20.25
N GLY A 101 5.07 6.33 19.32
CA GLY A 101 5.02 7.74 19.67
C GLY A 101 3.59 8.27 19.62
N LEU A 102 2.67 7.44 20.08
CA LEU A 102 1.26 7.81 20.08
C LEU A 102 0.92 8.48 21.42
N SER A 103 0.33 9.66 21.32
CA SER A 103 -0.05 10.42 22.51
C SER A 103 1.20 10.88 23.26
N GLY A 104 1.92 9.91 23.81
CA GLY A 104 3.13 10.21 24.55
C GLY A 104 3.14 9.49 25.90
N PRO A 105 4.30 8.84 26.20
CA PRO A 105 4.45 8.11 27.45
C PRO A 105 4.64 9.08 28.62
N SER A 106 4.63 8.51 29.82
CA SER A 106 4.81 9.31 31.02
C SER A 106 6.22 9.09 31.60
N SER A 107 6.52 7.83 31.88
CA SER A 107 7.81 7.47 32.43
C SER A 107 8.62 6.71 31.39
N GLY A 108 9.89 7.09 31.26
CA GLY A 108 10.78 6.45 30.32
C GLY A 108 12.10 7.22 30.20
N GLY A 1 5.79 -20.59 -16.46
CA GLY A 1 4.63 -20.72 -17.34
C GLY A 1 3.78 -19.45 -17.32
N SER A 2 2.99 -19.29 -18.38
CA SER A 2 2.13 -18.13 -18.50
C SER A 2 0.84 -18.51 -19.22
N SER A 3 -0.27 -17.98 -18.72
CA SER A 3 -1.56 -18.25 -19.31
C SER A 3 -2.21 -16.94 -19.78
N GLY A 4 -1.36 -16.03 -20.24
CA GLY A 4 -1.83 -14.74 -20.71
C GLY A 4 -0.67 -13.81 -21.03
N SER A 5 -1.00 -12.68 -21.62
CA SER A 5 0.02 -11.69 -21.98
C SER A 5 -0.01 -10.53 -20.99
N SER A 6 0.51 -10.79 -19.81
CA SER A 6 0.54 -9.77 -18.77
C SER A 6 1.83 -8.95 -18.88
N GLY A 7 1.66 -7.64 -18.85
CA GLY A 7 2.79 -6.73 -18.95
C GLY A 7 2.59 -5.49 -18.08
N LEU A 8 2.21 -5.74 -16.83
CA LEU A 8 1.97 -4.65 -15.90
C LEU A 8 2.96 -4.77 -14.74
N SER A 9 3.81 -3.76 -14.63
CA SER A 9 4.81 -3.74 -13.57
C SER A 9 4.17 -3.28 -12.26
N PRO A 10 4.75 -3.77 -11.13
CA PRO A 10 4.25 -3.42 -9.81
C PRO A 10 4.64 -1.99 -9.44
N PRO A 11 4.05 -1.52 -8.31
CA PRO A 11 4.33 -0.17 -7.84
C PRO A 11 5.72 -0.10 -7.17
N ARG A 12 6.09 1.10 -6.78
CA ARG A 12 7.38 1.31 -6.13
C ARG A 12 7.30 2.51 -5.18
N GLY A 13 8.46 2.85 -4.62
CA GLY A 13 8.54 3.96 -3.70
C GLY A 13 7.36 3.96 -2.73
N LEU A 14 7.07 2.78 -2.19
CA LEU A 14 5.97 2.63 -1.25
C LEU A 14 6.47 2.92 0.16
N VAL A 15 5.78 3.84 0.83
CA VAL A 15 6.14 4.21 2.18
C VAL A 15 4.89 4.62 2.95
N ALA A 16 5.04 4.76 4.26
CA ALA A 16 3.93 5.15 5.11
C ALA A 16 4.40 6.25 6.07
N VAL A 17 3.44 7.06 6.49
CA VAL A 17 3.74 8.15 7.41
C VAL A 17 2.52 8.40 8.31
N ARG A 18 2.66 8.00 9.57
CA ARG A 18 1.59 8.16 10.52
C ARG A 18 1.40 9.65 10.85
N THR A 19 0.14 10.06 10.87
CA THR A 19 -0.20 11.44 11.17
C THR A 19 -1.41 11.52 12.09
N PRO A 20 -1.90 12.78 12.30
CA PRO A 20 -3.06 12.99 13.15
C PRO A 20 -4.34 12.58 12.44
N ARG A 21 -4.33 12.73 11.12
CA ARG A 21 -5.49 12.37 10.31
C ARG A 21 -5.38 10.92 9.85
N GLY A 22 -4.25 10.30 10.16
CA GLY A 22 -4.01 8.93 9.78
C GLY A 22 -2.60 8.74 9.21
N VAL A 23 -2.39 7.59 8.60
CA VAL A 23 -1.09 7.29 8.00
C VAL A 23 -1.20 7.43 6.49
N LEU A 24 -0.38 8.32 5.95
CA LEU A 24 -0.36 8.55 4.52
C LEU A 24 0.66 7.61 3.86
N LEU A 25 0.20 6.95 2.80
CA LEU A 25 1.05 6.03 2.09
C LEU A 25 1.45 6.64 0.74
N HIS A 26 2.75 6.65 0.49
CA HIS A 26 3.26 7.21 -0.74
C HIS A 26 3.90 6.10 -1.58
N TRP A 27 3.39 5.95 -2.80
CA TRP A 27 3.90 4.93 -3.70
C TRP A 27 4.22 5.60 -5.04
N ASP A 28 4.75 4.81 -5.95
CA ASP A 28 5.11 5.31 -7.27
C ASP A 28 4.36 4.50 -8.34
N PRO A 29 4.08 5.19 -9.48
CA PRO A 29 3.37 4.56 -10.57
C PRO A 29 4.28 3.60 -11.34
N PRO A 30 3.65 2.53 -11.90
CA PRO A 30 4.39 1.54 -12.65
C PRO A 30 4.79 2.07 -14.03
N GLU A 31 6.09 2.30 -14.18
CA GLU A 31 6.62 2.81 -15.44
C GLU A 31 6.27 1.87 -16.59
N LEU A 32 5.97 0.62 -16.22
CA LEU A 32 5.62 -0.38 -17.20
C LEU A 32 4.13 -0.70 -17.11
N VAL A 33 3.40 -0.24 -18.10
CA VAL A 33 1.95 -0.46 -18.14
C VAL A 33 1.57 -1.03 -19.50
N PRO A 34 0.59 -1.98 -19.47
CA PRO A 34 0.11 -2.61 -20.70
C PRO A 34 -0.78 -1.65 -21.49
N LYS A 35 -1.18 -0.58 -20.84
CA LYS A 35 -2.04 0.41 -21.47
C LYS A 35 -2.49 1.43 -20.42
N ARG A 36 -3.62 1.13 -19.81
CA ARG A 36 -4.18 2.01 -18.78
C ARG A 36 -4.32 1.26 -17.46
N LEU A 37 -4.10 1.99 -16.38
CA LEU A 37 -4.21 1.41 -15.05
C LEU A 37 -5.67 1.40 -14.61
N ASP A 38 -6.09 0.26 -14.10
CA ASP A 38 -7.46 0.10 -13.64
C ASP A 38 -7.55 0.50 -12.16
N GLY A 39 -6.48 0.22 -11.44
CA GLY A 39 -6.42 0.55 -10.02
C GLY A 39 -5.43 -0.37 -9.29
N TYR A 40 -5.17 -0.01 -8.04
CA TYR A 40 -4.25 -0.80 -7.22
C TYR A 40 -4.99 -1.49 -6.09
N VAL A 41 -4.24 -2.27 -5.33
CA VAL A 41 -4.81 -3.00 -4.21
C VAL A 41 -3.93 -2.80 -2.97
N LEU A 42 -4.42 -1.98 -2.05
CA LEU A 42 -3.69 -1.70 -0.83
C LEU A 42 -4.03 -2.76 0.22
N GLU A 43 -3.01 -3.49 0.64
CA GLU A 43 -3.19 -4.52 1.63
C GLU A 43 -2.31 -4.25 2.85
N GLY A 44 -2.95 -4.25 4.02
CA GLY A 44 -2.23 -4.01 5.27
C GLY A 44 -2.46 -5.15 6.26
N ARG A 45 -1.81 -5.02 7.41
CA ARG A 45 -1.92 -6.04 8.45
C ARG A 45 -1.00 -5.70 9.62
N GLN A 46 -1.40 -6.17 10.79
CA GLN A 46 -0.62 -5.93 12.00
C GLN A 46 0.38 -7.06 12.22
N GLY A 47 1.58 -6.67 12.60
CA GLY A 47 2.64 -7.65 12.85
C GLY A 47 2.62 -8.76 11.81
N SER A 48 2.26 -9.95 12.26
CA SER A 48 2.19 -11.10 11.39
C SER A 48 0.77 -11.64 11.34
N GLN A 49 -0.17 -10.74 11.08
CA GLN A 49 -1.57 -11.11 11.00
C GLN A 49 -1.97 -11.40 9.56
N GLY A 50 -3.26 -11.66 9.37
CA GLY A 50 -3.77 -11.96 8.05
C GLY A 50 -3.86 -10.67 7.20
N TRP A 51 -3.31 -10.77 6.00
CA TRP A 51 -3.30 -9.64 5.08
C TRP A 51 -4.76 -9.19 4.90
N GLU A 52 -4.99 -7.91 5.17
CA GLU A 52 -6.32 -7.34 5.04
C GLU A 52 -6.33 -6.26 3.96
N VAL A 53 -7.23 -6.43 3.01
CA VAL A 53 -7.37 -5.48 1.91
C VAL A 53 -7.93 -4.16 2.44
N LEU A 54 -7.09 -3.14 2.41
CA LEU A 54 -7.49 -1.82 2.90
C LEU A 54 -8.34 -1.13 1.82
N ASP A 55 -7.79 -1.09 0.62
CA ASP A 55 -8.48 -0.47 -0.50
C ASP A 55 -8.22 -1.27 -1.77
N PRO A 56 -9.27 -2.01 -2.21
CA PRO A 56 -9.17 -2.83 -3.40
C PRO A 56 -9.21 -1.96 -4.67
N ALA A 57 -10.06 -0.95 -4.62
CA ALA A 57 -10.22 -0.05 -5.74
C ALA A 57 -9.51 1.28 -5.42
N VAL A 58 -8.37 1.48 -6.05
CA VAL A 58 -7.59 2.69 -5.83
C VAL A 58 -7.29 3.34 -7.19
N ALA A 59 -7.65 4.61 -7.29
CA ALA A 59 -7.43 5.36 -8.51
C ALA A 59 -6.10 4.92 -9.13
N GLY A 60 -6.17 4.57 -10.42
CA GLY A 60 -4.99 4.13 -11.14
C GLY A 60 -4.02 5.30 -11.36
N THR A 61 -4.45 6.47 -10.92
CA THR A 61 -3.63 7.66 -11.07
C THR A 61 -3.10 8.11 -9.71
N GLU A 62 -3.80 7.69 -8.66
CA GLU A 62 -3.40 8.03 -7.31
C GLU A 62 -1.98 7.55 -7.03
N THR A 63 -1.31 8.28 -6.14
CA THR A 63 0.05 7.93 -5.77
C THR A 63 0.16 7.74 -4.25
N GLU A 64 -0.89 8.13 -3.56
CA GLU A 64 -0.93 8.01 -2.11
C GLU A 64 -2.35 7.72 -1.63
N LEU A 65 -2.46 7.43 -0.34
CA LEU A 65 -3.76 7.14 0.24
C LEU A 65 -3.65 7.23 1.77
N LEU A 66 -4.78 7.52 2.40
CA LEU A 66 -4.82 7.63 3.84
C LEU A 66 -5.43 6.35 4.43
N VAL A 67 -4.82 5.90 5.53
CA VAL A 67 -5.30 4.70 6.19
C VAL A 67 -5.22 4.90 7.71
N PRO A 68 -6.26 5.60 8.25
CA PRO A 68 -6.31 5.87 9.67
C PRO A 68 -6.72 4.62 10.45
N GLY A 69 -7.12 3.60 9.69
CA GLY A 69 -7.54 2.34 10.29
C GLY A 69 -6.33 1.57 10.83
N LEU A 70 -5.54 2.25 11.66
CA LEU A 70 -4.37 1.63 12.23
C LEU A 70 -4.54 1.53 13.75
N ILE A 71 -3.78 0.63 14.35
CA ILE A 71 -3.84 0.43 15.78
C ILE A 71 -2.51 0.88 16.41
N LYS A 72 -2.59 1.21 17.69
CA LYS A 72 -1.41 1.65 18.42
C LYS A 72 -0.76 0.44 19.11
N ASP A 73 0.53 0.59 19.40
CA ASP A 73 1.27 -0.47 20.05
C ASP A 73 1.39 -1.67 19.10
N VAL A 74 1.13 -1.39 17.82
CA VAL A 74 1.20 -2.44 16.81
C VAL A 74 1.97 -1.90 15.60
N LEU A 75 2.22 -2.80 14.65
CA LEU A 75 2.95 -2.44 13.44
C LEU A 75 2.13 -2.86 12.22
N TYR A 76 1.36 -1.91 11.72
CA TYR A 76 0.53 -2.17 10.55
C TYR A 76 1.34 -2.06 9.26
N GLU A 77 1.35 -3.15 8.50
CA GLU A 77 2.08 -3.19 7.26
C GLU A 77 1.19 -2.73 6.10
N PHE A 78 1.80 -2.62 4.93
CA PHE A 78 1.07 -2.19 3.74
C PHE A 78 1.71 -2.75 2.48
N ARG A 79 0.92 -2.76 1.41
CA ARG A 79 1.40 -3.27 0.13
C ARG A 79 0.46 -2.85 -0.99
N LEU A 80 1.04 -2.35 -2.07
CA LEU A 80 0.27 -1.92 -3.21
C LEU A 80 0.59 -2.82 -4.42
N VAL A 81 -0.45 -3.18 -5.15
CA VAL A 81 -0.30 -4.03 -6.32
C VAL A 81 -1.17 -3.48 -7.45
N ALA A 82 -0.49 -2.99 -8.49
CA ALA A 82 -1.18 -2.44 -9.64
C ALA A 82 -1.79 -3.59 -10.46
N PHE A 83 -2.98 -3.33 -10.97
CA PHE A 83 -3.68 -4.32 -11.77
C PHE A 83 -4.47 -3.66 -12.90
N ALA A 84 -4.25 -4.16 -14.11
CA ALA A 84 -4.93 -3.64 -15.27
C ALA A 84 -5.86 -4.71 -15.85
N GLY A 85 -7.15 -4.51 -15.67
CA GLY A 85 -8.14 -5.45 -16.17
C GLY A 85 -7.97 -6.82 -15.50
N SER A 86 -7.54 -7.78 -16.29
CA SER A 86 -7.35 -9.13 -15.79
C SER A 86 -5.91 -9.30 -15.29
N PHE A 87 -5.10 -8.28 -15.55
CA PHE A 87 -3.71 -8.30 -15.14
C PHE A 87 -3.55 -7.78 -13.71
N VAL A 88 -2.82 -8.55 -12.92
CA VAL A 88 -2.59 -8.16 -11.53
C VAL A 88 -1.09 -8.16 -11.25
N SER A 89 -0.59 -7.00 -10.85
CA SER A 89 0.82 -6.85 -10.56
C SER A 89 1.11 -7.28 -9.12
N ASP A 90 2.38 -7.54 -8.85
CA ASP A 90 2.79 -7.96 -7.52
C ASP A 90 2.71 -6.78 -6.56
N PRO A 91 2.57 -7.10 -5.25
CA PRO A 91 2.48 -6.08 -4.22
C PRO A 91 3.84 -5.43 -3.96
N SER A 92 3.95 -4.17 -4.35
CA SER A 92 5.20 -3.44 -4.17
C SER A 92 5.73 -3.67 -2.76
N ASN A 93 6.94 -3.17 -2.53
CA ASN A 93 7.57 -3.31 -1.23
C ASN A 93 6.52 -3.12 -0.13
N THR A 94 6.84 -3.65 1.05
CA THR A 94 5.95 -3.54 2.18
C THR A 94 6.31 -2.32 3.04
N ALA A 95 5.30 -1.50 3.30
CA ALA A 95 5.51 -0.31 4.12
C ALA A 95 4.66 -0.41 5.38
N ASN A 96 5.16 0.20 6.44
CA ASN A 96 4.46 0.19 7.72
C ASN A 96 4.81 1.46 8.49
N VAL A 97 4.05 1.70 9.55
CA VAL A 97 4.27 2.87 10.38
C VAL A 97 4.48 2.42 11.83
N SER A 98 4.97 3.36 12.65
CA SER A 98 5.21 3.07 14.05
C SER A 98 4.42 4.04 14.93
N THR A 99 4.26 3.65 16.18
CA THR A 99 3.53 4.47 17.13
C THR A 99 3.93 4.13 18.57
N SER A 100 5.19 3.74 18.71
CA SER A 100 5.72 3.38 20.01
C SER A 100 5.99 4.65 20.83
N GLY A 101 6.33 5.71 20.12
CA GLY A 101 6.62 6.98 20.76
C GLY A 101 5.61 8.05 20.34
N LEU A 102 4.33 7.68 20.42
CA LEU A 102 3.26 8.59 20.05
C LEU A 102 2.53 9.04 21.31
N SER A 103 2.26 10.34 21.37
CA SER A 103 1.56 10.92 22.50
C SER A 103 2.54 11.15 23.65
N GLY A 104 3.10 10.06 24.14
CA GLY A 104 4.06 10.13 25.23
C GLY A 104 5.10 11.23 24.98
N PRO A 105 5.53 11.87 26.09
CA PRO A 105 6.52 12.94 26.01
C PRO A 105 7.92 12.38 25.73
N SER A 106 8.26 11.36 26.50
CA SER A 106 9.56 10.72 26.36
C SER A 106 9.44 9.21 26.58
N SER A 107 10.39 8.47 26.03
CA SER A 107 10.39 7.03 26.16
C SER A 107 11.82 6.50 26.02
N GLY A 108 12.35 6.00 27.13
CA GLY A 108 13.70 5.47 27.14
C GLY A 108 14.28 5.48 28.56
N GLY A 1 1.44 -19.51 -10.08
CA GLY A 1 2.68 -19.51 -9.33
C GLY A 1 3.88 -19.64 -10.27
N SER A 2 4.33 -18.48 -10.75
CA SER A 2 5.47 -18.44 -11.66
C SER A 2 6.19 -17.10 -11.53
N SER A 3 7.51 -17.18 -11.46
CA SER A 3 8.33 -15.98 -11.34
C SER A 3 8.73 -15.48 -12.72
N GLY A 4 7.81 -15.65 -13.67
CA GLY A 4 8.06 -15.21 -15.03
C GLY A 4 7.94 -13.69 -15.15
N SER A 5 7.61 -13.25 -16.35
CA SER A 5 7.47 -11.83 -16.62
C SER A 5 5.99 -11.48 -16.81
N SER A 6 5.73 -10.18 -16.85
CA SER A 6 4.36 -9.71 -17.02
C SER A 6 4.36 -8.44 -17.88
N GLY A 7 3.17 -7.87 -18.05
CA GLY A 7 3.01 -6.66 -18.84
C GLY A 7 2.85 -5.44 -17.94
N LEU A 8 2.20 -5.66 -16.81
CA LEU A 8 1.98 -4.58 -15.86
C LEU A 8 3.00 -4.68 -14.72
N SER A 9 3.84 -3.66 -14.65
CA SER A 9 4.87 -3.63 -13.62
C SER A 9 4.26 -3.18 -12.28
N PRO A 10 4.89 -3.64 -11.17
CA PRO A 10 4.42 -3.29 -9.84
C PRO A 10 4.80 -1.85 -9.49
N PRO A 11 4.16 -1.34 -8.39
CA PRO A 11 4.42 0.01 -7.95
C PRO A 11 5.78 0.11 -7.25
N ARG A 12 6.07 1.31 -6.75
CA ARG A 12 7.32 1.54 -6.06
C ARG A 12 7.18 2.73 -5.10
N GLY A 13 8.28 3.03 -4.41
CA GLY A 13 8.30 4.12 -3.46
C GLY A 13 7.20 3.95 -2.40
N LEU A 14 6.67 2.73 -2.35
CA LEU A 14 5.62 2.43 -1.39
C LEU A 14 6.12 2.72 0.03
N VAL A 15 5.73 3.89 0.52
CA VAL A 15 6.13 4.32 1.84
C VAL A 15 4.89 4.68 2.65
N ALA A 16 5.09 4.86 3.95
CA ALA A 16 4.00 5.21 4.84
C ALA A 16 4.43 6.37 5.74
N VAL A 17 3.43 6.99 6.36
CA VAL A 17 3.70 8.11 7.25
C VAL A 17 2.51 8.30 8.19
N ARG A 18 2.69 7.85 9.42
CA ARG A 18 1.63 7.97 10.42
C ARG A 18 1.36 9.43 10.73
N THR A 19 0.11 9.71 11.05
CA THR A 19 -0.30 11.07 11.38
C THR A 19 -1.55 11.05 12.27
N PRO A 20 -2.05 12.28 12.59
CA PRO A 20 -3.22 12.43 13.43
C PRO A 20 -4.49 12.07 12.65
N ARG A 21 -4.48 12.42 11.37
CA ARG A 21 -5.62 12.14 10.51
C ARG A 21 -5.55 10.72 9.98
N GLY A 22 -4.34 10.16 10.01
CA GLY A 22 -4.13 8.81 9.52
C GLY A 22 -2.76 8.67 8.87
N VAL A 23 -2.34 7.43 8.68
CA VAL A 23 -1.06 7.15 8.07
C VAL A 23 -1.20 7.26 6.54
N LEU A 24 -0.47 8.21 5.98
CA LEU A 24 -0.50 8.42 4.54
C LEU A 24 0.55 7.53 3.87
N LEU A 25 0.13 6.84 2.83
CA LEU A 25 1.02 5.95 2.10
C LEU A 25 1.37 6.60 0.75
N HIS A 26 2.67 6.66 0.49
CA HIS A 26 3.15 7.23 -0.75
C HIS A 26 3.81 6.14 -1.60
N TRP A 27 3.39 6.09 -2.86
CA TRP A 27 3.92 5.11 -3.78
C TRP A 27 4.18 5.80 -5.11
N ASP A 28 4.75 5.04 -6.05
CA ASP A 28 5.06 5.57 -7.36
C ASP A 28 4.32 4.76 -8.42
N PRO A 29 3.98 5.46 -9.55
CA PRO A 29 3.28 4.81 -10.64
C PRO A 29 4.21 3.92 -11.44
N PRO A 30 3.64 2.80 -11.97
CA PRO A 30 4.41 1.86 -12.76
C PRO A 30 4.70 2.41 -14.16
N GLU A 31 5.98 2.66 -14.41
CA GLU A 31 6.40 3.18 -15.70
C GLU A 31 6.14 2.16 -16.80
N LEU A 32 5.99 0.91 -16.38
CA LEU A 32 5.74 -0.17 -17.32
C LEU A 32 4.28 -0.61 -17.21
N VAL A 33 3.47 -0.06 -18.10
CA VAL A 33 2.05 -0.40 -18.11
C VAL A 33 1.69 -1.00 -19.47
N PRO A 34 0.73 -1.97 -19.44
CA PRO A 34 0.29 -2.63 -20.65
C PRO A 34 -0.63 -1.71 -21.47
N LYS A 35 -1.11 -0.67 -20.81
CA LYS A 35 -2.00 0.28 -21.45
C LYS A 35 -2.45 1.33 -20.44
N ARG A 36 -3.51 1.00 -19.73
CA ARG A 36 -4.06 1.90 -18.73
C ARG A 36 -4.19 1.18 -17.38
N LEU A 37 -4.09 1.95 -16.32
CA LEU A 37 -4.19 1.40 -14.98
C LEU A 37 -5.66 1.41 -14.55
N ASP A 38 -6.12 0.26 -14.07
CA ASP A 38 -7.50 0.13 -13.62
C ASP A 38 -7.59 0.54 -12.15
N GLY A 39 -6.49 0.32 -11.44
CA GLY A 39 -6.43 0.66 -10.02
C GLY A 39 -5.46 -0.25 -9.28
N TYR A 40 -5.20 0.10 -8.03
CA TYR A 40 -4.30 -0.68 -7.20
C TYR A 40 -5.05 -1.37 -6.06
N VAL A 41 -4.30 -2.14 -5.29
CA VAL A 41 -4.89 -2.86 -4.17
C VAL A 41 -4.00 -2.67 -2.93
N LEU A 42 -4.48 -1.84 -2.01
CA LEU A 42 -3.75 -1.57 -0.80
C LEU A 42 -4.05 -2.65 0.23
N GLU A 43 -3.00 -3.34 0.66
CA GLU A 43 -3.14 -4.41 1.64
C GLU A 43 -2.21 -4.16 2.83
N GLY A 44 -2.81 -4.15 4.01
CA GLY A 44 -2.05 -3.92 5.23
C GLY A 44 -2.32 -5.03 6.25
N ARG A 45 -1.62 -4.93 7.38
CA ARG A 45 -1.78 -5.91 8.43
C ARG A 45 -0.83 -5.60 9.59
N GLN A 46 -1.29 -5.93 10.79
CA GLN A 46 -0.50 -5.68 11.99
C GLN A 46 -0.05 -7.01 12.61
N GLY A 47 1.01 -6.92 13.39
CA GLY A 47 1.54 -8.11 14.05
C GLY A 47 1.68 -9.26 13.07
N SER A 48 1.07 -10.39 13.44
CA SER A 48 1.12 -11.58 12.60
C SER A 48 -0.29 -11.96 12.17
N GLN A 49 -1.06 -10.96 11.79
CA GLN A 49 -2.43 -11.18 11.35
C GLN A 49 -2.47 -11.47 9.85
N GLY A 50 -3.68 -11.54 9.32
CA GLY A 50 -3.87 -11.81 7.91
C GLY A 50 -3.95 -10.51 7.10
N TRP A 51 -3.38 -10.56 5.91
CA TRP A 51 -3.38 -9.39 5.03
C TRP A 51 -4.84 -8.97 4.81
N GLU A 52 -5.17 -7.82 5.36
CA GLU A 52 -6.52 -7.29 5.22
C GLU A 52 -6.55 -6.16 4.20
N VAL A 53 -7.26 -6.41 3.11
CA VAL A 53 -7.39 -5.42 2.05
C VAL A 53 -7.91 -4.12 2.64
N LEU A 54 -7.10 -3.07 2.53
CA LEU A 54 -7.47 -1.77 3.05
C LEU A 54 -8.27 -1.02 1.98
N ASP A 55 -7.88 -1.24 0.73
CA ASP A 55 -8.55 -0.59 -0.38
C ASP A 55 -8.27 -1.38 -1.67
N PRO A 56 -9.31 -2.10 -2.13
CA PRO A 56 -9.20 -2.90 -3.34
C PRO A 56 -9.21 -2.01 -4.59
N ALA A 57 -10.12 -1.05 -4.58
CA ALA A 57 -10.24 -0.12 -5.70
C ALA A 57 -9.53 1.17 -5.35
N VAL A 58 -8.37 1.37 -5.99
CA VAL A 58 -7.58 2.56 -5.77
C VAL A 58 -7.29 3.24 -7.11
N ALA A 59 -7.59 4.53 -7.16
CA ALA A 59 -7.37 5.30 -8.38
C ALA A 59 -6.08 4.82 -9.04
N GLY A 60 -6.20 4.51 -10.33
CA GLY A 60 -5.06 4.04 -11.09
C GLY A 60 -4.06 5.17 -11.33
N THR A 61 -4.48 6.37 -10.98
CA THR A 61 -3.63 7.54 -11.14
C THR A 61 -3.13 8.03 -9.78
N GLU A 62 -3.76 7.52 -8.74
CA GLU A 62 -3.39 7.90 -7.38
C GLU A 62 -1.94 7.54 -7.10
N THR A 63 -1.37 8.21 -6.13
CA THR A 63 0.02 7.97 -5.76
C THR A 63 0.15 7.86 -4.23
N GLU A 64 -1.00 7.80 -3.57
CA GLU A 64 -1.02 7.70 -2.13
C GLU A 64 -2.47 7.51 -1.63
N LEU A 65 -2.58 7.17 -0.36
CA LEU A 65 -3.89 6.96 0.24
C LEU A 65 -3.76 7.02 1.77
N LEU A 66 -4.85 7.38 2.40
CA LEU A 66 -4.89 7.48 3.85
C LEU A 66 -5.50 6.21 4.45
N VAL A 67 -4.82 5.68 5.44
CA VAL A 67 -5.29 4.47 6.10
C VAL A 67 -5.30 4.68 7.62
N PRO A 68 -6.39 5.33 8.10
CA PRO A 68 -6.53 5.60 9.52
C PRO A 68 -6.90 4.34 10.28
N GLY A 69 -7.19 3.29 9.53
CA GLY A 69 -7.56 2.02 10.12
C GLY A 69 -6.34 1.30 10.70
N LEU A 70 -5.58 2.04 11.50
CA LEU A 70 -4.38 1.49 12.11
C LEU A 70 -4.59 1.41 13.62
N ILE A 71 -3.75 0.60 14.26
CA ILE A 71 -3.83 0.42 15.70
C ILE A 71 -2.51 0.87 16.33
N LYS A 72 -2.57 1.15 17.63
CA LYS A 72 -1.40 1.58 18.36
C LYS A 72 -0.77 0.38 19.06
N ASP A 73 0.52 0.50 19.31
CA ASP A 73 1.26 -0.57 19.98
C ASP A 73 1.43 -1.74 19.01
N VAL A 74 1.05 -1.50 17.77
CA VAL A 74 1.15 -2.53 16.74
C VAL A 74 1.94 -1.98 15.55
N LEU A 75 2.23 -2.86 14.61
CA LEU A 75 2.98 -2.47 13.42
C LEU A 75 2.19 -2.89 12.17
N TYR A 76 1.42 -1.96 11.66
CA TYR A 76 0.62 -2.22 10.47
C TYR A 76 1.45 -2.06 9.21
N GLU A 77 1.42 -3.11 8.39
CA GLU A 77 2.18 -3.10 7.14
C GLU A 77 1.30 -2.57 6.00
N PHE A 78 1.88 -2.57 4.81
CA PHE A 78 1.17 -2.08 3.64
C PHE A 78 1.82 -2.61 2.36
N ARG A 79 0.98 -2.90 1.38
CA ARG A 79 1.45 -3.41 0.10
C ARG A 79 0.48 -3.03 -1.02
N LEU A 80 1.02 -2.37 -2.04
CA LEU A 80 0.21 -1.95 -3.17
C LEU A 80 0.43 -2.91 -4.34
N VAL A 81 -0.67 -3.27 -4.99
CA VAL A 81 -0.60 -4.19 -6.11
C VAL A 81 -1.36 -3.58 -7.29
N ALA A 82 -0.60 -3.10 -8.26
CA ALA A 82 -1.19 -2.48 -9.45
C ALA A 82 -1.75 -3.59 -10.35
N PHE A 83 -2.96 -3.35 -10.85
CA PHE A 83 -3.61 -4.30 -11.72
C PHE A 83 -4.33 -3.59 -12.87
N ALA A 84 -4.27 -4.21 -14.03
CA ALA A 84 -4.91 -3.65 -15.21
C ALA A 84 -5.90 -4.67 -15.78
N GLY A 85 -7.17 -4.43 -15.54
CA GLY A 85 -8.21 -5.31 -16.03
C GLY A 85 -7.68 -6.74 -16.20
N SER A 86 -7.81 -7.51 -15.12
CA SER A 86 -7.36 -8.88 -15.13
C SER A 86 -5.90 -8.96 -14.65
N PHE A 87 -5.03 -8.27 -15.38
CA PHE A 87 -3.63 -8.25 -15.04
C PHE A 87 -3.41 -7.74 -13.62
N VAL A 88 -2.50 -8.41 -12.91
CA VAL A 88 -2.20 -8.02 -11.54
C VAL A 88 -0.68 -7.99 -11.36
N SER A 89 -0.21 -6.89 -10.79
CA SER A 89 1.21 -6.71 -10.55
C SER A 89 1.56 -7.17 -9.14
N ASP A 90 2.86 -7.32 -8.91
CA ASP A 90 3.34 -7.76 -7.61
C ASP A 90 3.14 -6.63 -6.59
N PRO A 91 3.05 -7.03 -5.30
CA PRO A 91 2.86 -6.07 -4.23
C PRO A 91 4.15 -5.31 -3.93
N SER A 92 4.20 -4.07 -4.41
CA SER A 92 5.37 -3.23 -4.21
C SER A 92 5.91 -3.42 -2.79
N ASN A 93 7.15 -3.00 -2.61
CA ASN A 93 7.79 -3.11 -1.30
C ASN A 93 6.76 -2.87 -0.20
N THR A 94 7.01 -3.48 0.94
CA THR A 94 6.10 -3.35 2.07
C THR A 94 6.43 -2.07 2.86
N ALA A 95 5.40 -1.51 3.47
CA ALA A 95 5.55 -0.30 4.26
C ALA A 95 4.71 -0.40 5.53
N ASN A 96 5.28 0.09 6.61
CA ASN A 96 4.60 0.07 7.90
C ASN A 96 4.96 1.32 8.70
N VAL A 97 4.07 1.67 9.61
CA VAL A 97 4.29 2.84 10.44
C VAL A 97 4.27 2.43 11.91
N SER A 98 5.14 3.07 12.69
CA SER A 98 5.23 2.78 14.11
C SER A 98 4.49 3.85 14.91
N THR A 99 4.21 3.52 16.17
CA THR A 99 3.52 4.43 17.05
C THR A 99 3.94 4.21 18.50
N SER A 100 5.11 3.59 18.65
CA SER A 100 5.63 3.31 19.98
C SER A 100 5.91 4.61 20.72
N GLY A 101 6.32 5.61 19.96
CA GLY A 101 6.62 6.92 20.53
C GLY A 101 6.67 8.00 19.45
N LEU A 102 5.52 8.20 18.80
CA LEU A 102 5.42 9.19 17.75
C LEU A 102 4.69 10.42 18.28
N SER A 103 5.08 11.57 17.77
CA SER A 103 4.47 12.82 18.18
C SER A 103 4.94 13.20 19.59
N GLY A 104 6.20 12.89 19.86
CA GLY A 104 6.78 13.19 21.16
C GLY A 104 8.29 13.44 21.04
N PRO A 105 9.01 13.14 22.15
CA PRO A 105 10.46 13.33 22.18
C PRO A 105 11.17 12.25 21.36
N SER A 106 12.48 12.39 21.27
CA SER A 106 13.29 11.44 20.53
C SER A 106 14.76 11.88 20.53
N SER A 107 14.96 13.13 20.15
CA SER A 107 16.30 13.69 20.09
C SER A 107 17.08 13.26 21.34
N GLY A 108 18.40 13.16 21.16
CA GLY A 108 19.27 12.76 22.25
C GLY A 108 20.62 13.48 22.16
N GLY A 1 1.95 -23.96 -22.53
CA GLY A 1 1.81 -22.60 -23.00
C GLY A 1 0.78 -21.83 -22.17
N SER A 2 0.15 -20.86 -22.81
CA SER A 2 -0.86 -20.05 -22.15
C SER A 2 -1.44 -19.03 -23.14
N SER A 3 -2.72 -18.74 -22.95
CA SER A 3 -3.41 -17.80 -23.81
C SER A 3 -3.47 -16.43 -23.13
N GLY A 4 -3.19 -16.44 -21.84
CA GLY A 4 -3.22 -15.21 -21.06
C GLY A 4 -1.95 -14.38 -21.29
N SER A 5 -1.94 -13.20 -20.69
CA SER A 5 -0.80 -12.31 -20.84
C SER A 5 -0.73 -11.36 -19.64
N SER A 6 0.39 -10.66 -19.54
CA SER A 6 0.60 -9.71 -18.45
C SER A 6 1.79 -8.80 -18.76
N GLY A 7 1.51 -7.51 -18.78
CA GLY A 7 2.54 -6.53 -19.07
C GLY A 7 2.39 -5.30 -18.17
N LEU A 8 2.07 -5.56 -16.91
CA LEU A 8 1.89 -4.49 -15.95
C LEU A 8 2.94 -4.63 -14.84
N SER A 9 3.78 -3.61 -14.75
CA SER A 9 4.84 -3.61 -13.74
C SER A 9 4.26 -3.19 -12.39
N PRO A 10 4.89 -3.73 -11.31
CA PRO A 10 4.45 -3.42 -9.95
C PRO A 10 4.87 -2.00 -9.55
N PRO A 11 4.24 -1.51 -8.45
CA PRO A 11 4.54 -0.18 -7.95
C PRO A 11 5.89 -0.16 -7.23
N ARG A 12 6.31 1.04 -6.85
CA ARG A 12 7.56 1.22 -6.15
C ARG A 12 7.50 2.43 -5.22
N GLY A 13 8.66 2.82 -4.72
CA GLY A 13 8.75 3.96 -3.83
C GLY A 13 7.60 3.95 -2.82
N LEU A 14 7.19 2.75 -2.44
CA LEU A 14 6.10 2.59 -1.49
C LEU A 14 6.61 2.88 -0.07
N VAL A 15 5.91 3.77 0.61
CA VAL A 15 6.29 4.14 1.96
C VAL A 15 5.03 4.58 2.73
N ALA A 16 5.20 4.71 4.04
CA ALA A 16 4.09 5.12 4.89
C ALA A 16 4.54 6.30 5.76
N VAL A 17 3.56 6.91 6.41
CA VAL A 17 3.83 8.06 7.28
C VAL A 17 2.64 8.27 8.21
N ARG A 18 2.86 7.95 9.47
CA ARG A 18 1.81 8.10 10.48
C ARG A 18 1.55 9.59 10.73
N THR A 19 0.27 9.94 10.66
CA THR A 19 -0.13 11.33 10.89
C THR A 19 -1.31 11.38 11.86
N PRO A 20 -1.84 12.63 12.04
CA PRO A 20 -2.96 12.84 12.94
C PRO A 20 -4.27 12.34 12.31
N ARG A 21 -4.36 12.55 11.00
CA ARG A 21 -5.55 12.13 10.26
C ARG A 21 -5.43 10.67 9.85
N GLY A 22 -4.24 10.12 10.09
CA GLY A 22 -3.99 8.73 9.74
C GLY A 22 -2.56 8.55 9.22
N VAL A 23 -2.35 7.43 8.55
CA VAL A 23 -1.03 7.14 8.00
C VAL A 23 -1.10 7.14 6.47
N LEU A 24 -0.36 8.08 5.89
CA LEU A 24 -0.34 8.21 4.44
C LEU A 24 0.65 7.20 3.86
N LEU A 25 0.34 6.74 2.65
CA LEU A 25 1.20 5.78 1.98
C LEU A 25 1.60 6.33 0.60
N HIS A 26 2.88 6.65 0.49
CA HIS A 26 3.41 7.19 -0.75
C HIS A 26 4.07 6.07 -1.56
N TRP A 27 3.68 5.98 -2.82
CA TRP A 27 4.21 4.96 -3.70
C TRP A 27 4.53 5.62 -5.06
N ASP A 28 5.05 4.81 -5.96
CA ASP A 28 5.40 5.31 -7.29
C ASP A 28 4.61 4.52 -8.34
N PRO A 29 4.26 5.24 -9.43
CA PRO A 29 3.50 4.64 -10.52
C PRO A 29 4.38 3.72 -11.35
N PRO A 30 3.75 2.61 -11.84
CA PRO A 30 4.47 1.65 -12.67
C PRO A 30 4.69 2.20 -14.07
N GLU A 31 5.95 2.51 -14.36
CA GLU A 31 6.31 3.04 -15.66
C GLU A 31 5.85 2.09 -16.77
N LEU A 32 5.88 0.81 -16.45
CA LEU A 32 5.48 -0.21 -17.40
C LEU A 32 3.98 -0.50 -17.22
N VAL A 33 3.22 -0.16 -18.24
CA VAL A 33 1.78 -0.38 -18.20
C VAL A 33 1.32 -0.96 -19.54
N PRO A 34 0.34 -1.90 -19.45
CA PRO A 34 -0.20 -2.54 -20.64
C PRO A 34 -1.11 -1.59 -21.41
N LYS A 35 -1.44 -0.48 -20.76
CA LYS A 35 -2.31 0.52 -21.38
C LYS A 35 -2.75 1.53 -20.32
N ARG A 36 -3.82 1.18 -19.62
CA ARG A 36 -4.36 2.05 -18.58
C ARG A 36 -4.42 1.29 -17.25
N LEU A 37 -4.41 2.06 -16.17
CA LEU A 37 -4.47 1.49 -14.84
C LEU A 37 -5.93 1.38 -14.40
N ASP A 38 -6.28 0.22 -13.86
CA ASP A 38 -7.63 -0.02 -13.40
C ASP A 38 -7.74 0.35 -11.92
N GLY A 39 -6.59 0.31 -11.25
CA GLY A 39 -6.53 0.63 -9.84
C GLY A 39 -5.56 -0.30 -9.10
N TYR A 40 -5.23 0.10 -7.88
CA TYR A 40 -4.32 -0.69 -7.07
C TYR A 40 -5.07 -1.38 -5.91
N VAL A 41 -4.32 -2.17 -5.16
CA VAL A 41 -4.89 -2.89 -4.04
C VAL A 41 -4.00 -2.70 -2.81
N LEU A 42 -4.48 -1.86 -1.90
CA LEU A 42 -3.75 -1.58 -0.68
C LEU A 42 -4.08 -2.64 0.37
N GLU A 43 -3.07 -3.42 0.72
CA GLU A 43 -3.23 -4.47 1.70
C GLU A 43 -2.27 -4.26 2.88
N GLY A 44 -2.85 -4.13 4.06
CA GLY A 44 -2.06 -3.93 5.27
C GLY A 44 -2.34 -5.02 6.30
N ARG A 45 -1.62 -4.94 7.41
CA ARG A 45 -1.78 -5.93 8.47
C ARG A 45 -0.86 -5.58 9.65
N GLN A 46 -1.33 -5.92 10.84
CA GLN A 46 -0.56 -5.65 12.05
C GLN A 46 -0.17 -6.97 12.73
N GLY A 47 0.82 -6.87 13.60
CA GLY A 47 1.30 -8.03 14.32
C GLY A 47 1.46 -9.24 13.39
N SER A 48 1.67 -8.93 12.12
CA SER A 48 1.85 -9.96 11.12
C SER A 48 0.58 -10.80 11.01
N GLN A 49 -0.56 -10.12 11.11
CA GLN A 49 -1.84 -10.80 11.02
C GLN A 49 -2.21 -11.04 9.56
N GLY A 50 -3.43 -11.53 9.36
CA GLY A 50 -3.92 -11.81 8.03
C GLY A 50 -4.05 -10.54 7.20
N TRP A 51 -3.44 -10.56 6.02
CA TRP A 51 -3.48 -9.41 5.13
C TRP A 51 -4.94 -8.99 4.97
N GLU A 52 -5.25 -7.81 5.48
CA GLU A 52 -6.60 -7.29 5.40
C GLU A 52 -6.70 -6.23 4.29
N VAL A 53 -7.54 -6.53 3.31
CA VAL A 53 -7.72 -5.62 2.19
C VAL A 53 -8.23 -4.28 2.71
N LEU A 54 -7.33 -3.31 2.71
CA LEU A 54 -7.66 -1.97 3.18
C LEU A 54 -8.44 -1.23 2.10
N ASP A 55 -7.86 -1.22 0.91
CA ASP A 55 -8.49 -0.56 -0.23
C ASP A 55 -8.25 -1.37 -1.49
N PRO A 56 -9.32 -2.08 -1.94
CA PRO A 56 -9.23 -2.90 -3.14
C PRO A 56 -9.23 -2.03 -4.40
N ALA A 57 -10.00 -0.96 -4.35
CA ALA A 57 -10.09 -0.04 -5.47
C ALA A 57 -9.40 1.27 -5.11
N VAL A 58 -8.25 1.49 -5.72
CA VAL A 58 -7.48 2.70 -5.47
C VAL A 58 -7.18 3.39 -6.81
N ALA A 59 -7.47 4.68 -6.85
CA ALA A 59 -7.23 5.46 -8.05
C ALA A 59 -5.98 4.94 -8.76
N GLY A 60 -6.17 4.54 -10.01
CA GLY A 60 -5.07 4.02 -10.80
C GLY A 60 -4.05 5.11 -11.11
N THR A 61 -4.44 6.35 -10.81
CA THR A 61 -3.57 7.48 -11.04
C THR A 61 -3.06 8.05 -9.72
N GLU A 62 -3.63 7.54 -8.63
CA GLU A 62 -3.24 7.99 -7.30
C GLU A 62 -1.79 7.60 -7.01
N THR A 63 -1.20 8.31 -6.06
CA THR A 63 0.17 8.06 -5.69
C THR A 63 0.32 8.05 -4.16
N GLU A 64 -0.83 8.11 -3.49
CA GLU A 64 -0.84 8.12 -2.04
C GLU A 64 -2.16 7.52 -1.52
N LEU A 65 -2.18 7.26 -0.23
CA LEU A 65 -3.36 6.69 0.40
C LEU A 65 -3.23 6.80 1.92
N LEU A 66 -4.36 7.03 2.57
CA LEU A 66 -4.38 7.15 4.01
C LEU A 66 -5.16 5.98 4.61
N VAL A 67 -4.60 5.42 5.67
CA VAL A 67 -5.24 4.29 6.35
C VAL A 67 -5.31 4.58 7.84
N PRO A 68 -6.46 5.19 8.25
CA PRO A 68 -6.66 5.53 9.65
C PRO A 68 -7.01 4.28 10.47
N GLY A 69 -7.26 3.19 9.75
CA GLY A 69 -7.60 1.94 10.39
C GLY A 69 -6.36 1.27 10.99
N LEU A 70 -5.65 2.04 11.80
CA LEU A 70 -4.44 1.54 12.44
C LEU A 70 -4.70 1.38 13.93
N ILE A 71 -3.88 0.53 14.55
CA ILE A 71 -4.01 0.28 15.98
C ILE A 71 -2.92 1.04 16.72
N LYS A 72 -3.04 1.05 18.05
CA LYS A 72 -2.07 1.75 18.88
C LYS A 72 -0.69 1.11 18.70
N ASP A 73 -0.09 0.74 19.81
CA ASP A 73 1.23 0.12 19.78
C ASP A 73 1.18 -1.11 18.88
N VAL A 74 1.38 -0.87 17.59
CA VAL A 74 1.37 -1.95 16.61
C VAL A 74 2.15 -1.52 15.37
N LEU A 75 2.40 -2.50 14.50
CA LEU A 75 3.14 -2.23 13.29
C LEU A 75 2.32 -2.72 12.08
N TYR A 76 1.53 -1.81 11.53
CA TYR A 76 0.70 -2.14 10.39
C TYR A 76 1.50 -2.06 9.09
N GLU A 77 1.42 -3.12 8.31
CA GLU A 77 2.12 -3.18 7.04
C GLU A 77 1.23 -2.66 5.91
N PHE A 78 1.80 -2.63 4.71
CA PHE A 78 1.07 -2.17 3.54
C PHE A 78 1.73 -2.65 2.25
N ARG A 79 0.90 -3.06 1.31
CA ARG A 79 1.38 -3.54 0.03
C ARG A 79 0.44 -3.12 -1.09
N LEU A 80 1.01 -2.47 -2.09
CA LEU A 80 0.24 -2.01 -3.23
C LEU A 80 0.47 -2.95 -4.42
N VAL A 81 -0.63 -3.29 -5.09
CA VAL A 81 -0.56 -4.18 -6.23
C VAL A 81 -1.31 -3.55 -7.40
N ALA A 82 -0.56 -3.01 -8.34
CA ALA A 82 -1.14 -2.37 -9.51
C ALA A 82 -1.67 -3.46 -10.45
N PHE A 83 -2.93 -3.31 -10.84
CA PHE A 83 -3.57 -4.25 -11.73
C PHE A 83 -4.30 -3.53 -12.85
N ALA A 84 -4.25 -4.13 -14.04
CA ALA A 84 -4.90 -3.57 -15.21
C ALA A 84 -5.79 -4.62 -15.85
N GLY A 85 -7.10 -4.42 -15.71
CA GLY A 85 -8.07 -5.34 -16.27
C GLY A 85 -8.00 -6.70 -15.58
N SER A 86 -7.29 -7.62 -16.22
CA SER A 86 -7.14 -8.96 -15.68
C SER A 86 -5.68 -9.20 -15.26
N PHE A 87 -4.89 -8.13 -15.36
CA PHE A 87 -3.49 -8.20 -15.00
C PHE A 87 -3.26 -7.68 -13.59
N VAL A 88 -2.50 -8.45 -12.82
CA VAL A 88 -2.19 -8.08 -11.45
C VAL A 88 -0.68 -8.00 -11.27
N SER A 89 -0.22 -6.84 -10.80
CA SER A 89 1.20 -6.63 -10.59
C SER A 89 1.60 -7.12 -9.20
N ASP A 90 2.90 -7.23 -8.99
CA ASP A 90 3.42 -7.68 -7.70
C ASP A 90 3.20 -6.59 -6.66
N PRO A 91 3.09 -7.03 -5.39
CA PRO A 91 2.89 -6.10 -4.29
C PRO A 91 4.17 -5.36 -3.94
N SER A 92 4.25 -4.13 -4.42
CA SER A 92 5.42 -3.30 -4.18
C SER A 92 5.92 -3.51 -2.74
N ASN A 93 7.16 -3.12 -2.52
CA ASN A 93 7.77 -3.26 -1.21
C ASN A 93 6.70 -3.02 -0.13
N THR A 94 6.92 -3.65 1.01
CA THR A 94 5.98 -3.53 2.12
C THR A 94 6.30 -2.27 2.94
N ALA A 95 5.25 -1.52 3.24
CA ALA A 95 5.40 -0.31 4.01
C ALA A 95 4.61 -0.43 5.32
N ASN A 96 5.14 0.19 6.36
CA ASN A 96 4.49 0.16 7.67
C ASN A 96 4.84 1.44 8.43
N VAL A 97 4.04 1.70 9.45
CA VAL A 97 4.24 2.88 10.27
C VAL A 97 4.32 2.48 11.75
N SER A 98 5.27 3.07 12.45
CA SER A 98 5.46 2.78 13.86
C SER A 98 4.51 3.62 14.70
N THR A 99 4.00 3.00 15.76
CA THR A 99 3.08 3.68 16.65
C THR A 99 3.66 3.75 18.07
N SER A 100 4.96 3.61 18.15
CA SER A 100 5.65 3.65 19.44
C SER A 100 5.87 5.10 19.86
N GLY A 101 6.04 5.96 18.86
CA GLY A 101 6.26 7.38 19.13
C GLY A 101 5.00 8.03 19.71
N LEU A 102 3.86 7.63 19.18
CA LEU A 102 2.60 8.16 19.63
C LEU A 102 2.09 7.34 20.82
N SER A 103 1.15 7.92 21.55
CA SER A 103 0.58 7.25 22.70
C SER A 103 1.68 6.98 23.74
N GLY A 104 2.23 8.07 24.27
CA GLY A 104 3.28 7.96 25.26
C GLY A 104 3.69 9.34 25.78
N PRO A 105 4.73 9.35 26.66
CA PRO A 105 5.22 10.58 27.22
C PRO A 105 6.04 11.37 26.20
N SER A 106 6.73 10.63 25.35
CA SER A 106 7.56 11.25 24.32
C SER A 106 8.40 12.37 24.92
N SER A 107 9.54 11.99 25.46
CA SER A 107 10.44 12.96 26.07
C SER A 107 11.88 12.46 26.01
N GLY A 108 12.64 13.04 25.08
CA GLY A 108 14.02 12.65 24.90
C GLY A 108 14.94 13.41 25.88
N GLY A 1 3.67 -17.20 -8.16
CA GLY A 1 3.87 -16.99 -9.58
C GLY A 1 2.78 -16.07 -10.15
N SER A 2 2.98 -15.67 -11.40
CA SER A 2 2.03 -14.80 -12.06
C SER A 2 0.60 -15.24 -11.75
N SER A 3 -0.17 -14.30 -11.22
CA SER A 3 -1.55 -14.56 -10.86
C SER A 3 -2.45 -14.43 -12.09
N GLY A 4 -1.96 -13.66 -13.06
CA GLY A 4 -2.71 -13.43 -14.29
C GLY A 4 -2.30 -12.12 -14.94
N SER A 5 -0.99 -11.89 -14.97
CA SER A 5 -0.47 -10.67 -15.56
C SER A 5 0.11 -10.97 -16.95
N SER A 6 0.21 -9.92 -17.75
CA SER A 6 0.75 -10.06 -19.10
C SER A 6 1.99 -9.17 -19.27
N GLY A 7 1.83 -7.92 -18.86
CA GLY A 7 2.92 -6.96 -18.96
C GLY A 7 2.63 -5.72 -18.12
N LEU A 8 2.36 -5.94 -16.84
CA LEU A 8 2.07 -4.85 -15.93
C LEU A 8 3.07 -4.88 -14.78
N SER A 9 3.80 -3.79 -14.65
CA SER A 9 4.79 -3.67 -13.59
C SER A 9 4.13 -3.15 -12.31
N PRO A 10 4.65 -3.65 -11.15
CA PRO A 10 4.12 -3.24 -9.86
C PRO A 10 4.59 -1.82 -9.50
N PRO A 11 4.00 -1.29 -8.40
CA PRO A 11 4.35 0.04 -7.94
C PRO A 11 5.72 0.04 -7.26
N ARG A 12 6.20 1.25 -6.97
CA ARG A 12 7.49 1.40 -6.32
C ARG A 12 7.45 2.56 -5.32
N GLY A 13 8.56 2.74 -4.62
CA GLY A 13 8.66 3.80 -3.63
C GLY A 13 7.44 3.81 -2.71
N LEU A 14 7.04 2.61 -2.30
CA LEU A 14 5.89 2.47 -1.41
C LEU A 14 6.33 2.72 0.03
N VAL A 15 5.60 3.58 0.70
CA VAL A 15 5.90 3.92 2.08
C VAL A 15 4.60 4.29 2.81
N ALA A 16 4.70 4.36 4.12
CA ALA A 16 3.54 4.71 4.94
C ALA A 16 3.98 5.69 6.03
N VAL A 17 3.28 6.82 6.07
CA VAL A 17 3.57 7.86 7.05
C VAL A 17 2.40 7.97 8.02
N ARG A 18 2.69 7.78 9.30
CA ARG A 18 1.68 7.87 10.33
C ARG A 18 1.32 9.33 10.60
N THR A 19 0.05 9.65 10.37
CA THR A 19 -0.43 11.01 10.58
C THR A 19 -1.48 11.03 11.69
N PRO A 20 -1.86 12.28 12.09
CA PRO A 20 -2.85 12.45 13.14
C PRO A 20 -4.25 12.13 12.64
N ARG A 21 -4.37 12.08 11.33
CA ARG A 21 -5.66 11.79 10.70
C ARG A 21 -5.71 10.33 10.25
N GLY A 22 -4.53 9.79 9.98
CA GLY A 22 -4.43 8.40 9.54
C GLY A 22 -3.00 8.07 9.10
N VAL A 23 -2.90 7.26 8.05
CA VAL A 23 -1.60 6.86 7.54
C VAL A 23 -1.58 7.08 6.02
N LEU A 24 -0.76 8.04 5.61
CA LEU A 24 -0.63 8.35 4.19
C LEU A 24 0.44 7.45 3.58
N LEU A 25 0.05 6.79 2.48
CA LEU A 25 0.97 5.91 1.79
C LEU A 25 1.48 6.60 0.52
N HIS A 26 2.78 6.54 0.33
CA HIS A 26 3.40 7.15 -0.83
C HIS A 26 4.04 6.06 -1.70
N TRP A 27 3.53 5.94 -2.92
CA TRP A 27 4.04 4.94 -3.85
C TRP A 27 4.30 5.65 -5.18
N ASP A 28 4.83 4.88 -6.13
CA ASP A 28 5.12 5.41 -7.44
C ASP A 28 4.34 4.63 -8.50
N PRO A 29 3.99 5.34 -9.61
CA PRO A 29 3.24 4.72 -10.69
C PRO A 29 4.13 3.80 -11.52
N PRO A 30 3.54 2.65 -11.94
CA PRO A 30 4.27 1.68 -12.74
C PRO A 30 4.42 2.17 -14.18
N GLU A 31 5.67 2.44 -14.55
CA GLU A 31 5.97 2.91 -15.89
C GLU A 31 5.59 1.85 -16.92
N LEU A 32 5.83 0.60 -16.55
CA LEU A 32 5.52 -0.51 -17.43
C LEU A 32 4.04 -0.89 -17.27
N VAL A 33 3.23 -0.39 -18.19
CA VAL A 33 1.81 -0.67 -18.17
C VAL A 33 1.37 -1.23 -19.52
N PRO A 34 0.43 -2.20 -19.47
CA PRO A 34 -0.08 -2.82 -20.68
C PRO A 34 -1.04 -1.88 -21.41
N LYS A 35 -1.45 -0.83 -20.70
CA LYS A 35 -2.36 0.14 -21.27
C LYS A 35 -2.56 1.29 -20.28
N ARG A 36 -3.54 1.10 -19.40
CA ARG A 36 -3.84 2.11 -18.40
C ARG A 36 -3.84 1.49 -17.00
N LEU A 37 -4.00 2.34 -16.00
CA LEU A 37 -4.02 1.89 -14.62
C LEU A 37 -5.46 1.76 -14.15
N ASP A 38 -5.92 0.53 -14.04
CA ASP A 38 -7.28 0.26 -13.61
C ASP A 38 -7.41 0.64 -12.13
N GLY A 39 -6.33 0.44 -11.40
CA GLY A 39 -6.31 0.75 -9.98
C GLY A 39 -5.37 -0.19 -9.23
N TYR A 40 -5.03 0.21 -8.01
CA TYR A 40 -4.14 -0.58 -7.18
C TYR A 40 -4.90 -1.21 -6.01
N VAL A 41 -4.16 -1.95 -5.20
CA VAL A 41 -4.75 -2.61 -4.05
C VAL A 41 -3.88 -2.36 -2.82
N LEU A 42 -4.37 -1.46 -1.97
CA LEU A 42 -3.65 -1.11 -0.75
C LEU A 42 -3.98 -2.13 0.34
N GLU A 43 -2.96 -2.86 0.76
CA GLU A 43 -3.14 -3.87 1.78
C GLU A 43 -2.43 -3.43 3.07
N GLY A 44 -2.68 -4.19 4.13
CA GLY A 44 -2.08 -3.89 5.43
C GLY A 44 -2.31 -5.03 6.41
N ARG A 45 -1.63 -4.94 7.55
CA ARG A 45 -1.76 -5.95 8.58
C ARG A 45 -0.84 -5.62 9.76
N GLN A 46 -1.31 -5.99 10.95
CA GLN A 46 -0.54 -5.74 12.16
C GLN A 46 -0.09 -7.06 12.79
N GLY A 47 1.05 -7.01 13.45
CA GLY A 47 1.59 -8.19 14.10
C GLY A 47 1.79 -9.33 13.09
N SER A 48 1.30 -10.49 13.46
CA SER A 48 1.41 -11.66 12.61
C SER A 48 0.02 -12.10 12.13
N GLN A 49 -0.82 -11.11 11.87
CA GLN A 49 -2.18 -11.39 11.41
C GLN A 49 -2.20 -11.59 9.91
N GLY A 50 -3.40 -11.69 9.36
CA GLY A 50 -3.57 -11.88 7.94
C GLY A 50 -3.72 -10.54 7.21
N TRP A 51 -3.32 -10.53 5.95
CA TRP A 51 -3.41 -9.33 5.14
C TRP A 51 -4.90 -8.99 4.96
N GLU A 52 -5.19 -7.70 5.06
CA GLU A 52 -6.55 -7.23 4.91
C GLU A 52 -6.62 -6.10 3.89
N VAL A 53 -7.22 -6.40 2.75
CA VAL A 53 -7.35 -5.42 1.68
C VAL A 53 -7.93 -4.13 2.26
N LEU A 54 -7.05 -3.17 2.50
CA LEU A 54 -7.47 -1.89 3.04
C LEU A 54 -8.28 -1.13 1.99
N ASP A 55 -7.82 -1.23 0.76
CA ASP A 55 -8.48 -0.56 -0.35
C ASP A 55 -8.19 -1.31 -1.65
N PRO A 56 -9.23 -2.03 -2.15
CA PRO A 56 -9.09 -2.78 -3.38
C PRO A 56 -9.10 -1.86 -4.59
N ALA A 57 -10.05 -0.95 -4.59
CA ALA A 57 -10.18 0.00 -5.69
C ALA A 57 -9.42 1.29 -5.34
N VAL A 58 -8.29 1.48 -6.01
CA VAL A 58 -7.48 2.65 -5.78
C VAL A 58 -7.24 3.37 -7.11
N ALA A 59 -7.46 4.67 -7.10
CA ALA A 59 -7.27 5.48 -8.29
C ALA A 59 -6.03 4.99 -9.04
N GLY A 60 -6.22 4.73 -10.32
CA GLY A 60 -5.12 4.26 -11.16
C GLY A 60 -4.10 5.36 -11.39
N THR A 61 -4.47 6.57 -10.97
CA THR A 61 -3.59 7.72 -11.14
C THR A 61 -3.10 8.21 -9.78
N GLU A 62 -3.68 7.64 -8.73
CA GLU A 62 -3.31 8.01 -7.37
C GLU A 62 -1.87 7.60 -7.08
N THR A 63 -1.22 8.38 -6.23
CA THR A 63 0.16 8.13 -5.87
C THR A 63 0.29 7.96 -4.35
N GLU A 64 -0.85 7.90 -3.70
CA GLU A 64 -0.89 7.76 -2.25
C GLU A 64 -2.30 7.45 -1.77
N LEU A 65 -2.42 7.17 -0.48
CA LEU A 65 -3.71 6.86 0.11
C LEU A 65 -3.59 6.93 1.63
N LEU A 66 -4.73 7.21 2.26
CA LEU A 66 -4.77 7.31 3.71
C LEU A 66 -5.36 6.02 4.29
N VAL A 67 -4.78 5.60 5.40
CA VAL A 67 -5.24 4.38 6.06
C VAL A 67 -5.15 4.57 7.58
N PRO A 68 -6.20 5.24 8.14
CA PRO A 68 -6.24 5.49 9.57
C PRO A 68 -6.60 4.22 10.33
N GLY A 69 -7.01 3.21 9.59
CA GLY A 69 -7.38 1.93 10.18
C GLY A 69 -6.16 1.21 10.74
N LEU A 70 -5.42 1.93 11.58
CA LEU A 70 -4.23 1.37 12.20
C LEU A 70 -4.42 1.32 13.71
N ILE A 71 -3.62 0.47 14.35
CA ILE A 71 -3.69 0.32 15.79
C ILE A 71 -2.37 0.80 16.42
N LYS A 72 -2.43 1.04 17.72
CA LYS A 72 -1.25 1.50 18.44
C LYS A 72 -0.60 0.32 19.15
N ASP A 73 0.67 0.49 19.49
CA ASP A 73 1.42 -0.55 20.18
C ASP A 73 1.67 -1.71 19.20
N VAL A 74 1.29 -1.48 17.96
CA VAL A 74 1.47 -2.49 16.92
C VAL A 74 2.18 -1.87 15.73
N LEU A 75 2.50 -2.73 14.76
CA LEU A 75 3.18 -2.28 13.56
C LEU A 75 2.41 -2.75 12.34
N TYR A 76 1.58 -1.86 11.81
CA TYR A 76 0.78 -2.17 10.64
C TYR A 76 1.60 -2.02 9.36
N GLU A 77 1.58 -3.08 8.56
CA GLU A 77 2.33 -3.08 7.31
C GLU A 77 1.43 -2.60 6.17
N PHE A 78 2.00 -2.55 4.98
CA PHE A 78 1.27 -2.12 3.80
C PHE A 78 1.89 -2.68 2.52
N ARG A 79 1.09 -2.72 1.47
CA ARG A 79 1.54 -3.23 0.19
C ARG A 79 0.58 -2.82 -0.93
N LEU A 80 1.14 -2.25 -1.97
CA LEU A 80 0.35 -1.81 -3.11
C LEU A 80 0.50 -2.82 -4.24
N VAL A 81 -0.65 -3.18 -4.82
CA VAL A 81 -0.66 -4.12 -5.92
C VAL A 81 -1.44 -3.53 -7.09
N ALA A 82 -0.69 -2.99 -8.04
CA ALA A 82 -1.29 -2.39 -9.22
C ALA A 82 -1.81 -3.49 -10.15
N PHE A 83 -2.94 -3.20 -10.78
CA PHE A 83 -3.55 -4.15 -11.69
C PHE A 83 -4.28 -3.43 -12.83
N ALA A 84 -4.22 -4.03 -14.00
CA ALA A 84 -4.87 -3.46 -15.17
C ALA A 84 -5.82 -4.50 -15.78
N GLY A 85 -7.10 -4.25 -15.60
CA GLY A 85 -8.12 -5.15 -16.12
C GLY A 85 -7.99 -6.54 -15.51
N SER A 86 -7.61 -7.49 -16.34
CA SER A 86 -7.44 -8.87 -15.91
C SER A 86 -5.99 -9.10 -15.46
N PHE A 87 -5.19 -8.05 -15.60
CA PHE A 87 -3.79 -8.13 -15.22
C PHE A 87 -3.57 -7.53 -13.84
N VAL A 88 -2.56 -8.07 -13.15
CA VAL A 88 -2.24 -7.58 -11.82
C VAL A 88 -0.71 -7.54 -11.66
N SER A 89 -0.27 -6.77 -10.67
CA SER A 89 1.15 -6.64 -10.41
C SER A 89 1.46 -7.10 -8.99
N ASP A 90 2.75 -7.31 -8.74
CA ASP A 90 3.18 -7.76 -7.42
C ASP A 90 2.99 -6.62 -6.42
N PRO A 91 2.92 -7.02 -5.12
CA PRO A 91 2.74 -6.06 -4.05
C PRO A 91 4.03 -5.28 -3.78
N SER A 92 4.05 -4.03 -4.25
CA SER A 92 5.21 -3.19 -4.06
C SER A 92 5.79 -3.39 -2.67
N ASN A 93 7.04 -2.95 -2.51
CA ASN A 93 7.72 -3.08 -1.23
C ASN A 93 6.71 -2.87 -0.10
N THR A 94 7.01 -3.49 1.04
CA THR A 94 6.14 -3.38 2.20
C THR A 94 6.53 -2.16 3.04
N ALA A 95 5.50 -1.46 3.50
CA ALA A 95 5.73 -0.27 4.32
C ALA A 95 4.88 -0.36 5.59
N ASN A 96 5.39 0.25 6.65
CA ASN A 96 4.69 0.24 7.93
C ASN A 96 5.01 1.54 8.68
N VAL A 97 4.19 1.82 9.68
CA VAL A 97 4.36 3.02 10.48
C VAL A 97 4.35 2.63 11.96
N SER A 98 5.31 3.18 12.69
CA SER A 98 5.43 2.90 14.11
C SER A 98 4.44 3.77 14.89
N THR A 99 4.18 3.35 16.12
CA THR A 99 3.26 4.07 16.98
C THR A 99 3.55 3.77 18.45
N SER A 100 4.79 4.02 18.84
CA SER A 100 5.20 3.78 20.21
C SER A 100 5.43 5.11 20.93
N GLY A 101 5.79 6.11 20.15
CA GLY A 101 6.04 7.44 20.69
C GLY A 101 5.57 8.53 19.73
N LEU A 102 4.74 8.12 18.77
CA LEU A 102 4.22 9.04 17.79
C LEU A 102 3.51 10.20 18.50
N SER A 103 3.52 11.34 17.84
CA SER A 103 2.89 12.53 18.39
C SER A 103 3.65 13.00 19.63
N GLY A 104 3.48 12.25 20.71
CA GLY A 104 4.16 12.58 21.96
C GLY A 104 5.67 12.62 21.77
N PRO A 105 6.29 13.68 22.35
CA PRO A 105 7.73 13.85 22.25
C PRO A 105 8.46 12.89 23.18
N SER A 106 8.62 11.66 22.71
CA SER A 106 9.29 10.63 23.49
C SER A 106 10.59 10.23 22.81
N SER A 107 11.62 11.02 23.03
CA SER A 107 12.93 10.75 22.43
C SER A 107 12.81 10.72 20.91
N GLY A 108 13.43 11.70 20.29
CA GLY A 108 13.41 11.80 18.84
C GLY A 108 13.62 13.24 18.37
N GLY A 1 -3.22 -17.21 -20.04
CA GLY A 1 -2.49 -16.51 -21.07
C GLY A 1 -0.98 -16.66 -20.87
N SER A 2 -0.25 -16.33 -21.93
CA SER A 2 1.20 -16.42 -21.88
C SER A 2 1.81 -15.97 -23.21
N SER A 3 1.17 -16.42 -24.29
CA SER A 3 1.63 -16.06 -25.63
C SER A 3 0.80 -14.91 -26.17
N GLY A 4 0.36 -14.04 -25.27
CA GLY A 4 -0.44 -12.89 -25.64
C GLY A 4 0.18 -11.59 -25.13
N SER A 5 -0.56 -10.51 -25.29
CA SER A 5 -0.09 -9.21 -24.85
C SER A 5 -0.31 -9.05 -23.34
N SER A 6 0.78 -8.71 -22.66
CA SER A 6 0.72 -8.53 -21.22
C SER A 6 2.09 -8.08 -20.70
N GLY A 7 2.05 -7.27 -19.65
CA GLY A 7 3.27 -6.76 -19.05
C GLY A 7 2.98 -5.56 -18.14
N LEU A 8 2.47 -5.87 -16.97
CA LEU A 8 2.15 -4.82 -16.00
C LEU A 8 3.15 -4.86 -14.85
N SER A 9 3.87 -3.75 -14.71
CA SER A 9 4.87 -3.65 -13.67
C SER A 9 4.21 -3.21 -12.36
N PRO A 10 4.81 -3.69 -11.23
CA PRO A 10 4.29 -3.35 -9.91
C PRO A 10 4.65 -1.90 -9.53
N PRO A 11 4.03 -1.44 -8.41
CA PRO A 11 4.28 -0.09 -7.93
C PRO A 11 5.66 0.01 -7.26
N ARG A 12 5.99 1.23 -6.85
CA ARG A 12 7.27 1.46 -6.19
C ARG A 12 7.15 2.66 -5.23
N GLY A 13 8.23 2.88 -4.50
CA GLY A 13 8.27 3.98 -3.55
C GLY A 13 7.20 3.81 -2.48
N LEU A 14 6.60 2.63 -2.46
CA LEU A 14 5.56 2.33 -1.50
C LEU A 14 6.08 2.60 -0.08
N VAL A 15 5.75 3.78 0.42
CA VAL A 15 6.18 4.18 1.75
C VAL A 15 4.94 4.58 2.58
N ALA A 16 5.18 4.73 3.87
CA ALA A 16 4.10 5.11 4.78
C ALA A 16 4.57 6.27 5.66
N VAL A 17 3.60 6.92 6.29
CA VAL A 17 3.91 8.05 7.16
C VAL A 17 2.76 8.23 8.15
N ARG A 18 3.01 7.81 9.38
CA ARG A 18 2.01 7.92 10.43
C ARG A 18 1.74 9.40 10.75
N THR A 19 0.49 9.68 11.09
CA THR A 19 0.09 11.03 11.41
C THR A 19 -1.15 11.02 12.31
N PRO A 20 -1.65 12.25 12.62
CA PRO A 20 -2.82 12.38 13.47
C PRO A 20 -4.10 12.03 12.71
N ARG A 21 -4.11 12.42 11.44
CA ARG A 21 -5.27 12.15 10.59
C ARG A 21 -5.22 10.71 10.08
N GLY A 22 -4.02 10.12 10.14
CA GLY A 22 -3.83 8.76 9.69
C GLY A 22 -2.48 8.60 9.01
N VAL A 23 -2.09 7.34 8.82
CA VAL A 23 -0.82 7.04 8.17
C VAL A 23 -0.98 7.15 6.66
N LEU A 24 -0.28 8.11 6.08
CA LEU A 24 -0.33 8.33 4.64
C LEU A 24 0.69 7.43 3.95
N LEU A 25 0.26 6.84 2.85
CA LEU A 25 1.13 5.96 2.09
C LEU A 25 1.48 6.62 0.76
N HIS A 26 2.76 6.54 0.41
CA HIS A 26 3.24 7.13 -0.83
C HIS A 26 3.87 6.04 -1.70
N TRP A 27 3.41 5.98 -2.94
CA TRP A 27 3.92 5.00 -3.88
C TRP A 27 4.15 5.71 -5.22
N ASP A 28 4.66 4.93 -6.17
CA ASP A 28 4.94 5.47 -7.50
C ASP A 28 4.21 4.63 -8.55
N PRO A 29 3.92 5.29 -9.70
CA PRO A 29 3.22 4.62 -10.79
C PRO A 29 4.16 3.67 -11.53
N PRO A 30 3.55 2.61 -12.12
CA PRO A 30 4.32 1.62 -12.86
C PRO A 30 4.75 2.18 -14.22
N GLU A 31 6.06 2.15 -14.44
CA GLU A 31 6.62 2.65 -15.68
C GLU A 31 6.42 1.61 -16.80
N LEU A 32 6.18 0.37 -16.38
CA LEU A 32 5.98 -0.71 -17.33
C LEU A 32 4.54 -1.20 -17.24
N VAL A 33 3.65 -0.46 -17.90
CA VAL A 33 2.24 -0.81 -17.90
C VAL A 33 1.81 -1.20 -19.32
N PRO A 34 0.80 -2.10 -19.39
CA PRO A 34 0.29 -2.56 -20.67
C PRO A 34 -0.57 -1.49 -21.34
N LYS A 35 -1.26 -0.73 -20.50
CA LYS A 35 -2.12 0.34 -21.01
C LYS A 35 -2.42 1.32 -19.87
N ARG A 36 -3.63 1.22 -19.35
CA ARG A 36 -4.06 2.09 -18.27
C ARG A 36 -4.26 1.28 -16.98
N LEU A 37 -4.00 1.92 -15.86
CA LEU A 37 -4.16 1.28 -14.57
C LEU A 37 -5.62 1.35 -14.14
N ASP A 38 -6.22 0.18 -13.93
CA ASP A 38 -7.61 0.11 -13.52
C ASP A 38 -7.72 0.50 -12.06
N GLY A 39 -6.59 0.41 -11.36
CA GLY A 39 -6.56 0.76 -9.94
C GLY A 39 -5.61 -0.17 -9.18
N TYR A 40 -5.17 0.31 -8.02
CA TYR A 40 -4.28 -0.47 -7.18
C TYR A 40 -5.03 -1.13 -6.03
N VAL A 41 -4.29 -1.90 -5.25
CA VAL A 41 -4.87 -2.59 -4.11
C VAL A 41 -3.99 -2.37 -2.88
N LEU A 42 -4.47 -1.49 -2.00
CA LEU A 42 -3.74 -1.18 -0.79
C LEU A 42 -4.09 -2.20 0.29
N GLU A 43 -3.08 -2.92 0.74
CA GLU A 43 -3.26 -3.92 1.77
C GLU A 43 -2.57 -3.50 3.07
N GLY A 44 -2.80 -4.29 4.11
CA GLY A 44 -2.21 -4.00 5.40
C GLY A 44 -2.42 -5.18 6.37
N ARG A 45 -1.71 -5.12 7.48
CA ARG A 45 -1.79 -6.16 8.49
C ARG A 45 -0.93 -5.81 9.70
N GLN A 46 -1.37 -6.28 10.85
CA GLN A 46 -0.65 -6.03 12.09
C GLN A 46 0.52 -7.01 12.24
N GLY A 47 1.25 -6.84 13.32
CA GLY A 47 2.40 -7.69 13.60
C GLY A 47 2.11 -9.14 13.17
N SER A 48 2.76 -9.55 12.10
CA SER A 48 2.59 -10.90 11.59
C SER A 48 1.12 -11.28 11.62
N GLN A 49 0.30 -10.40 11.07
CA GLN A 49 -1.14 -10.64 11.02
C GLN A 49 -1.58 -10.97 9.59
N GLY A 50 -2.89 -11.05 9.42
CA GLY A 50 -3.45 -11.36 8.11
C GLY A 50 -3.54 -10.11 7.24
N TRP A 51 -3.33 -10.30 5.96
CA TRP A 51 -3.38 -9.20 5.00
C TRP A 51 -4.85 -8.82 4.82
N GLU A 52 -5.18 -7.63 5.30
CA GLU A 52 -6.55 -7.13 5.20
C GLU A 52 -6.61 -6.01 4.14
N VAL A 53 -7.35 -6.29 3.08
CA VAL A 53 -7.51 -5.33 2.01
C VAL A 53 -8.10 -4.03 2.57
N LEU A 54 -7.25 -3.02 2.63
CA LEU A 54 -7.67 -1.73 3.15
C LEU A 54 -8.48 -1.00 2.08
N ASP A 55 -7.99 -1.07 0.86
CA ASP A 55 -8.66 -0.43 -0.26
C ASP A 55 -8.34 -1.18 -1.55
N PRO A 56 -9.36 -1.93 -2.06
CA PRO A 56 -9.19 -2.69 -3.29
C PRO A 56 -9.20 -1.78 -4.51
N ALA A 57 -10.16 -0.87 -4.52
CA ALA A 57 -10.29 0.07 -5.63
C ALA A 57 -9.52 1.34 -5.30
N VAL A 58 -8.36 1.48 -5.93
CA VAL A 58 -7.52 2.64 -5.72
C VAL A 58 -7.19 3.29 -7.07
N ALA A 59 -7.56 4.55 -7.19
CA ALA A 59 -7.31 5.29 -8.43
C ALA A 59 -6.01 4.78 -9.06
N GLY A 60 -6.12 4.43 -10.34
CA GLY A 60 -4.97 3.94 -11.07
C GLY A 60 -3.96 5.06 -11.34
N THR A 61 -4.34 6.26 -10.93
CA THR A 61 -3.49 7.43 -11.12
C THR A 61 -2.95 7.92 -9.78
N GLU A 62 -3.61 7.49 -8.72
CA GLU A 62 -3.22 7.87 -7.38
C GLU A 62 -1.77 7.46 -7.12
N THR A 63 -1.18 8.11 -6.12
CA THR A 63 0.20 7.83 -5.75
C THR A 63 0.34 7.75 -4.24
N GLU A 64 -0.80 7.75 -3.56
CA GLU A 64 -0.81 7.68 -2.11
C GLU A 64 -2.23 7.42 -1.61
N LEU A 65 -2.32 7.13 -0.32
CA LEU A 65 -3.61 6.85 0.30
C LEU A 65 -3.46 6.92 1.83
N LEU A 66 -4.55 7.30 2.47
CA LEU A 66 -4.56 7.41 3.92
C LEU A 66 -5.16 6.13 4.52
N VAL A 67 -4.57 5.72 5.65
CA VAL A 67 -5.03 4.53 6.32
C VAL A 67 -4.95 4.75 7.84
N PRO A 68 -5.95 5.51 8.37
CA PRO A 68 -6.00 5.79 9.78
C PRO A 68 -6.47 4.58 10.57
N GLY A 69 -6.92 3.57 9.84
CA GLY A 69 -7.40 2.35 10.46
C GLY A 69 -6.24 1.52 11.02
N LEU A 70 -5.44 2.17 11.85
CA LEU A 70 -4.29 1.51 12.46
C LEU A 70 -4.49 1.48 13.97
N ILE A 71 -3.77 0.56 14.62
CA ILE A 71 -3.85 0.41 16.05
C ILE A 71 -2.57 0.96 16.69
N LYS A 72 -2.60 1.04 18.02
CA LYS A 72 -1.46 1.55 18.75
C LYS A 72 -0.72 0.39 19.41
N ASP A 73 0.59 0.56 19.56
CA ASP A 73 1.42 -0.47 20.16
C ASP A 73 1.57 -1.64 19.18
N VAL A 74 1.09 -1.43 17.97
CA VAL A 74 1.16 -2.44 16.94
C VAL A 74 1.94 -1.90 15.75
N LEU A 75 2.24 -2.79 14.81
CA LEU A 75 2.98 -2.41 13.62
C LEU A 75 2.23 -2.88 12.39
N TYR A 76 1.42 -1.99 11.83
CA TYR A 76 0.63 -2.30 10.65
C TYR A 76 1.49 -2.17 9.39
N GLU A 77 1.37 -3.18 8.53
CA GLU A 77 2.11 -3.20 7.29
C GLU A 77 1.23 -2.71 6.14
N PHE A 78 1.80 -2.73 4.94
CA PHE A 78 1.09 -2.29 3.76
C PHE A 78 1.75 -2.82 2.48
N ARG A 79 0.97 -2.86 1.42
CA ARG A 79 1.46 -3.34 0.14
C ARG A 79 0.50 -2.95 -0.98
N LEU A 80 1.06 -2.36 -2.03
CA LEU A 80 0.26 -1.94 -3.17
C LEU A 80 0.44 -2.94 -4.31
N VAL A 81 -0.63 -3.15 -5.06
CA VAL A 81 -0.61 -4.07 -6.18
C VAL A 81 -1.36 -3.46 -7.36
N ALA A 82 -0.59 -3.02 -8.35
CA ALA A 82 -1.17 -2.41 -9.54
C ALA A 82 -1.80 -3.51 -10.40
N PHE A 83 -3.00 -3.22 -10.90
CA PHE A 83 -3.70 -4.16 -11.74
C PHE A 83 -4.50 -3.43 -12.82
N ALA A 84 -4.38 -3.93 -14.05
CA ALA A 84 -5.08 -3.33 -15.17
C ALA A 84 -6.01 -4.38 -15.79
N GLY A 85 -7.30 -4.19 -15.55
CA GLY A 85 -8.29 -5.11 -16.07
C GLY A 85 -8.13 -6.51 -15.49
N SER A 86 -7.81 -7.46 -16.35
CA SER A 86 -7.62 -8.83 -15.93
C SER A 86 -6.15 -9.08 -15.61
N PHE A 87 -5.42 -7.99 -15.40
CA PHE A 87 -4.01 -8.07 -15.09
C PHE A 87 -3.73 -7.61 -13.66
N VAL A 88 -2.82 -8.32 -13.01
CA VAL A 88 -2.46 -8.00 -11.64
C VAL A 88 -0.93 -7.93 -11.52
N SER A 89 -0.47 -6.93 -10.79
CA SER A 89 0.95 -6.74 -10.59
C SER A 89 1.36 -7.23 -9.20
N ASP A 90 2.67 -7.39 -9.01
CA ASP A 90 3.20 -7.84 -7.74
C ASP A 90 3.03 -6.74 -6.69
N PRO A 91 2.99 -7.17 -5.40
CA PRO A 91 2.85 -6.23 -4.31
C PRO A 91 4.15 -5.47 -4.05
N SER A 92 4.16 -4.22 -4.47
CA SER A 92 5.33 -3.37 -4.29
C SER A 92 5.90 -3.56 -2.89
N ASN A 93 7.10 -3.04 -2.70
CA ASN A 93 7.77 -3.15 -1.41
C ASN A 93 6.75 -2.95 -0.29
N THR A 94 6.99 -3.62 0.82
CA THR A 94 6.10 -3.54 1.97
C THR A 94 6.41 -2.28 2.77
N ALA A 95 5.34 -1.58 3.14
CA ALA A 95 5.48 -0.36 3.92
C ALA A 95 4.67 -0.48 5.22
N ASN A 96 5.21 0.10 6.28
CA ASN A 96 4.56 0.05 7.58
C ASN A 96 4.94 1.31 8.36
N VAL A 97 4.20 1.53 9.44
CA VAL A 97 4.44 2.67 10.31
C VAL A 97 4.63 2.21 11.74
N SER A 98 5.14 3.12 12.56
CA SER A 98 5.36 2.81 13.97
C SER A 98 4.45 3.66 14.85
N THR A 99 3.63 2.98 15.64
CA THR A 99 2.71 3.65 16.53
C THR A 99 3.23 3.61 17.97
N SER A 100 4.51 3.89 18.11
CA SER A 100 5.14 3.89 19.41
C SER A 100 5.14 5.31 19.99
N GLY A 101 5.11 6.29 19.10
CA GLY A 101 5.11 7.67 19.51
C GLY A 101 3.81 8.37 19.09
N LEU A 102 2.73 7.62 19.20
CA LEU A 102 1.41 8.14 18.83
C LEU A 102 0.78 8.81 20.05
N SER A 103 -0.07 9.79 19.78
CA SER A 103 -0.74 10.51 20.84
C SER A 103 0.24 11.43 21.56
N GLY A 104 1.16 10.82 22.29
CA GLY A 104 2.16 11.58 23.03
C GLY A 104 3.24 10.66 23.57
N PRO A 105 4.39 11.28 23.95
CA PRO A 105 5.51 10.53 24.50
C PRO A 105 5.24 10.10 25.94
N SER A 106 5.61 8.86 26.23
CA SER A 106 5.40 8.32 27.57
C SER A 106 6.40 7.18 27.83
N SER A 107 7.14 7.33 28.92
CA SER A 107 8.14 6.34 29.30
C SER A 107 7.72 5.65 30.60
N GLY A 108 7.57 4.33 30.50
CA GLY A 108 7.18 3.54 31.66
C GLY A 108 5.66 3.36 31.70
N GLY A 1 2.07 -21.59 -14.52
CA GLY A 1 1.68 -21.15 -15.84
C GLY A 1 1.75 -19.62 -15.95
N SER A 2 0.64 -18.99 -15.61
CA SER A 2 0.56 -17.53 -15.66
C SER A 2 0.22 -16.98 -14.28
N SER A 3 0.44 -15.68 -14.13
CA SER A 3 0.16 -15.02 -12.87
C SER A 3 -0.84 -13.87 -13.09
N GLY A 4 -1.77 -14.12 -13.99
CA GLY A 4 -2.79 -13.12 -14.30
C GLY A 4 -2.14 -11.80 -14.72
N SER A 5 -1.26 -11.90 -15.72
CA SER A 5 -0.58 -10.72 -16.22
C SER A 5 0.26 -11.09 -17.44
N SER A 6 0.76 -10.06 -18.12
CA SER A 6 1.57 -10.26 -19.30
C SER A 6 2.81 -9.36 -19.24
N GLY A 7 2.55 -8.07 -19.11
CA GLY A 7 3.62 -7.09 -19.04
C GLY A 7 3.20 -5.87 -18.21
N LEU A 8 2.92 -6.12 -16.95
CA LEU A 8 2.50 -5.07 -16.04
C LEU A 8 3.50 -4.96 -14.89
N SER A 9 4.08 -3.78 -14.75
CA SER A 9 5.05 -3.53 -13.71
C SER A 9 4.34 -3.12 -12.42
N PRO A 10 4.88 -3.63 -11.27
CA PRO A 10 4.30 -3.32 -9.97
C PRO A 10 4.66 -1.89 -9.55
N PRO A 11 4.06 -1.47 -8.40
CA PRO A 11 4.31 -0.14 -7.88
C PRO A 11 5.70 -0.05 -7.23
N ARG A 12 6.03 1.15 -6.79
CA ARG A 12 7.32 1.38 -6.15
C ARG A 12 7.24 2.58 -5.20
N GLY A 13 8.38 2.94 -4.64
CA GLY A 13 8.45 4.05 -3.72
C GLY A 13 7.27 4.04 -2.75
N LEU A 14 6.98 2.85 -2.24
CA LEU A 14 5.88 2.69 -1.30
C LEU A 14 6.39 2.93 0.12
N VAL A 15 5.72 3.85 0.80
CA VAL A 15 6.09 4.18 2.17
C VAL A 15 4.84 4.56 2.95
N ALA A 16 5.01 4.67 4.26
CA ALA A 16 3.91 5.02 5.13
C ALA A 16 4.33 6.18 6.04
N VAL A 17 3.35 7.02 6.38
CA VAL A 17 3.61 8.16 7.23
C VAL A 17 2.43 8.37 8.17
N ARG A 18 2.62 7.99 9.42
CA ARG A 18 1.56 8.13 10.42
C ARG A 18 1.37 9.60 10.77
N THR A 19 0.17 10.08 10.53
CA THR A 19 -0.17 11.47 10.83
C THR A 19 -1.34 11.55 11.81
N PRO A 20 -1.79 12.80 12.06
CA PRO A 20 -2.90 13.03 12.98
C PRO A 20 -4.23 12.64 12.33
N ARG A 21 -4.25 12.73 11.00
CA ARG A 21 -5.45 12.40 10.25
C ARG A 21 -5.42 10.93 9.83
N GLY A 22 -4.22 10.36 9.86
CA GLY A 22 -4.04 8.97 9.49
C GLY A 22 -2.63 8.74 8.93
N VAL A 23 -2.42 7.51 8.44
CA VAL A 23 -1.13 7.15 7.88
C VAL A 23 -1.18 7.31 6.36
N LEU A 24 -0.40 8.25 5.86
CA LEU A 24 -0.34 8.49 4.44
C LEU A 24 0.65 7.53 3.79
N LEU A 25 0.17 6.86 2.75
CA LEU A 25 1.00 5.91 2.03
C LEU A 25 1.40 6.50 0.67
N HIS A 26 2.69 6.74 0.53
CA HIS A 26 3.22 7.31 -0.70
C HIS A 26 3.83 6.20 -1.55
N TRP A 27 3.30 6.04 -2.75
CA TRP A 27 3.79 5.03 -3.67
C TRP A 27 4.08 5.69 -5.01
N ASP A 28 4.68 4.92 -5.90
CA ASP A 28 5.03 5.43 -7.22
C ASP A 28 4.26 4.63 -8.28
N PRO A 29 3.98 5.32 -9.42
CA PRO A 29 3.26 4.69 -10.51
C PRO A 29 4.15 3.72 -11.27
N PRO A 30 3.50 2.71 -11.92
CA PRO A 30 4.22 1.71 -12.68
C PRO A 30 4.72 2.29 -14.01
N GLU A 31 6.04 2.37 -14.12
CA GLU A 31 6.66 2.90 -15.32
C GLU A 31 6.37 1.98 -16.52
N LEU A 32 6.22 0.70 -16.21
CA LEU A 32 5.95 -0.29 -17.24
C LEU A 32 4.52 -0.83 -17.06
N VAL A 33 3.65 -0.43 -17.97
CA VAL A 33 2.27 -0.87 -17.91
C VAL A 33 1.81 -1.27 -19.32
N PRO A 34 0.87 -2.26 -19.36
CA PRO A 34 0.35 -2.74 -20.62
C PRO A 34 -0.64 -1.74 -21.22
N LYS A 35 -1.35 -1.06 -20.34
CA LYS A 35 -2.32 -0.07 -20.78
C LYS A 35 -2.42 1.04 -19.72
N ARG A 36 -3.56 1.07 -19.05
CA ARG A 36 -3.81 2.05 -18.02
C ARG A 36 -4.02 1.38 -16.66
N LEU A 37 -3.75 2.13 -15.60
CA LEU A 37 -3.91 1.60 -14.26
C LEU A 37 -5.39 1.64 -13.87
N ASP A 38 -5.99 0.47 -13.84
CA ASP A 38 -7.40 0.37 -13.49
C ASP A 38 -7.58 0.69 -12.00
N GLY A 39 -6.58 0.30 -11.22
CA GLY A 39 -6.62 0.53 -9.79
C GLY A 39 -5.66 -0.40 -9.05
N TYR A 40 -5.23 0.04 -7.88
CA TYR A 40 -4.32 -0.74 -7.07
C TYR A 40 -5.06 -1.46 -5.95
N VAL A 41 -4.31 -2.24 -5.18
CA VAL A 41 -4.87 -2.99 -4.07
C VAL A 41 -4.00 -2.78 -2.83
N LEU A 42 -4.53 -2.00 -1.90
CA LEU A 42 -3.82 -1.72 -0.66
C LEU A 42 -4.08 -2.85 0.34
N GLU A 43 -3.00 -3.54 0.68
CA GLU A 43 -3.09 -4.64 1.62
C GLU A 43 -2.16 -4.41 2.81
N GLY A 44 -2.75 -4.35 3.99
CA GLY A 44 -1.98 -4.13 5.20
C GLY A 44 -2.28 -5.21 6.24
N ARG A 45 -1.64 -5.08 7.39
CA ARG A 45 -1.83 -6.03 8.47
C ARG A 45 -0.97 -5.64 9.68
N GLN A 46 -1.51 -5.93 10.86
CA GLN A 46 -0.80 -5.62 12.09
C GLN A 46 -0.63 -6.87 12.93
N GLY A 47 0.60 -7.07 13.40
CA GLY A 47 0.92 -8.23 14.22
C GLY A 47 1.25 -9.44 13.35
N SER A 48 1.55 -9.15 12.09
CA SER A 48 1.89 -10.21 11.15
C SER A 48 0.71 -11.17 10.98
N GLN A 49 -0.47 -10.59 10.92
CA GLN A 49 -1.68 -11.38 10.76
C GLN A 49 -2.04 -11.52 9.28
N GLY A 50 -3.29 -11.91 9.04
CA GLY A 50 -3.76 -12.08 7.68
C GLY A 50 -3.89 -10.73 6.96
N TRP A 51 -3.36 -10.68 5.75
CA TRP A 51 -3.41 -9.46 4.96
C TRP A 51 -4.88 -9.12 4.71
N GLU A 52 -5.25 -7.93 5.15
CA GLU A 52 -6.63 -7.46 4.98
C GLU A 52 -6.68 -6.33 3.96
N VAL A 53 -7.25 -6.64 2.81
CA VAL A 53 -7.37 -5.67 1.74
C VAL A 53 -7.97 -4.38 2.31
N LEU A 54 -7.11 -3.38 2.47
CA LEU A 54 -7.54 -2.10 3.00
C LEU A 54 -8.39 -1.38 1.94
N ASP A 55 -7.85 -1.36 0.72
CA ASP A 55 -8.54 -0.70 -0.38
C ASP A 55 -8.27 -1.48 -1.67
N PRO A 56 -9.33 -2.21 -2.14
CA PRO A 56 -9.21 -3.00 -3.35
C PRO A 56 -9.25 -2.09 -4.58
N ALA A 57 -10.09 -1.08 -4.52
CA ALA A 57 -10.22 -0.14 -5.62
C ALA A 57 -9.57 1.19 -5.25
N VAL A 58 -8.41 1.44 -5.86
CA VAL A 58 -7.68 2.65 -5.61
C VAL A 58 -7.41 3.38 -6.93
N ALA A 59 -7.75 4.66 -6.95
CA ALA A 59 -7.55 5.47 -8.14
C ALA A 59 -6.24 5.07 -8.80
N GLY A 60 -6.34 4.71 -10.08
CA GLY A 60 -5.18 4.30 -10.84
C GLY A 60 -4.23 5.48 -11.06
N THR A 61 -4.72 6.66 -10.70
CA THR A 61 -3.92 7.87 -10.86
C THR A 61 -3.41 8.35 -9.49
N GLU A 62 -3.97 7.77 -8.45
CA GLU A 62 -3.58 8.11 -7.09
C GLU A 62 -2.14 7.68 -6.83
N THR A 63 -1.44 8.47 -6.02
CA THR A 63 -0.06 8.17 -5.69
C THR A 63 0.10 7.98 -4.18
N GLU A 64 -1.04 7.92 -3.50
CA GLU A 64 -1.04 7.75 -2.07
C GLU A 64 -2.48 7.54 -1.56
N LEU A 65 -2.58 7.23 -0.27
CA LEU A 65 -3.87 6.99 0.33
C LEU A 65 -3.72 7.00 1.86
N LEU A 66 -4.82 7.32 2.53
CA LEU A 66 -4.83 7.35 3.98
C LEU A 66 -5.45 6.08 4.53
N VAL A 67 -4.85 5.56 5.59
CA VAL A 67 -5.33 4.35 6.22
C VAL A 67 -5.47 4.57 7.73
N PRO A 68 -6.63 5.14 8.12
CA PRO A 68 -6.90 5.41 9.53
C PRO A 68 -7.23 4.12 10.28
N GLY A 69 -7.16 3.01 9.56
CA GLY A 69 -7.45 1.72 10.14
C GLY A 69 -6.26 1.19 10.94
N LEU A 70 -5.46 2.13 11.44
CA LEU A 70 -4.29 1.78 12.22
C LEU A 70 -4.54 2.12 13.69
N ILE A 71 -3.75 1.49 14.54
CA ILE A 71 -3.87 1.71 15.98
C ILE A 71 -2.52 2.08 16.55
N LYS A 72 -2.36 1.81 17.84
CA LYS A 72 -1.10 2.11 18.53
C LYS A 72 -0.55 0.83 19.14
N ASP A 73 0.75 0.84 19.37
CA ASP A 73 1.43 -0.31 19.96
C ASP A 73 1.36 -1.48 18.97
N VAL A 74 1.14 -1.14 17.71
CA VAL A 74 1.04 -2.16 16.67
C VAL A 74 1.83 -1.69 15.44
N LEU A 75 2.24 -2.67 14.64
CA LEU A 75 3.00 -2.37 13.44
C LEU A 75 2.20 -2.84 12.22
N TYR A 76 1.44 -1.92 11.66
CA TYR A 76 0.62 -2.22 10.49
C TYR A 76 1.44 -2.11 9.22
N GLU A 77 1.42 -3.19 8.43
CA GLU A 77 2.16 -3.22 7.19
C GLU A 77 1.28 -2.72 6.04
N PHE A 78 1.84 -2.76 4.84
CA PHE A 78 1.12 -2.32 3.65
C PHE A 78 1.79 -2.84 2.38
N ARG A 79 0.97 -3.06 1.37
CA ARG A 79 1.47 -3.56 0.10
C ARG A 79 0.51 -3.17 -1.04
N LEU A 80 1.06 -2.46 -2.01
CA LEU A 80 0.28 -2.02 -3.15
C LEU A 80 0.57 -2.93 -4.35
N VAL A 81 -0.48 -3.24 -5.09
CA VAL A 81 -0.35 -4.09 -6.26
C VAL A 81 -1.20 -3.51 -7.40
N ALA A 82 -0.49 -3.00 -8.40
CA ALA A 82 -1.17 -2.41 -9.55
C ALA A 82 -1.73 -3.53 -10.43
N PHE A 83 -2.95 -3.32 -10.89
CA PHE A 83 -3.62 -4.30 -11.73
C PHE A 83 -4.44 -3.61 -12.82
N ALA A 84 -4.30 -4.11 -14.04
CA ALA A 84 -5.01 -3.56 -15.17
C ALA A 84 -5.96 -4.63 -15.74
N GLY A 85 -7.24 -4.41 -15.51
CA GLY A 85 -8.26 -5.34 -15.98
C GLY A 85 -7.94 -6.77 -15.55
N SER A 86 -7.57 -7.58 -16.53
CA SER A 86 -7.23 -8.97 -16.25
C SER A 86 -5.77 -9.08 -15.82
N PHE A 87 -5.03 -8.01 -16.06
CA PHE A 87 -3.62 -7.97 -15.69
C PHE A 87 -3.43 -7.55 -14.24
N VAL A 88 -2.60 -8.30 -13.53
CA VAL A 88 -2.33 -8.01 -12.13
C VAL A 88 -0.82 -7.92 -11.93
N SER A 89 -0.43 -6.98 -11.07
CA SER A 89 0.98 -6.78 -10.77
C SER A 89 1.28 -7.25 -9.35
N ASP A 90 2.55 -7.53 -9.11
CA ASP A 90 2.98 -7.99 -7.80
C ASP A 90 2.87 -6.83 -6.80
N PRO A 91 2.74 -7.20 -5.50
CA PRO A 91 2.64 -6.20 -4.45
C PRO A 91 3.99 -5.54 -4.16
N SER A 92 4.06 -4.27 -4.48
CA SER A 92 5.29 -3.51 -4.27
C SER A 92 5.84 -3.80 -2.87
N ASN A 93 6.99 -3.21 -2.60
CA ASN A 93 7.64 -3.39 -1.31
C ASN A 93 6.59 -3.27 -0.20
N THR A 94 7.01 -3.61 1.01
CA THR A 94 6.12 -3.54 2.16
C THR A 94 6.40 -2.27 2.97
N ALA A 95 5.33 -1.57 3.29
CA ALA A 95 5.43 -0.34 4.06
C ALA A 95 4.63 -0.48 5.36
N ASN A 96 5.13 0.15 6.41
CA ASN A 96 4.48 0.10 7.70
C ASN A 96 4.77 1.39 8.46
N VAL A 97 3.92 1.67 9.44
CA VAL A 97 4.08 2.87 10.25
C VAL A 97 4.33 2.46 11.70
N SER A 98 5.12 3.29 12.38
CA SER A 98 5.45 3.03 13.76
C SER A 98 4.79 4.07 14.67
N THR A 99 4.50 3.65 15.89
CA THR A 99 3.86 4.54 16.85
C THR A 99 4.30 4.18 18.28
N SER A 100 5.53 3.69 18.37
CA SER A 100 6.08 3.31 19.66
C SER A 100 6.38 4.56 20.50
N GLY A 101 6.72 5.63 19.79
CA GLY A 101 7.03 6.88 20.44
C GLY A 101 6.03 7.97 20.06
N LEU A 102 4.76 7.64 20.20
CA LEU A 102 3.70 8.58 19.87
C LEU A 102 3.04 9.08 21.15
N SER A 103 2.12 10.02 20.98
CA SER A 103 1.41 10.58 22.12
C SER A 103 0.57 9.50 22.81
N GLY A 104 0.84 9.33 24.09
CA GLY A 104 0.12 8.33 24.87
C GLY A 104 0.86 8.01 26.17
N PRO A 105 0.07 7.54 27.18
CA PRO A 105 0.64 7.20 28.47
C PRO A 105 1.40 5.88 28.40
N SER A 106 2.46 5.78 29.20
CA SER A 106 3.27 4.58 29.23
C SER A 106 4.05 4.51 30.55
N SER A 107 3.60 3.61 31.41
CA SER A 107 4.24 3.43 32.71
C SER A 107 4.49 1.94 32.97
N GLY A 108 5.75 1.61 33.18
CA GLY A 108 6.14 0.23 33.44
C GLY A 108 7.45 -0.11 32.74
N GLY A 1 -4.34 -16.32 -15.24
CA GLY A 1 -2.99 -16.37 -15.78
C GLY A 1 -2.00 -15.71 -14.82
N SER A 2 -0.76 -16.18 -14.90
CA SER A 2 0.30 -15.65 -14.05
C SER A 2 1.61 -15.58 -14.83
N SER A 3 2.05 -16.74 -15.29
CA SER A 3 3.29 -16.83 -16.05
C SER A 3 3.00 -16.73 -17.55
N GLY A 4 1.92 -16.02 -17.86
CA GLY A 4 1.52 -15.85 -19.25
C GLY A 4 0.72 -14.55 -19.43
N SER A 5 1.19 -13.73 -20.34
CA SER A 5 0.53 -12.46 -20.61
C SER A 5 0.58 -11.56 -19.38
N SER A 6 1.60 -10.71 -19.35
CA SER A 6 1.78 -9.79 -18.24
C SER A 6 2.71 -8.65 -18.66
N GLY A 7 2.11 -7.50 -18.91
CA GLY A 7 2.87 -6.33 -19.31
C GLY A 7 2.60 -5.16 -18.36
N LEU A 8 2.24 -5.49 -17.14
CA LEU A 8 1.97 -4.48 -16.14
C LEU A 8 3.01 -4.56 -15.02
N SER A 9 3.72 -3.46 -14.84
CA SER A 9 4.76 -3.40 -13.82
C SER A 9 4.14 -3.02 -12.47
N PRO A 10 4.76 -3.54 -11.39
CA PRO A 10 4.28 -3.26 -10.04
C PRO A 10 4.65 -1.84 -9.61
N PRO A 11 4.00 -1.39 -8.50
CA PRO A 11 4.27 -0.06 -7.98
C PRO A 11 5.62 0.00 -7.27
N ARG A 12 6.06 1.22 -7.01
CA ARG A 12 7.33 1.43 -6.34
C ARG A 12 7.23 2.60 -5.35
N GLY A 13 8.35 2.88 -4.70
CA GLY A 13 8.40 3.95 -3.73
C GLY A 13 7.24 3.85 -2.73
N LEU A 14 6.89 2.62 -2.41
CA LEU A 14 5.82 2.36 -1.47
C LEU A 14 6.34 2.53 -0.04
N VAL A 15 5.79 3.53 0.64
CA VAL A 15 6.19 3.81 2.01
C VAL A 15 4.96 4.22 2.82
N ALA A 16 5.15 4.26 4.13
CA ALA A 16 4.07 4.63 5.03
C ALA A 16 4.58 5.65 6.04
N VAL A 17 3.93 6.81 6.06
CA VAL A 17 4.30 7.87 6.96
C VAL A 17 3.20 8.08 8.00
N ARG A 18 3.55 7.85 9.25
CA ARG A 18 2.59 8.01 10.33
C ARG A 18 2.25 9.48 10.53
N THR A 19 0.96 9.78 10.54
CA THR A 19 0.50 11.14 10.73
C THR A 19 -0.59 11.20 11.79
N PRO A 20 -0.90 12.45 12.23
CA PRO A 20 -1.93 12.65 13.24
C PRO A 20 -3.32 12.46 12.65
N ARG A 21 -3.35 12.16 11.37
CA ARG A 21 -4.62 11.96 10.66
C ARG A 21 -4.74 10.51 10.21
N GLY A 22 -3.62 9.80 10.26
CA GLY A 22 -3.60 8.40 9.85
C GLY A 22 -2.23 8.03 9.29
N VAL A 23 -2.27 7.30 8.18
CA VAL A 23 -1.04 6.87 7.52
C VAL A 23 -1.12 7.20 6.02
N LEU A 24 -0.16 7.97 5.56
CA LEU A 24 -0.11 8.35 4.16
C LEU A 24 0.84 7.41 3.41
N LEU A 25 0.25 6.48 2.68
CA LEU A 25 1.02 5.52 1.91
C LEU A 25 1.47 6.16 0.60
N HIS A 26 2.76 6.41 0.51
CA HIS A 26 3.33 7.01 -0.69
C HIS A 26 3.92 5.92 -1.59
N TRP A 27 3.46 5.92 -2.82
CA TRP A 27 3.93 4.94 -3.80
C TRP A 27 4.20 5.66 -5.12
N ASP A 28 4.66 4.91 -6.09
CA ASP A 28 4.96 5.47 -7.40
C ASP A 28 4.19 4.68 -8.47
N PRO A 29 3.90 5.39 -9.59
CA PRO A 29 3.18 4.77 -10.69
C PRO A 29 4.08 3.82 -11.48
N PRO A 30 3.44 2.80 -12.10
CA PRO A 30 4.17 1.82 -12.88
C PRO A 30 4.60 2.40 -14.23
N GLU A 31 5.91 2.49 -14.40
CA GLU A 31 6.47 3.03 -15.63
C GLU A 31 6.28 2.03 -16.78
N LEU A 32 5.86 0.84 -16.41
CA LEU A 32 5.65 -0.22 -17.40
C LEU A 32 4.21 -0.75 -17.26
N VAL A 33 3.32 -0.16 -18.05
CA VAL A 33 1.93 -0.56 -18.03
C VAL A 33 1.50 -0.99 -19.44
N PRO A 34 0.51 -1.92 -19.49
CA PRO A 34 0.00 -2.42 -20.76
C PRO A 34 -0.89 -1.37 -21.43
N LYS A 35 -1.63 -0.65 -20.61
CA LYS A 35 -2.53 0.37 -21.10
C LYS A 35 -2.84 1.37 -19.98
N ARG A 36 -4.04 1.24 -19.44
CA ARG A 36 -4.47 2.13 -18.36
C ARG A 36 -4.58 1.35 -17.05
N LEU A 37 -4.33 2.04 -15.95
CA LEU A 37 -4.40 1.44 -14.64
C LEU A 37 -5.86 1.39 -14.19
N ASP A 38 -6.28 0.22 -13.75
CA ASP A 38 -7.64 0.04 -13.29
C ASP A 38 -7.72 0.40 -11.81
N GLY A 39 -6.57 0.38 -11.16
CA GLY A 39 -6.49 0.72 -9.74
C GLY A 39 -5.66 -0.31 -8.99
N TYR A 40 -5.17 0.10 -7.83
CA TYR A 40 -4.35 -0.77 -6.99
C TYR A 40 -5.17 -1.33 -5.84
N VAL A 41 -4.51 -2.17 -5.04
CA VAL A 41 -5.15 -2.78 -3.89
C VAL A 41 -4.24 -2.64 -2.67
N LEU A 42 -4.64 -1.76 -1.77
CA LEU A 42 -3.88 -1.52 -0.55
C LEU A 42 -4.09 -2.70 0.40
N GLU A 43 -2.99 -3.36 0.73
CA GLU A 43 -3.02 -4.50 1.63
C GLU A 43 -2.08 -4.27 2.82
N GLY A 44 -2.68 -4.13 4.00
CA GLY A 44 -1.91 -3.91 5.20
C GLY A 44 -2.22 -4.98 6.25
N ARG A 45 -1.52 -4.88 7.37
CA ARG A 45 -1.71 -5.83 8.46
C ARG A 45 -0.78 -5.49 9.62
N GLN A 46 -1.26 -5.80 10.83
CA GLN A 46 -0.48 -5.54 12.02
C GLN A 46 -0.09 -6.85 12.70
N GLY A 47 1.15 -6.90 13.16
CA GLY A 47 1.67 -8.09 13.82
C GLY A 47 1.72 -9.27 12.86
N SER A 48 1.22 -10.41 13.34
CA SER A 48 1.21 -11.62 12.55
C SER A 48 -0.23 -11.98 12.17
N GLN A 49 -0.96 -10.96 11.75
CA GLN A 49 -2.36 -11.15 11.36
C GLN A 49 -2.45 -11.46 9.86
N GLY A 50 -3.68 -11.54 9.38
CA GLY A 50 -3.91 -11.83 7.97
C GLY A 50 -3.94 -10.55 7.15
N TRP A 51 -3.36 -10.64 5.97
CA TRP A 51 -3.30 -9.48 5.07
C TRP A 51 -4.73 -9.02 4.82
N GLU A 52 -5.05 -7.85 5.36
CA GLU A 52 -6.38 -7.29 5.20
C GLU A 52 -6.36 -6.17 4.15
N VAL A 53 -7.05 -6.43 3.04
CA VAL A 53 -7.11 -5.45 1.97
C VAL A 53 -7.77 -4.16 2.48
N LEU A 54 -6.95 -3.13 2.60
CA LEU A 54 -7.43 -1.85 3.08
C LEU A 54 -8.36 -1.23 2.02
N ASP A 55 -7.95 -1.38 0.77
CA ASP A 55 -8.73 -0.84 -0.34
C ASP A 55 -8.22 -1.45 -1.65
N PRO A 56 -9.03 -2.39 -2.20
CA PRO A 56 -8.68 -3.05 -3.45
C PRO A 56 -8.90 -2.12 -4.64
N ALA A 57 -9.70 -1.09 -4.40
CA ALA A 57 -9.99 -0.12 -5.45
C ALA A 57 -9.32 1.21 -5.11
N VAL A 58 -8.18 1.44 -5.75
CA VAL A 58 -7.43 2.67 -5.53
C VAL A 58 -7.18 3.36 -6.87
N ALA A 59 -7.43 4.66 -6.89
CA ALA A 59 -7.24 5.45 -8.10
C ALA A 59 -5.97 4.96 -8.82
N GLY A 60 -6.16 4.56 -10.07
CA GLY A 60 -5.05 4.08 -10.87
C GLY A 60 -4.06 5.19 -11.16
N THR A 61 -4.47 6.41 -10.82
CA THR A 61 -3.63 7.57 -11.05
C THR A 61 -3.09 8.12 -9.72
N GLU A 62 -3.67 7.62 -8.64
CA GLU A 62 -3.27 8.04 -7.31
C GLU A 62 -1.82 7.64 -7.04
N THR A 63 -1.21 8.31 -6.08
CA THR A 63 0.16 8.03 -5.72
C THR A 63 0.30 7.85 -4.21
N GLU A 64 -0.84 7.90 -3.54
CA GLU A 64 -0.87 7.74 -2.09
C GLU A 64 -2.32 7.61 -1.60
N LEU A 65 -2.45 7.33 -0.31
CA LEU A 65 -3.76 7.17 0.29
C LEU A 65 -3.62 7.17 1.82
N LEU A 66 -4.70 7.57 2.48
CA LEU A 66 -4.71 7.62 3.93
C LEU A 66 -5.27 6.31 4.48
N VAL A 67 -4.69 5.88 5.59
CA VAL A 67 -5.12 4.65 6.23
C VAL A 67 -5.25 4.87 7.73
N PRO A 68 -6.41 5.46 8.14
CA PRO A 68 -6.67 5.73 9.54
C PRO A 68 -7.01 4.45 10.30
N GLY A 69 -7.24 3.39 9.53
CA GLY A 69 -7.58 2.10 10.12
C GLY A 69 -6.34 1.40 10.67
N LEU A 70 -5.61 2.14 11.52
CA LEU A 70 -4.41 1.61 12.12
C LEU A 70 -4.62 1.44 13.63
N ILE A 71 -3.80 0.60 14.23
CA ILE A 71 -3.89 0.35 15.66
C ILE A 71 -2.65 0.92 16.35
N LYS A 72 -2.77 1.12 17.65
CA LYS A 72 -1.68 1.65 18.45
C LYS A 72 -0.94 0.50 19.12
N ASP A 73 0.38 0.68 19.23
CA ASP A 73 1.21 -0.34 19.86
C ASP A 73 1.34 -1.53 18.92
N VAL A 74 1.22 -1.24 17.63
CA VAL A 74 1.33 -2.29 16.61
C VAL A 74 2.10 -1.75 15.42
N LEU A 75 2.37 -2.64 14.47
CA LEU A 75 3.11 -2.26 13.28
C LEU A 75 2.31 -2.70 12.04
N TYR A 76 1.53 -1.77 11.52
CA TYR A 76 0.71 -2.04 10.34
C TYR A 76 1.54 -1.94 9.06
N GLU A 77 1.43 -2.97 8.24
CA GLU A 77 2.16 -3.00 6.98
C GLU A 77 1.31 -2.40 5.86
N PHE A 78 1.88 -2.43 4.66
CA PHE A 78 1.18 -1.89 3.50
C PHE A 78 1.84 -2.39 2.20
N ARG A 79 0.98 -2.69 1.23
CA ARG A 79 1.45 -3.18 -0.05
C ARG A 79 0.43 -2.85 -1.14
N LEU A 80 0.92 -2.20 -2.20
CA LEU A 80 0.06 -1.84 -3.31
C LEU A 80 0.28 -2.82 -4.46
N VAL A 81 -0.82 -3.18 -5.11
CA VAL A 81 -0.76 -4.10 -6.23
C VAL A 81 -1.41 -3.46 -7.45
N ALA A 82 -0.58 -3.01 -8.37
CA ALA A 82 -1.05 -2.38 -9.59
C ALA A 82 -1.61 -3.45 -10.53
N PHE A 83 -2.92 -3.43 -10.69
CA PHE A 83 -3.59 -4.38 -11.55
C PHE A 83 -4.38 -3.68 -12.66
N ALA A 84 -4.31 -4.25 -13.85
CA ALA A 84 -5.00 -3.68 -14.99
C ALA A 84 -5.88 -4.75 -15.64
N GLY A 85 -7.18 -4.64 -15.40
CA GLY A 85 -8.13 -5.59 -15.94
C GLY A 85 -7.47 -6.96 -16.15
N SER A 86 -7.56 -7.79 -15.12
CA SER A 86 -6.99 -9.11 -15.18
C SER A 86 -5.53 -9.08 -14.70
N PHE A 87 -4.74 -8.30 -15.40
CA PHE A 87 -3.33 -8.16 -15.07
C PHE A 87 -3.16 -7.67 -13.63
N VAL A 88 -2.40 -8.45 -12.87
CA VAL A 88 -2.14 -8.11 -11.48
C VAL A 88 -0.63 -8.03 -11.24
N SER A 89 -0.17 -6.81 -10.98
CA SER A 89 1.25 -6.59 -10.74
C SER A 89 1.62 -7.05 -9.33
N ASP A 90 2.92 -7.11 -9.10
CA ASP A 90 3.41 -7.54 -7.80
C ASP A 90 3.16 -6.44 -6.77
N PRO A 91 3.02 -6.87 -5.48
CA PRO A 91 2.78 -5.94 -4.41
C PRO A 91 4.04 -5.15 -4.05
N SER A 92 4.08 -3.91 -4.49
CA SER A 92 5.21 -3.04 -4.23
C SER A 92 5.78 -3.32 -2.83
N ASN A 93 7.05 -2.99 -2.66
CA ASN A 93 7.70 -3.21 -1.38
C ASN A 93 6.70 -2.95 -0.25
N THR A 94 6.93 -3.63 0.86
CA THR A 94 6.06 -3.48 2.02
C THR A 94 6.46 -2.24 2.83
N ALA A 95 5.44 -1.58 3.38
CA ALA A 95 5.67 -0.39 4.17
C ALA A 95 4.82 -0.45 5.44
N ASN A 96 5.35 0.13 6.49
CA ASN A 96 4.66 0.14 7.77
C ASN A 96 5.04 1.41 8.54
N VAL A 97 4.27 1.70 9.58
CA VAL A 97 4.51 2.87 10.40
C VAL A 97 4.42 2.48 11.88
N SER A 98 5.36 3.01 12.65
CA SER A 98 5.40 2.73 14.08
C SER A 98 4.44 3.66 14.83
N THR A 99 3.95 3.17 15.96
CA THR A 99 3.03 3.95 16.77
C THR A 99 3.32 3.74 18.25
N SER A 100 4.49 4.19 18.67
CA SER A 100 4.89 4.05 20.06
C SER A 100 5.09 5.44 20.69
N GLY A 101 4.87 6.46 19.87
CA GLY A 101 5.03 7.83 20.34
C GLY A 101 3.70 8.57 20.28
N LEU A 102 2.91 8.26 19.25
CA LEU A 102 1.62 8.89 19.08
C LEU A 102 0.78 8.69 20.34
N SER A 103 -0.19 9.57 20.52
CA SER A 103 -1.07 9.49 21.68
C SER A 103 -0.29 9.82 22.94
N GLY A 104 0.57 8.90 23.34
CA GLY A 104 1.39 9.08 24.53
C GLY A 104 2.58 8.12 24.53
N PRO A 105 3.80 8.73 24.48
CA PRO A 105 5.02 7.94 24.48
C PRO A 105 5.32 7.38 25.86
N SER A 106 6.11 6.33 25.88
CA SER A 106 6.48 5.69 27.14
C SER A 106 7.55 4.62 26.89
N SER A 107 8.53 4.59 27.78
CA SER A 107 9.62 3.63 27.67
C SER A 107 10.32 3.79 26.32
N GLY A 108 11.50 4.41 26.38
CA GLY A 108 12.27 4.63 25.18
C GLY A 108 12.29 6.12 24.80
N GLY A 1 0.75 -20.71 -12.25
CA GLY A 1 1.31 -20.96 -13.56
C GLY A 1 0.24 -20.85 -14.65
N SER A 2 0.53 -20.02 -15.64
CA SER A 2 -0.40 -19.81 -16.74
C SER A 2 0.37 -19.34 -17.98
N SER A 3 -0.24 -19.58 -19.13
CA SER A 3 0.37 -19.18 -20.39
C SER A 3 -0.21 -17.83 -20.86
N GLY A 4 -0.72 -17.08 -19.88
CA GLY A 4 -1.30 -15.78 -20.17
C GLY A 4 -0.21 -14.72 -20.31
N SER A 5 -0.57 -13.63 -20.99
CA SER A 5 0.36 -12.55 -21.20
C SER A 5 0.29 -11.56 -20.03
N SER A 6 1.45 -11.10 -19.61
CA SER A 6 1.53 -10.15 -18.51
C SER A 6 2.68 -9.17 -18.74
N GLY A 7 2.31 -7.93 -19.03
CA GLY A 7 3.31 -6.90 -19.28
C GLY A 7 3.03 -5.66 -18.40
N LEU A 8 2.53 -5.93 -17.21
CA LEU A 8 2.23 -4.86 -16.27
C LEU A 8 3.26 -4.86 -15.15
N SER A 9 3.89 -3.71 -14.96
CA SER A 9 4.89 -3.56 -13.92
C SER A 9 4.24 -3.09 -12.62
N PRO A 10 4.80 -3.59 -11.49
CA PRO A 10 4.28 -3.23 -10.17
C PRO A 10 4.70 -1.81 -9.80
N PRO A 11 4.14 -1.33 -8.65
CA PRO A 11 4.45 0.01 -8.18
C PRO A 11 5.85 0.05 -7.54
N ARG A 12 6.23 1.25 -7.14
CA ARG A 12 7.53 1.45 -6.52
C ARG A 12 7.48 2.60 -5.51
N GLY A 13 8.57 2.75 -4.78
CA GLY A 13 8.66 3.80 -3.78
C GLY A 13 7.42 3.82 -2.89
N LEU A 14 7.14 2.67 -2.28
CA LEU A 14 5.99 2.55 -1.40
C LEU A 14 6.43 2.81 0.04
N VAL A 15 5.82 3.84 0.63
CA VAL A 15 6.14 4.21 2.00
C VAL A 15 4.83 4.39 2.78
N ALA A 16 4.97 4.48 4.10
CA ALA A 16 3.82 4.65 4.96
C ALA A 16 4.21 5.55 6.14
N VAL A 17 3.60 6.72 6.17
CA VAL A 17 3.87 7.68 7.23
C VAL A 17 2.63 7.81 8.13
N ARG A 18 2.74 7.24 9.32
CA ARG A 18 1.64 7.28 10.27
C ARG A 18 1.38 8.72 10.71
N THR A 19 0.11 9.06 10.83
CA THR A 19 -0.29 10.39 11.25
C THR A 19 -1.44 10.32 12.25
N PRO A 20 -1.80 11.50 12.81
CA PRO A 20 -2.88 11.59 13.78
C PRO A 20 -4.23 11.46 13.10
N ARG A 21 -4.19 11.18 11.80
CA ARG A 21 -5.40 11.03 11.02
C ARG A 21 -5.32 9.78 10.14
N GLY A 22 -4.30 8.99 10.38
CA GLY A 22 -4.08 7.77 9.62
C GLY A 22 -2.62 7.65 9.18
N VAL A 23 -2.44 7.04 8.02
CA VAL A 23 -1.11 6.84 7.48
C VAL A 23 -1.10 7.25 6.00
N LEU A 24 -0.20 8.17 5.67
CA LEU A 24 -0.08 8.65 4.31
C LEU A 24 0.92 7.77 3.55
N LEU A 25 0.37 6.91 2.71
CA LEU A 25 1.20 6.01 1.91
C LEU A 25 1.59 6.70 0.60
N HIS A 26 2.86 6.58 0.27
CA HIS A 26 3.37 7.19 -0.96
C HIS A 26 3.98 6.10 -1.85
N TRP A 27 3.39 5.94 -3.03
CA TRP A 27 3.85 4.96 -3.98
C TRP A 27 4.15 5.67 -5.30
N ASP A 28 4.65 4.90 -6.25
CA ASP A 28 4.98 5.44 -7.56
C ASP A 28 4.20 4.67 -8.63
N PRO A 29 3.90 5.38 -9.74
CA PRO A 29 3.16 4.78 -10.84
C PRO A 29 4.06 3.85 -11.65
N PRO A 30 3.42 2.79 -12.22
CA PRO A 30 4.15 1.82 -13.02
C PRO A 30 4.51 2.39 -14.40
N GLU A 31 5.80 2.42 -14.67
CA GLU A 31 6.29 2.93 -15.94
C GLU A 31 6.07 1.90 -17.05
N LEU A 32 5.93 0.65 -16.63
CA LEU A 32 5.71 -0.43 -17.58
C LEU A 32 4.30 -0.98 -17.41
N VAL A 33 3.37 -0.36 -18.11
CA VAL A 33 1.97 -0.78 -18.04
C VAL A 33 1.49 -1.16 -19.44
N PRO A 34 0.53 -2.13 -19.47
CA PRO A 34 -0.02 -2.59 -20.73
C PRO A 34 -0.99 -1.57 -21.32
N LYS A 35 -1.68 -0.88 -20.42
CA LYS A 35 -2.65 0.13 -20.84
C LYS A 35 -2.74 1.21 -19.75
N ARG A 36 -3.87 1.22 -19.06
CA ARG A 36 -4.10 2.18 -18.00
C ARG A 36 -4.24 1.47 -16.66
N LEU A 37 -3.95 2.22 -15.61
CA LEU A 37 -4.04 1.68 -14.26
C LEU A 37 -5.51 1.60 -13.84
N ASP A 38 -6.01 0.38 -13.75
CA ASP A 38 -7.39 0.16 -13.35
C ASP A 38 -7.58 0.57 -11.89
N GLY A 39 -6.57 0.26 -11.09
CA GLY A 39 -6.61 0.59 -9.68
C GLY A 39 -5.69 -0.33 -8.87
N TYR A 40 -5.18 0.20 -7.78
CA TYR A 40 -4.30 -0.57 -6.92
C TYR A 40 -5.06 -1.19 -5.75
N VAL A 41 -4.34 -1.95 -4.94
CA VAL A 41 -4.94 -2.61 -3.79
C VAL A 41 -4.03 -2.42 -2.57
N LEU A 42 -4.52 -1.64 -1.62
CA LEU A 42 -3.77 -1.38 -0.41
C LEU A 42 -4.01 -2.50 0.60
N GLU A 43 -2.98 -3.30 0.82
CA GLU A 43 -3.09 -4.41 1.76
C GLU A 43 -2.13 -4.21 2.93
N GLY A 44 -2.71 -4.04 4.11
CA GLY A 44 -1.93 -3.83 5.31
C GLY A 44 -2.21 -4.92 6.34
N ARG A 45 -1.49 -4.84 7.46
CA ARG A 45 -1.65 -5.81 8.53
C ARG A 45 -0.66 -5.52 9.66
N GLN A 46 -1.08 -5.87 10.87
CA GLN A 46 -0.25 -5.66 12.04
C GLN A 46 0.20 -6.99 12.63
N GLY A 47 1.36 -6.97 13.26
CA GLY A 47 1.90 -8.17 13.86
C GLY A 47 1.95 -9.32 12.86
N SER A 48 1.40 -10.45 13.28
CA SER A 48 1.38 -11.63 12.44
C SER A 48 -0.07 -12.00 12.11
N GLN A 49 -0.86 -10.99 11.78
CA GLN A 49 -2.25 -11.20 11.46
C GLN A 49 -2.41 -11.45 9.95
N GLY A 50 -3.67 -11.59 9.54
CA GLY A 50 -3.97 -11.83 8.14
C GLY A 50 -3.96 -10.52 7.35
N TRP A 51 -3.45 -10.61 6.12
CA TRP A 51 -3.37 -9.45 5.26
C TRP A 51 -4.79 -8.91 5.06
N GLU A 52 -5.02 -7.73 5.61
CA GLU A 52 -6.32 -7.10 5.51
C GLU A 52 -6.30 -6.03 4.41
N VAL A 53 -7.00 -6.32 3.33
CA VAL A 53 -7.07 -5.39 2.21
C VAL A 53 -7.74 -4.10 2.67
N LEU A 54 -6.92 -3.07 2.83
CA LEU A 54 -7.41 -1.78 3.27
C LEU A 54 -8.35 -1.21 2.20
N ASP A 55 -7.91 -1.32 0.95
CA ASP A 55 -8.69 -0.82 -0.16
C ASP A 55 -8.13 -1.41 -1.47
N PRO A 56 -8.88 -2.40 -2.02
CA PRO A 56 -8.47 -3.05 -3.26
C PRO A 56 -8.74 -2.14 -4.46
N ALA A 57 -9.56 -1.14 -4.23
CA ALA A 57 -9.91 -0.19 -5.29
C ALA A 57 -9.30 1.18 -4.96
N VAL A 58 -8.18 1.45 -5.62
CA VAL A 58 -7.48 2.71 -5.41
C VAL A 58 -7.28 3.40 -6.75
N ALA A 59 -7.52 4.70 -6.77
CA ALA A 59 -7.35 5.49 -7.98
C ALA A 59 -6.10 5.01 -8.72
N GLY A 60 -6.29 4.71 -10.01
CA GLY A 60 -5.19 4.26 -10.83
C GLY A 60 -4.23 5.40 -11.14
N THR A 61 -4.65 6.60 -10.80
CA THR A 61 -3.84 7.79 -11.02
C THR A 61 -3.27 8.32 -9.71
N GLU A 62 -3.76 7.74 -8.62
CA GLU A 62 -3.32 8.15 -7.29
C GLU A 62 -1.88 7.67 -7.05
N THR A 63 -1.22 8.34 -6.12
CA THR A 63 0.15 8.00 -5.78
C THR A 63 0.32 7.92 -4.26
N GLU A 64 -0.80 8.03 -3.57
CA GLU A 64 -0.79 7.97 -2.12
C GLU A 64 -2.21 7.82 -1.58
N LEU A 65 -2.30 7.44 -0.31
CA LEU A 65 -3.58 7.27 0.33
C LEU A 65 -3.42 7.44 1.84
N LEU A 66 -4.51 7.86 2.48
CA LEU A 66 -4.50 8.06 3.91
C LEU A 66 -5.43 7.04 4.57
N VAL A 67 -4.89 6.35 5.58
CA VAL A 67 -5.66 5.34 6.29
C VAL A 67 -5.73 5.73 7.77
N PRO A 68 -6.93 6.22 8.17
CA PRO A 68 -7.16 6.63 9.55
C PRO A 68 -7.30 5.41 10.47
N GLY A 69 -7.46 4.26 9.84
CA GLY A 69 -7.62 3.02 10.58
C GLY A 69 -6.46 2.82 11.56
N LEU A 70 -5.62 1.84 11.25
CA LEU A 70 -4.48 1.54 12.09
C LEU A 70 -4.92 1.48 13.55
N ILE A 71 -3.95 1.30 14.43
CA ILE A 71 -4.23 1.23 15.85
C ILE A 71 -3.03 1.76 16.64
N LYS A 72 -2.86 1.23 17.83
CA LYS A 72 -1.75 1.65 18.69
C LYS A 72 -1.04 0.40 19.22
N ASP A 73 0.25 0.56 19.45
CA ASP A 73 1.06 -0.54 19.97
C ASP A 73 1.05 -1.69 18.95
N VAL A 74 1.15 -1.33 17.68
CA VAL A 74 1.15 -2.32 16.63
C VAL A 74 1.84 -1.74 15.39
N LEU A 75 2.37 -2.62 14.56
CA LEU A 75 3.05 -2.22 13.35
C LEU A 75 2.25 -2.69 12.13
N TYR A 76 1.44 -1.78 11.61
CA TYR A 76 0.62 -2.10 10.45
C TYR A 76 1.44 -1.95 9.16
N GLU A 77 1.42 -3.03 8.38
CA GLU A 77 2.15 -3.04 7.12
C GLU A 77 1.25 -2.56 5.98
N PHE A 78 1.82 -2.55 4.78
CA PHE A 78 1.08 -2.11 3.62
C PHE A 78 1.77 -2.58 2.33
N ARG A 79 0.94 -2.86 1.33
CA ARG A 79 1.45 -3.33 0.04
C ARG A 79 0.51 -2.91 -1.08
N LEU A 80 1.09 -2.28 -2.09
CA LEU A 80 0.30 -1.84 -3.24
C LEU A 80 0.51 -2.81 -4.41
N VAL A 81 -0.59 -3.18 -5.03
CA VAL A 81 -0.55 -4.10 -6.16
C VAL A 81 -1.26 -3.46 -7.36
N ALA A 82 -0.46 -3.01 -8.32
CA ALA A 82 -1.01 -2.39 -9.51
C ALA A 82 -1.56 -3.47 -10.44
N PHE A 83 -2.88 -3.50 -10.56
CA PHE A 83 -3.54 -4.48 -11.41
C PHE A 83 -4.35 -3.78 -12.50
N ALA A 84 -4.12 -4.22 -13.73
CA ALA A 84 -4.83 -3.66 -14.87
C ALA A 84 -5.75 -4.72 -15.47
N GLY A 85 -7.04 -4.53 -15.26
CA GLY A 85 -8.03 -5.47 -15.77
C GLY A 85 -7.65 -6.91 -15.44
N SER A 86 -7.33 -7.65 -16.49
CA SER A 86 -6.95 -9.05 -16.31
C SER A 86 -5.51 -9.14 -15.80
N PHE A 87 -4.74 -8.11 -16.12
CA PHE A 87 -3.34 -8.06 -15.71
C PHE A 87 -3.23 -7.65 -14.23
N VAL A 88 -2.39 -8.38 -13.51
CA VAL A 88 -2.18 -8.11 -12.10
C VAL A 88 -0.68 -8.07 -11.82
N SER A 89 -0.25 -6.95 -11.25
CA SER A 89 1.15 -6.76 -10.91
C SER A 89 1.42 -7.24 -9.49
N ASP A 90 2.69 -7.36 -9.15
CA ASP A 90 3.09 -7.79 -7.83
C ASP A 90 2.96 -6.63 -6.85
N PRO A 91 2.83 -6.99 -5.54
CA PRO A 91 2.69 -5.98 -4.50
C PRO A 91 4.03 -5.31 -4.21
N SER A 92 4.12 -4.05 -4.60
CA SER A 92 5.33 -3.27 -4.39
C SER A 92 5.87 -3.52 -2.98
N ASN A 93 7.07 -3.04 -2.74
CA ASN A 93 7.71 -3.19 -1.44
C ASN A 93 6.65 -3.02 -0.34
N THR A 94 6.97 -3.58 0.82
CA THR A 94 6.06 -3.50 1.95
C THR A 94 6.43 -2.31 2.84
N ALA A 95 5.41 -1.57 3.25
CA ALA A 95 5.61 -0.42 4.10
C ALA A 95 5.18 -0.76 5.52
N ASN A 96 5.75 -0.02 6.47
CA ASN A 96 5.43 -0.24 7.87
C ASN A 96 5.57 1.08 8.63
N VAL A 97 4.68 1.27 9.59
CA VAL A 97 4.70 2.49 10.40
C VAL A 97 4.69 2.11 11.88
N SER A 98 5.15 3.04 12.70
CA SER A 98 5.20 2.83 14.13
C SER A 98 4.12 3.65 14.83
N THR A 99 3.73 3.19 16.01
CA THR A 99 2.70 3.87 16.78
C THR A 99 2.95 3.67 18.28
N SER A 100 4.15 4.03 18.70
CA SER A 100 4.53 3.90 20.10
C SER A 100 4.73 5.28 20.72
N GLY A 101 5.17 6.21 19.89
CA GLY A 101 5.41 7.57 20.33
C GLY A 101 5.45 8.54 19.15
N LEU A 102 4.47 8.38 18.27
CA LEU A 102 4.38 9.24 17.10
C LEU A 102 3.46 10.42 17.40
N SER A 103 3.44 11.37 16.47
CA SER A 103 2.62 12.55 16.63
C SER A 103 2.94 13.25 17.95
N GLY A 104 3.97 14.09 17.91
CA GLY A 104 4.39 14.82 19.10
C GLY A 104 5.91 14.98 19.12
N PRO A 105 6.54 14.30 20.12
CA PRO A 105 7.99 14.37 20.27
C PRO A 105 8.68 13.51 19.21
N SER A 106 10.00 13.51 19.28
CA SER A 106 10.80 12.74 18.34
C SER A 106 12.27 12.80 18.73
N SER A 107 12.92 11.63 18.66
CA SER A 107 14.32 11.54 19.01
C SER A 107 15.15 11.23 17.76
N GLY A 108 16.31 11.87 17.69
CA GLY A 108 17.20 11.68 16.56
C GLY A 108 18.13 12.87 16.38
N GLY A 1 3.63 -25.94 -17.28
CA GLY A 1 3.54 -24.93 -18.31
C GLY A 1 3.48 -23.52 -17.71
N SER A 2 3.13 -22.56 -18.56
CA SER A 2 3.03 -21.18 -18.12
C SER A 2 2.36 -20.33 -19.21
N SER A 3 1.24 -19.73 -18.83
CA SER A 3 0.50 -18.89 -19.76
C SER A 3 0.34 -17.49 -19.18
N GLY A 4 1.21 -17.17 -18.23
CA GLY A 4 1.17 -15.87 -17.60
C GLY A 4 0.83 -14.76 -18.61
N SER A 5 1.87 -14.30 -19.29
CA SER A 5 1.70 -13.26 -20.29
C SER A 5 1.23 -11.96 -19.61
N SER A 6 2.16 -11.31 -18.94
CA SER A 6 1.86 -10.08 -18.25
C SER A 6 2.69 -8.93 -18.84
N GLY A 7 2.17 -7.72 -18.69
CA GLY A 7 2.86 -6.55 -19.20
C GLY A 7 2.61 -5.34 -18.30
N LEU A 8 2.18 -5.62 -17.08
CA LEU A 8 1.90 -4.58 -16.11
C LEU A 8 2.92 -4.65 -14.98
N SER A 9 3.64 -3.55 -14.80
CA SER A 9 4.65 -3.47 -13.76
C SER A 9 4.02 -2.97 -12.46
N PRO A 10 4.53 -3.52 -11.32
CA PRO A 10 4.03 -3.14 -10.01
C PRO A 10 4.53 -1.75 -9.61
N PRO A 11 4.01 -1.26 -8.47
CA PRO A 11 4.39 0.06 -7.97
C PRO A 11 5.78 0.03 -7.36
N ARG A 12 6.21 1.20 -6.89
CA ARG A 12 7.53 1.31 -6.28
C ARG A 12 7.51 2.41 -5.21
N GLY A 13 8.59 2.44 -4.43
CA GLY A 13 8.71 3.43 -3.36
C GLY A 13 7.40 3.56 -2.59
N LEU A 14 7.12 2.52 -1.79
CA LEU A 14 5.90 2.51 -1.00
C LEU A 14 6.27 2.71 0.48
N VAL A 15 5.85 3.84 1.02
CA VAL A 15 6.13 4.15 2.41
C VAL A 15 4.82 4.49 3.12
N ALA A 16 4.87 4.46 4.44
CA ALA A 16 3.70 4.76 5.25
C ALA A 16 4.08 5.77 6.34
N VAL A 17 3.58 6.98 6.18
CA VAL A 17 3.87 8.04 7.14
C VAL A 17 2.70 8.17 8.11
N ARG A 18 2.88 7.59 9.29
CA ARG A 18 1.85 7.64 10.31
C ARG A 18 1.65 9.07 10.80
N THR A 19 0.39 9.49 10.77
CA THR A 19 0.04 10.84 11.20
C THR A 19 -1.09 10.80 12.22
N PRO A 20 -1.52 12.01 12.66
CA PRO A 20 -2.60 12.12 13.62
C PRO A 20 -3.95 11.83 12.99
N ARG A 21 -3.94 11.76 11.66
CA ARG A 21 -5.15 11.49 10.91
C ARG A 21 -5.08 10.12 10.25
N GLY A 22 -3.89 9.54 10.28
CA GLY A 22 -3.66 8.23 9.70
C GLY A 22 -2.29 8.14 9.06
N VAL A 23 -2.06 7.04 8.35
CA VAL A 23 -0.78 6.82 7.69
C VAL A 23 -0.95 7.05 6.19
N LEU A 24 -0.28 8.08 5.70
CA LEU A 24 -0.34 8.41 4.28
C LEU A 24 0.66 7.55 3.52
N LEU A 25 0.12 6.64 2.72
CA LEU A 25 0.96 5.76 1.93
C LEU A 25 1.44 6.50 0.68
N HIS A 26 2.74 6.39 0.44
CA HIS A 26 3.34 7.05 -0.72
C HIS A 26 3.95 5.99 -1.64
N TRP A 27 3.30 5.80 -2.78
CA TRP A 27 3.77 4.83 -3.75
C TRP A 27 4.08 5.57 -5.05
N ASP A 28 4.68 4.85 -5.98
CA ASP A 28 5.03 5.43 -7.28
C ASP A 28 4.27 4.70 -8.38
N PRO A 29 4.02 5.44 -9.49
CA PRO A 29 3.31 4.87 -10.63
C PRO A 29 4.21 3.93 -11.42
N PRO A 30 3.57 2.88 -12.01
CA PRO A 30 4.30 1.91 -12.79
C PRO A 30 4.68 2.48 -14.17
N GLU A 31 5.98 2.48 -14.43
CA GLU A 31 6.49 2.99 -15.69
C GLU A 31 6.31 1.96 -16.79
N LEU A 32 5.99 0.75 -16.38
CA LEU A 32 5.78 -0.34 -17.33
C LEU A 32 4.33 -0.83 -17.22
N VAL A 33 3.44 -0.13 -17.91
CA VAL A 33 2.03 -0.49 -17.90
C VAL A 33 1.60 -0.85 -19.31
N PRO A 34 0.57 -1.73 -19.40
CA PRO A 34 0.05 -2.17 -20.68
C PRO A 34 -0.80 -1.08 -21.33
N LYS A 35 -1.49 -0.33 -20.48
CA LYS A 35 -2.35 0.74 -20.95
C LYS A 35 -2.67 1.69 -19.79
N ARG A 36 -3.88 1.53 -19.27
CA ARG A 36 -4.32 2.35 -18.15
C ARG A 36 -4.46 1.50 -16.89
N LEU A 37 -4.17 2.14 -15.76
CA LEU A 37 -4.26 1.46 -14.48
C LEU A 37 -5.72 1.38 -14.03
N ASP A 38 -6.18 0.16 -13.79
CA ASP A 38 -7.55 -0.06 -13.37
C ASP A 38 -7.70 0.35 -11.90
N GLY A 39 -6.58 0.33 -11.19
CA GLY A 39 -6.57 0.69 -9.79
C GLY A 39 -5.69 -0.26 -8.98
N TYR A 40 -5.20 0.25 -7.86
CA TYR A 40 -4.34 -0.55 -6.99
C TYR A 40 -5.15 -1.17 -5.84
N VAL A 41 -4.45 -1.94 -5.02
CA VAL A 41 -5.09 -2.59 -3.89
C VAL A 41 -4.15 -2.52 -2.68
N LEU A 42 -4.52 -1.66 -1.74
CA LEU A 42 -3.73 -1.49 -0.53
C LEU A 42 -4.04 -2.64 0.43
N GLU A 43 -2.97 -3.31 0.84
CA GLU A 43 -3.10 -4.42 1.77
C GLU A 43 -2.16 -4.25 2.96
N GLY A 44 -2.77 -4.12 4.13
CA GLY A 44 -2.01 -3.94 5.36
C GLY A 44 -2.28 -5.08 6.35
N ARG A 45 -1.63 -4.99 7.49
CA ARG A 45 -1.79 -5.99 8.53
C ARG A 45 -0.84 -5.72 9.69
N GLN A 46 -1.24 -6.17 10.87
CA GLN A 46 -0.43 -5.98 12.06
C GLN A 46 0.54 -7.16 12.23
N GLY A 47 1.69 -6.85 12.82
CA GLY A 47 2.71 -7.85 13.05
C GLY A 47 2.71 -8.90 11.93
N SER A 48 2.07 -10.02 12.21
CA SER A 48 1.99 -11.10 11.24
C SER A 48 0.53 -11.56 11.10
N GLN A 49 -0.37 -10.59 11.12
CA GLN A 49 -1.79 -10.88 11.00
C GLN A 49 -2.14 -11.18 9.54
N GLY A 50 -3.43 -11.34 9.30
CA GLY A 50 -3.91 -11.63 7.95
C GLY A 50 -3.92 -10.36 7.09
N TRP A 51 -3.48 -10.52 5.85
CA TRP A 51 -3.43 -9.41 4.93
C TRP A 51 -4.86 -8.93 4.70
N GLU A 52 -5.20 -7.83 5.36
CA GLU A 52 -6.53 -7.26 5.23
C GLU A 52 -6.55 -6.21 4.12
N VAL A 53 -7.36 -6.49 3.11
CA VAL A 53 -7.48 -5.59 1.98
C VAL A 53 -8.05 -4.24 2.46
N LEU A 54 -7.18 -3.26 2.54
CA LEU A 54 -7.59 -1.93 2.98
C LEU A 54 -8.49 -1.30 1.92
N ASP A 55 -7.99 -1.29 0.69
CA ASP A 55 -8.74 -0.73 -0.42
C ASP A 55 -8.23 -1.32 -1.73
N PRO A 56 -9.01 -2.30 -2.27
CA PRO A 56 -8.65 -2.95 -3.51
C PRO A 56 -8.92 -2.04 -4.71
N ALA A 57 -9.77 -1.04 -4.48
CA ALA A 57 -10.11 -0.10 -5.52
C ALA A 57 -9.46 1.25 -5.22
N VAL A 58 -8.31 1.47 -5.83
CA VAL A 58 -7.58 2.71 -5.64
C VAL A 58 -7.28 3.33 -7.01
N ALA A 59 -7.78 4.54 -7.19
CA ALA A 59 -7.57 5.25 -8.44
C ALA A 59 -6.26 4.78 -9.07
N GLY A 60 -6.32 4.59 -10.38
CA GLY A 60 -5.15 4.15 -11.12
C GLY A 60 -4.22 5.31 -11.43
N THR A 61 -4.50 6.44 -10.80
CA THR A 61 -3.70 7.63 -10.98
C THR A 61 -3.22 8.18 -9.64
N GLU A 62 -3.61 7.49 -8.58
CA GLU A 62 -3.24 7.90 -7.24
C GLU A 62 -1.78 7.53 -6.95
N THR A 63 -1.18 8.29 -6.06
CA THR A 63 0.21 8.05 -5.70
C THR A 63 0.35 7.91 -4.18
N GLU A 64 -0.79 7.99 -3.51
CA GLU A 64 -0.82 7.87 -2.05
C GLU A 64 -2.26 7.69 -1.57
N LEU A 65 -2.37 7.30 -0.30
CA LEU A 65 -3.68 7.10 0.29
C LEU A 65 -3.54 7.10 1.82
N LEU A 66 -4.62 7.48 2.48
CA LEU A 66 -4.64 7.55 3.94
C LEU A 66 -5.30 6.28 4.49
N VAL A 67 -4.72 5.76 5.56
CA VAL A 67 -5.25 4.56 6.18
C VAL A 67 -5.21 4.73 7.70
N PRO A 68 -6.29 5.36 8.24
CA PRO A 68 -6.39 5.58 9.67
C PRO A 68 -6.72 4.28 10.42
N GLY A 69 -7.28 3.35 9.67
CA GLY A 69 -7.65 2.06 10.24
C GLY A 69 -6.64 1.61 11.30
N LEU A 70 -5.38 1.80 10.97
CA LEU A 70 -4.31 1.42 11.88
C LEU A 70 -4.71 1.78 13.31
N ILE A 71 -4.04 1.14 14.26
CA ILE A 71 -4.33 1.38 15.66
C ILE A 71 -3.09 1.99 16.32
N LYS A 72 -2.98 1.77 17.62
CA LYS A 72 -1.86 2.28 18.39
C LYS A 72 -1.20 1.15 19.17
N ASP A 73 0.13 1.15 19.15
CA ASP A 73 0.88 0.13 19.85
C ASP A 73 0.98 -1.13 18.97
N VAL A 74 0.77 -0.92 17.68
CA VAL A 74 0.83 -2.02 16.72
C VAL A 74 1.59 -1.55 15.48
N LEU A 75 2.13 -2.54 14.76
CA LEU A 75 2.88 -2.25 13.55
C LEU A 75 2.12 -2.79 12.34
N TYR A 76 1.34 -1.90 11.73
CA TYR A 76 0.56 -2.27 10.56
C TYR A 76 1.40 -2.20 9.28
N GLU A 77 1.25 -3.21 8.45
CA GLU A 77 1.99 -3.27 7.20
C GLU A 77 1.15 -2.70 6.06
N PHE A 78 1.74 -2.69 4.88
CA PHE A 78 1.05 -2.18 3.69
C PHE A 78 1.70 -2.70 2.41
N ARG A 79 0.87 -2.85 1.39
CA ARG A 79 1.35 -3.33 0.11
C ARG A 79 0.37 -2.97 -1.01
N LEU A 80 0.91 -2.35 -2.05
CA LEU A 80 0.09 -1.94 -3.18
C LEU A 80 0.30 -2.92 -4.33
N VAL A 81 -0.79 -3.18 -5.05
CA VAL A 81 -0.74 -4.10 -6.17
C VAL A 81 -1.41 -3.44 -7.39
N ALA A 82 -0.56 -3.02 -8.32
CA ALA A 82 -1.04 -2.37 -9.53
C ALA A 82 -1.59 -3.43 -10.48
N PHE A 83 -2.91 -3.42 -10.64
CA PHE A 83 -3.56 -4.37 -11.52
C PHE A 83 -4.34 -3.66 -12.63
N ALA A 84 -4.22 -4.21 -13.83
CA ALA A 84 -4.91 -3.64 -14.98
C ALA A 84 -5.76 -4.71 -15.65
N GLY A 85 -7.07 -4.58 -15.45
CA GLY A 85 -8.00 -5.53 -16.03
C GLY A 85 -7.32 -6.88 -16.30
N SER A 86 -7.46 -7.78 -15.33
CA SER A 86 -6.87 -9.10 -15.44
C SER A 86 -5.42 -9.07 -14.94
N PHE A 87 -4.61 -8.27 -15.61
CA PHE A 87 -3.21 -8.15 -15.24
C PHE A 87 -3.06 -7.67 -13.79
N VAL A 88 -2.43 -8.51 -12.99
CA VAL A 88 -2.21 -8.19 -11.58
C VAL A 88 -0.70 -8.14 -11.30
N SER A 89 -0.23 -6.94 -11.02
CA SER A 89 1.17 -6.75 -10.72
C SER A 89 1.49 -7.24 -9.31
N ASP A 90 2.77 -7.37 -9.03
CA ASP A 90 3.23 -7.82 -7.72
C ASP A 90 3.01 -6.72 -6.70
N PRO A 91 2.88 -7.13 -5.42
CA PRO A 91 2.67 -6.19 -4.34
C PRO A 91 3.97 -5.45 -4.00
N SER A 92 4.03 -4.19 -4.42
CA SER A 92 5.20 -3.37 -4.18
C SER A 92 5.74 -3.63 -2.76
N ASN A 93 6.97 -3.19 -2.55
CA ASN A 93 7.60 -3.37 -1.25
C ASN A 93 6.56 -3.20 -0.15
N THR A 94 6.85 -3.81 0.99
CA THR A 94 5.95 -3.73 2.14
C THR A 94 6.20 -2.44 2.92
N ALA A 95 5.10 -1.79 3.30
CA ALA A 95 5.18 -0.56 4.05
C ALA A 95 4.74 -0.81 5.50
N ASN A 96 5.61 -0.44 6.42
CA ASN A 96 5.32 -0.62 7.83
C ASN A 96 5.15 0.75 8.50
N VAL A 97 4.29 0.78 9.51
CA VAL A 97 4.02 2.01 10.22
C VAL A 97 4.36 1.82 11.70
N SER A 98 4.81 2.89 12.33
CA SER A 98 5.17 2.84 13.73
C SER A 98 4.20 3.70 14.54
N THR A 99 4.14 3.41 15.83
CA THR A 99 3.26 4.14 16.73
C THR A 99 3.60 3.83 18.18
N SER A 100 4.75 4.32 18.61
CA SER A 100 5.20 4.10 19.97
C SER A 100 5.21 5.43 20.74
N GLY A 101 5.46 6.51 20.01
CA GLY A 101 5.49 7.83 20.60
C GLY A 101 5.46 8.91 19.53
N LEU A 102 4.46 8.84 18.67
CA LEU A 102 4.32 9.81 17.60
C LEU A 102 3.42 10.95 18.07
N SER A 103 3.70 12.14 17.56
CA SER A 103 2.93 13.32 17.91
C SER A 103 3.36 13.85 19.28
N GLY A 104 3.05 13.07 20.31
CA GLY A 104 3.40 13.44 21.66
C GLY A 104 2.19 13.37 22.59
N PRO A 105 2.28 12.46 23.60
CA PRO A 105 1.21 12.29 24.56
C PRO A 105 1.16 13.45 25.55
N SER A 106 -0.02 14.03 25.67
CA SER A 106 -0.23 15.15 26.58
C SER A 106 0.53 14.90 27.89
N SER A 107 1.55 15.72 28.12
CA SER A 107 2.35 15.59 29.32
C SER A 107 3.33 16.75 29.41
N GLY A 108 3.30 17.44 30.55
CA GLY A 108 4.19 18.57 30.77
C GLY A 108 5.38 18.16 31.65
N GLY A 1 1.42 -22.50 -24.20
CA GLY A 1 1.77 -21.95 -25.50
C GLY A 1 2.26 -20.52 -25.37
N SER A 2 3.33 -20.36 -24.62
CA SER A 2 3.91 -19.03 -24.41
C SER A 2 2.93 -18.15 -23.64
N SER A 3 3.35 -17.72 -22.47
CA SER A 3 2.53 -16.87 -21.63
C SER A 3 3.19 -15.50 -21.45
N GLY A 4 3.88 -15.08 -22.49
CA GLY A 4 4.56 -13.80 -22.46
C GLY A 4 3.64 -12.67 -22.93
N SER A 5 2.58 -12.47 -22.16
CA SER A 5 1.61 -11.43 -22.48
C SER A 5 1.63 -10.35 -21.40
N SER A 6 1.28 -10.76 -20.19
CA SER A 6 1.25 -9.85 -19.06
C SER A 6 2.52 -8.97 -19.06
N GLY A 7 2.29 -7.67 -18.97
CA GLY A 7 3.41 -6.72 -18.96
C GLY A 7 3.07 -5.51 -18.10
N LEU A 8 2.52 -5.78 -16.92
CA LEU A 8 2.16 -4.72 -16.01
C LEU A 8 3.17 -4.67 -14.86
N SER A 9 3.86 -3.55 -14.76
CA SER A 9 4.86 -3.36 -13.72
C SER A 9 4.19 -2.88 -12.44
N PRO A 10 4.67 -3.43 -11.29
CA PRO A 10 4.14 -3.06 -9.99
C PRO A 10 4.62 -1.67 -9.57
N PRO A 11 4.06 -1.19 -8.42
CA PRO A 11 4.42 0.11 -7.90
C PRO A 11 5.81 0.09 -7.26
N ARG A 12 6.29 1.27 -6.91
CA ARG A 12 7.60 1.40 -6.29
C ARG A 12 7.59 2.54 -5.28
N GLY A 13 8.69 2.62 -4.53
CA GLY A 13 8.82 3.66 -3.51
C GLY A 13 7.54 3.80 -2.70
N LEU A 14 7.23 2.74 -1.95
CA LEU A 14 6.04 2.73 -1.13
C LEU A 14 6.44 2.93 0.33
N VAL A 15 5.99 4.04 0.90
CA VAL A 15 6.30 4.35 2.29
C VAL A 15 5.02 4.77 3.01
N ALA A 16 4.98 4.48 4.30
CA ALA A 16 3.82 4.81 5.11
C ALA A 16 4.19 5.91 6.10
N VAL A 17 3.53 7.05 5.96
CA VAL A 17 3.78 8.18 6.83
C VAL A 17 2.62 8.34 7.81
N ARG A 18 2.88 8.02 9.06
CA ARG A 18 1.87 8.12 10.10
C ARG A 18 1.49 9.58 10.33
N THR A 19 0.21 9.86 10.19
CA THR A 19 -0.29 11.20 10.38
C THR A 19 -1.43 11.22 11.41
N PRO A 20 -1.82 12.45 11.83
CA PRO A 20 -2.88 12.60 12.81
C PRO A 20 -4.25 12.35 12.17
N ARG A 21 -4.22 12.05 10.87
CA ARG A 21 -5.45 11.79 10.14
C ARG A 21 -5.49 10.32 9.69
N GLY A 22 -4.33 9.68 9.79
CA GLY A 22 -4.22 8.28 9.40
C GLY A 22 -2.82 7.97 8.90
N VAL A 23 -2.75 7.06 7.94
CA VAL A 23 -1.47 6.66 7.38
C VAL A 23 -1.51 6.84 5.86
N LEU A 24 -0.62 7.69 5.38
CA LEU A 24 -0.55 7.96 3.95
C LEU A 24 0.55 7.10 3.33
N LEU A 25 0.16 6.32 2.33
CA LEU A 25 1.11 5.45 1.65
C LEU A 25 1.55 6.12 0.35
N HIS A 26 2.81 6.55 0.34
CA HIS A 26 3.36 7.19 -0.83
C HIS A 26 4.05 6.15 -1.72
N TRP A 27 3.42 5.89 -2.86
CA TRP A 27 3.96 4.91 -3.80
C TRP A 27 4.27 5.64 -5.11
N ASP A 28 4.82 4.89 -6.05
CA ASP A 28 5.17 5.46 -7.34
C ASP A 28 4.39 4.72 -8.43
N PRO A 29 4.06 5.48 -9.51
CA PRO A 29 3.33 4.91 -10.63
C PRO A 29 4.24 4.02 -11.49
N PRO A 30 3.66 2.88 -11.94
CA PRO A 30 4.40 1.94 -12.77
C PRO A 30 4.56 2.47 -14.19
N GLU A 31 5.79 2.43 -14.67
CA GLU A 31 6.09 2.91 -16.02
C GLU A 31 5.60 1.89 -17.05
N LEU A 32 5.97 0.64 -16.81
CA LEU A 32 5.58 -0.43 -17.72
C LEU A 32 4.11 -0.79 -17.48
N VAL A 33 3.29 -0.52 -18.48
CA VAL A 33 1.87 -0.81 -18.39
C VAL A 33 1.38 -1.38 -19.73
N PRO A 34 0.46 -2.37 -19.63
CA PRO A 34 -0.09 -3.01 -20.81
C PRO A 34 -1.10 -2.08 -21.51
N LYS A 35 -1.51 -1.05 -20.78
CA LYS A 35 -2.46 -0.09 -21.32
C LYS A 35 -2.61 1.07 -20.34
N ARG A 36 -3.54 0.92 -19.41
CA ARG A 36 -3.79 1.95 -18.42
C ARG A 36 -3.92 1.31 -17.03
N LEU A 37 -4.01 2.19 -16.03
CA LEU A 37 -4.15 1.73 -14.66
C LEU A 37 -5.63 1.67 -14.28
N ASP A 38 -6.09 0.46 -14.00
CA ASP A 38 -7.47 0.25 -13.63
C ASP A 38 -7.67 0.60 -12.16
N GLY A 39 -6.64 0.33 -11.38
CA GLY A 39 -6.68 0.61 -9.95
C GLY A 39 -5.68 -0.25 -9.19
N TYR A 40 -5.28 0.24 -8.03
CA TYR A 40 -4.33 -0.48 -7.19
C TYR A 40 -5.03 -1.16 -6.02
N VAL A 41 -4.25 -1.89 -5.25
CA VAL A 41 -4.79 -2.60 -4.10
C VAL A 41 -3.87 -2.37 -2.89
N LEU A 42 -4.33 -1.50 -1.99
CA LEU A 42 -3.57 -1.19 -0.80
C LEU A 42 -3.95 -2.15 0.32
N GLU A 43 -2.98 -2.94 0.74
CA GLU A 43 -3.19 -3.91 1.80
C GLU A 43 -2.44 -3.50 3.06
N GLY A 44 -2.73 -4.21 4.14
CA GLY A 44 -2.08 -3.93 5.41
C GLY A 44 -2.34 -5.05 6.43
N ARG A 45 -1.73 -4.91 7.59
CA ARG A 45 -1.89 -5.91 8.64
C ARG A 45 -1.05 -5.52 9.86
N GLN A 46 -1.56 -5.88 11.04
CA GLN A 46 -0.87 -5.59 12.27
C GLN A 46 -0.47 -6.88 12.97
N GLY A 47 0.81 -6.94 13.35
CA GLY A 47 1.33 -8.11 14.03
C GLY A 47 1.53 -9.27 13.05
N SER A 48 1.06 -10.44 13.46
CA SER A 48 1.17 -11.63 12.63
C SER A 48 -0.21 -12.10 12.20
N GLN A 49 -1.02 -11.14 11.78
CA GLN A 49 -2.38 -11.45 11.33
C GLN A 49 -2.41 -11.62 9.82
N GLY A 50 -3.62 -11.77 9.29
CA GLY A 50 -3.80 -11.95 7.87
C GLY A 50 -3.87 -10.59 7.15
N TRP A 51 -3.32 -10.58 5.94
CA TRP A 51 -3.31 -9.36 5.14
C TRP A 51 -4.77 -8.95 4.89
N GLU A 52 -5.08 -7.72 5.27
CA GLU A 52 -6.42 -7.20 5.10
C GLU A 52 -6.43 -6.12 4.01
N VAL A 53 -7.33 -6.31 3.05
CA VAL A 53 -7.45 -5.37 1.95
C VAL A 53 -8.01 -4.04 2.48
N LEU A 54 -7.10 -3.08 2.62
CA LEU A 54 -7.49 -1.76 3.12
C LEU A 54 -8.29 -1.03 2.04
N ASP A 55 -7.74 -1.05 0.83
CA ASP A 55 -8.40 -0.39 -0.29
C ASP A 55 -8.12 -1.19 -1.57
N PRO A 56 -9.16 -1.96 -1.99
CA PRO A 56 -9.06 -2.76 -3.19
C PRO A 56 -9.13 -1.90 -4.45
N ALA A 57 -10.08 -0.98 -4.44
CA ALA A 57 -10.27 -0.08 -5.58
C ALA A 57 -9.61 1.25 -5.27
N VAL A 58 -8.48 1.49 -5.94
CA VAL A 58 -7.75 2.73 -5.75
C VAL A 58 -7.50 3.38 -7.10
N ALA A 59 -7.97 4.62 -7.23
CA ALA A 59 -7.81 5.37 -8.46
C ALA A 59 -6.49 4.97 -9.12
N GLY A 60 -6.54 4.83 -10.43
CA GLY A 60 -5.36 4.46 -11.19
C GLY A 60 -4.53 5.69 -11.55
N THR A 61 -4.80 6.78 -10.84
CA THR A 61 -4.09 8.03 -11.07
C THR A 61 -3.55 8.59 -9.75
N GLU A 62 -3.76 7.82 -8.69
CA GLU A 62 -3.30 8.22 -7.37
C GLU A 62 -1.87 7.75 -7.14
N THR A 63 -1.23 8.34 -6.14
CA THR A 63 0.14 7.99 -5.81
C THR A 63 0.28 7.78 -4.30
N GLU A 64 -0.85 7.85 -3.62
CA GLU A 64 -0.87 7.67 -2.17
C GLU A 64 -2.28 7.29 -1.70
N LEU A 65 -2.34 6.79 -0.48
CA LEU A 65 -3.61 6.39 0.10
C LEU A 65 -3.55 6.55 1.61
N LEU A 66 -4.64 7.05 2.18
CA LEU A 66 -4.73 7.26 3.61
C LEU A 66 -5.36 6.02 4.26
N VAL A 67 -4.68 5.52 5.28
CA VAL A 67 -5.16 4.35 6.00
C VAL A 67 -5.12 4.62 7.50
N PRO A 68 -6.20 5.29 7.99
CA PRO A 68 -6.30 5.62 9.41
C PRO A 68 -6.66 4.39 10.23
N GLY A 69 -7.03 3.33 9.52
CA GLY A 69 -7.40 2.08 10.18
C GLY A 69 -6.16 1.38 10.74
N LEU A 70 -5.41 2.12 11.55
CA LEU A 70 -4.21 1.58 12.16
C LEU A 70 -4.40 1.50 13.68
N ILE A 71 -3.59 0.65 14.30
CA ILE A 71 -3.66 0.48 15.74
C ILE A 71 -2.36 0.99 16.37
N LYS A 72 -2.44 1.24 17.68
CA LYS A 72 -1.28 1.72 18.40
C LYS A 72 -0.60 0.55 19.11
N ASP A 73 0.67 0.76 19.45
CA ASP A 73 1.44 -0.28 20.13
C ASP A 73 1.65 -1.46 19.18
N VAL A 74 1.28 -1.26 17.92
CA VAL A 74 1.41 -2.29 16.92
C VAL A 74 2.18 -1.75 15.72
N LEU A 75 2.47 -2.64 14.78
CA LEU A 75 3.21 -2.26 13.59
C LEU A 75 2.42 -2.70 12.36
N TYR A 76 1.63 -1.77 11.83
CA TYR A 76 0.82 -2.05 10.67
C TYR A 76 1.65 -1.91 9.38
N GLU A 77 1.64 -2.96 8.58
CA GLU A 77 2.38 -2.96 7.33
C GLU A 77 1.48 -2.47 6.18
N PHE A 78 2.06 -2.45 4.99
CA PHE A 78 1.34 -2.01 3.82
C PHE A 78 1.96 -2.57 2.54
N ARG A 79 1.15 -2.63 1.49
CA ARG A 79 1.62 -3.14 0.21
C ARG A 79 0.61 -2.83 -0.87
N LEU A 80 1.10 -2.21 -1.94
CA LEU A 80 0.25 -1.85 -3.06
C LEU A 80 0.42 -2.87 -4.19
N VAL A 81 -0.64 -3.07 -4.95
CA VAL A 81 -0.62 -4.02 -6.05
C VAL A 81 -1.38 -3.42 -7.24
N ALA A 82 -0.61 -2.98 -8.22
CA ALA A 82 -1.19 -2.39 -9.42
C ALA A 82 -1.77 -3.51 -10.30
N PHE A 83 -2.97 -3.25 -10.82
CA PHE A 83 -3.63 -4.22 -11.68
C PHE A 83 -4.42 -3.51 -12.79
N ALA A 84 -4.26 -4.03 -14.00
CA ALA A 84 -4.95 -3.47 -15.15
C ALA A 84 -5.81 -4.55 -15.80
N GLY A 85 -7.11 -4.42 -15.61
CA GLY A 85 -8.05 -5.36 -16.18
C GLY A 85 -7.85 -6.76 -15.58
N SER A 86 -7.47 -7.69 -16.44
CA SER A 86 -7.23 -9.06 -16.01
C SER A 86 -5.76 -9.25 -15.66
N PHE A 87 -5.08 -8.13 -15.46
CA PHE A 87 -3.67 -8.16 -15.11
C PHE A 87 -3.45 -7.66 -13.68
N VAL A 88 -2.69 -8.46 -12.93
CA VAL A 88 -2.39 -8.11 -11.55
C VAL A 88 -0.88 -8.03 -11.36
N SER A 89 -0.44 -6.89 -10.85
CA SER A 89 0.98 -6.66 -10.62
C SER A 89 1.36 -7.16 -9.22
N ASP A 90 2.66 -7.38 -9.04
CA ASP A 90 3.17 -7.85 -7.78
C ASP A 90 3.02 -6.75 -6.72
N PRO A 91 2.95 -7.18 -5.43
CA PRO A 91 2.80 -6.25 -4.33
C PRO A 91 4.12 -5.52 -4.07
N SER A 92 4.13 -4.24 -4.41
CA SER A 92 5.31 -3.41 -4.20
C SER A 92 5.91 -3.70 -2.82
N ASN A 93 7.08 -3.12 -2.59
CA ASN A 93 7.77 -3.30 -1.33
C ASN A 93 6.76 -3.17 -0.18
N THR A 94 7.22 -3.49 1.02
CA THR A 94 6.38 -3.42 2.19
C THR A 94 6.75 -2.21 3.05
N ALA A 95 5.75 -1.43 3.40
CA ALA A 95 5.97 -0.25 4.22
C ALA A 95 5.06 -0.32 5.45
N ASN A 96 5.53 0.30 6.53
CA ASN A 96 4.77 0.32 7.77
C ASN A 96 5.10 1.60 8.54
N VAL A 97 4.31 1.86 9.57
CA VAL A 97 4.52 3.03 10.40
C VAL A 97 4.69 2.61 11.85
N SER A 98 5.17 3.54 12.66
CA SER A 98 5.39 3.28 14.07
C SER A 98 4.59 4.27 14.92
N THR A 99 4.32 3.86 16.15
CA THR A 99 3.57 4.70 17.07
C THR A 99 4.03 4.46 18.51
N SER A 100 5.25 3.96 18.63
CA SER A 100 5.81 3.67 19.94
C SER A 100 5.94 4.97 20.74
N GLY A 101 6.09 6.06 20.02
CA GLY A 101 6.23 7.37 20.64
C GLY A 101 4.91 7.78 21.33
N LEU A 102 3.82 7.26 20.81
CA LEU A 102 2.51 7.56 21.36
C LEU A 102 2.36 6.86 22.71
N SER A 103 1.38 7.33 23.48
CA SER A 103 1.11 6.75 24.78
C SER A 103 2.43 6.54 25.53
N GLY A 104 2.94 7.63 26.09
CA GLY A 104 4.19 7.58 26.84
C GLY A 104 4.61 8.97 27.29
N PRO A 105 5.44 8.99 28.37
CA PRO A 105 5.92 10.25 28.92
C PRO A 105 7.01 10.86 28.03
N SER A 106 6.62 11.18 26.80
CA SER A 106 7.54 11.77 25.85
C SER A 106 8.87 11.01 25.89
N SER A 107 8.96 9.98 25.06
CA SER A 107 10.17 9.18 24.99
C SER A 107 10.43 8.49 26.34
N GLY A 108 11.38 7.58 26.33
CA GLY A 108 11.72 6.85 27.53
C GLY A 108 13.00 7.41 28.16
N GLY A 1 5.36 -22.26 -11.38
CA GLY A 1 4.55 -22.46 -12.57
C GLY A 1 3.83 -21.17 -12.97
N SER A 2 4.23 -20.65 -14.13
CA SER A 2 3.64 -19.43 -14.64
C SER A 2 3.68 -19.43 -16.17
N SER A 3 2.49 -19.59 -16.75
CA SER A 3 2.38 -19.61 -18.21
C SER A 3 1.33 -18.60 -18.66
N GLY A 4 1.23 -17.51 -17.90
CA GLY A 4 0.29 -16.46 -18.22
C GLY A 4 1.00 -15.21 -18.73
N SER A 5 0.20 -14.26 -19.19
CA SER A 5 0.73 -13.02 -19.71
C SER A 5 0.63 -11.91 -18.65
N SER A 6 1.77 -11.35 -18.31
CA SER A 6 1.82 -10.29 -17.32
C SER A 6 2.99 -9.35 -17.61
N GLY A 7 2.66 -8.17 -18.11
CA GLY A 7 3.67 -7.18 -18.44
C GLY A 7 3.43 -5.88 -17.66
N LEU A 8 2.58 -5.98 -16.66
CA LEU A 8 2.26 -4.82 -15.84
C LEU A 8 3.25 -4.73 -14.68
N SER A 9 3.96 -3.61 -14.62
CA SER A 9 4.94 -3.39 -13.58
C SER A 9 4.24 -2.90 -12.30
N PRO A 10 4.75 -3.40 -11.14
CA PRO A 10 4.19 -3.01 -9.86
C PRO A 10 4.61 -1.59 -9.48
N PRO A 11 4.04 -1.10 -8.34
CA PRO A 11 4.36 0.22 -7.85
C PRO A 11 5.74 0.26 -7.21
N ARG A 12 6.09 1.44 -6.70
CA ARG A 12 7.38 1.63 -6.06
C ARG A 12 7.34 2.83 -5.12
N GLY A 13 8.41 2.99 -4.36
CA GLY A 13 8.50 4.09 -3.42
C GLY A 13 7.37 4.05 -2.40
N LEU A 14 6.70 2.91 -2.36
CA LEU A 14 5.59 2.73 -1.44
C LEU A 14 6.09 2.93 -0.01
N VAL A 15 5.79 4.12 0.52
CA VAL A 15 6.19 4.45 1.88
C VAL A 15 4.96 4.83 2.70
N ALA A 16 5.05 4.56 3.99
CA ALA A 16 3.95 4.86 4.89
C ALA A 16 4.35 6.01 5.82
N VAL A 17 3.37 6.81 6.18
CA VAL A 17 3.61 7.95 7.06
C VAL A 17 2.44 8.09 8.03
N ARG A 18 2.66 7.66 9.26
CA ARG A 18 1.65 7.74 10.28
C ARG A 18 1.31 9.20 10.60
N THR A 19 0.02 9.50 10.59
CA THR A 19 -0.43 10.85 10.87
C THR A 19 -1.63 10.82 11.83
N PRO A 20 -2.07 12.04 12.23
CA PRO A 20 -3.20 12.17 13.13
C PRO A 20 -4.52 11.89 12.41
N ARG A 21 -4.40 11.60 11.12
CA ARG A 21 -5.56 11.30 10.31
C ARG A 21 -5.52 9.85 9.81
N GLY A 22 -4.33 9.27 9.90
CA GLY A 22 -4.13 7.90 9.46
C GLY A 22 -2.74 7.70 8.87
N VAL A 23 -2.63 6.73 7.99
CA VAL A 23 -1.37 6.42 7.35
C VAL A 23 -1.45 6.76 5.86
N LEU A 24 -0.55 7.62 5.43
CA LEU A 24 -0.51 8.03 4.03
C LEU A 24 0.54 7.20 3.28
N LEU A 25 0.06 6.22 2.54
CA LEU A 25 0.94 5.34 1.77
C LEU A 25 1.35 6.05 0.49
N HIS A 26 2.62 6.44 0.43
CA HIS A 26 3.14 7.13 -0.74
C HIS A 26 3.82 6.12 -1.65
N TRP A 27 3.19 5.86 -2.79
CA TRP A 27 3.73 4.91 -3.75
C TRP A 27 4.03 5.68 -5.04
N ASP A 28 4.57 4.96 -6.01
CA ASP A 28 4.91 5.55 -7.30
C ASP A 28 4.18 4.81 -8.41
N PRO A 29 3.89 5.54 -9.51
CA PRO A 29 3.19 4.96 -10.65
C PRO A 29 4.13 4.07 -11.46
N PRO A 30 3.57 2.95 -11.97
CA PRO A 30 4.35 2.01 -12.77
C PRO A 30 4.60 2.56 -14.17
N GLU A 31 5.85 2.89 -14.42
CA GLU A 31 6.25 3.43 -15.73
C GLU A 31 6.04 2.37 -16.81
N LEU A 32 5.99 1.12 -16.38
CA LEU A 32 5.80 0.01 -17.31
C LEU A 32 4.37 -0.51 -17.18
N VAL A 33 3.51 0.04 -18.02
CA VAL A 33 2.11 -0.37 -18.01
C VAL A 33 1.74 -0.91 -19.39
N PRO A 34 0.86 -1.96 -19.38
CA PRO A 34 0.42 -2.58 -20.62
C PRO A 34 -0.60 -1.69 -21.34
N LYS A 35 -1.13 -0.74 -20.59
CA LYS A 35 -2.11 0.18 -21.14
C LYS A 35 -2.38 1.30 -20.14
N ARG A 36 -3.38 1.06 -19.29
CA ARG A 36 -3.74 2.03 -18.28
C ARG A 36 -3.85 1.37 -16.91
N LEU A 37 -3.98 2.19 -15.88
CA LEU A 37 -4.10 1.69 -14.52
C LEU A 37 -5.58 1.58 -14.15
N ASP A 38 -6.01 0.35 -13.92
CA ASP A 38 -7.40 0.11 -13.55
C ASP A 38 -7.60 0.45 -12.07
N GLY A 39 -6.57 0.16 -11.28
CA GLY A 39 -6.62 0.43 -9.86
C GLY A 39 -5.63 -0.45 -9.10
N TYR A 40 -5.23 0.03 -7.93
CA TYR A 40 -4.29 -0.70 -7.10
C TYR A 40 -5.00 -1.40 -5.94
N VAL A 41 -4.22 -2.15 -5.17
CA VAL A 41 -4.77 -2.86 -4.03
C VAL A 41 -3.84 -2.69 -2.83
N LEU A 42 -4.29 -1.87 -1.89
CA LEU A 42 -3.52 -1.61 -0.69
C LEU A 42 -3.88 -2.65 0.38
N GLU A 43 -2.91 -3.52 0.66
CA GLU A 43 -3.11 -4.56 1.66
C GLU A 43 -2.20 -4.31 2.87
N GLY A 44 -2.82 -4.34 4.05
CA GLY A 44 -2.09 -4.12 5.28
C GLY A 44 -2.40 -5.22 6.30
N ARG A 45 -1.77 -5.09 7.46
CA ARG A 45 -1.97 -6.06 8.52
C ARG A 45 -1.15 -5.67 9.75
N GLN A 46 -1.71 -5.98 10.92
CA GLN A 46 -1.04 -5.66 12.17
C GLN A 46 -0.93 -6.92 13.03
N GLY A 47 0.25 -7.08 13.62
CA GLY A 47 0.51 -8.24 14.47
C GLY A 47 0.61 -9.51 13.65
N SER A 48 1.19 -9.38 12.46
CA SER A 48 1.35 -10.51 11.57
C SER A 48 -0.02 -11.10 11.22
N GLN A 49 -1.05 -10.30 11.44
CA GLN A 49 -2.41 -10.72 11.16
C GLN A 49 -2.56 -11.04 9.68
N GLY A 50 -3.80 -11.29 9.27
CA GLY A 50 -4.10 -11.62 7.89
C GLY A 50 -4.17 -10.35 7.04
N TRP A 51 -3.55 -10.42 5.86
CA TRP A 51 -3.54 -9.29 4.95
C TRP A 51 -5.00 -8.91 4.66
N GLU A 52 -5.42 -7.81 5.26
CA GLU A 52 -6.77 -7.32 5.06
C GLU A 52 -6.78 -6.17 4.05
N VAL A 53 -7.20 -6.50 2.84
CA VAL A 53 -7.27 -5.52 1.78
C VAL A 53 -7.82 -4.20 2.34
N LEU A 54 -6.91 -3.27 2.58
CA LEU A 54 -7.30 -1.97 3.11
C LEU A 54 -8.12 -1.21 2.06
N ASP A 55 -7.72 -1.41 0.81
CA ASP A 55 -8.41 -0.75 -0.30
C ASP A 55 -8.18 -1.54 -1.59
N PRO A 56 -9.25 -2.25 -2.04
CA PRO A 56 -9.16 -3.05 -3.24
C PRO A 56 -9.18 -2.16 -4.49
N ALA A 57 -10.07 -1.17 -4.46
CA ALA A 57 -10.20 -0.25 -5.57
C ALA A 57 -9.52 1.08 -5.22
N VAL A 58 -8.40 1.32 -5.86
CA VAL A 58 -7.64 2.54 -5.63
C VAL A 58 -7.40 3.26 -6.95
N ALA A 59 -7.76 4.53 -6.98
CA ALA A 59 -7.59 5.33 -8.17
C ALA A 59 -6.28 4.96 -8.86
N GLY A 60 -6.37 4.68 -10.14
CA GLY A 60 -5.19 4.32 -10.92
C GLY A 60 -4.29 5.52 -11.13
N THR A 61 -4.77 6.68 -10.69
CA THR A 61 -4.01 7.91 -10.84
C THR A 61 -3.54 8.41 -9.47
N GLU A 62 -3.96 7.70 -8.44
CA GLU A 62 -3.60 8.06 -7.07
C GLU A 62 -2.17 7.60 -6.78
N THR A 63 -1.45 8.46 -6.06
CA THR A 63 -0.08 8.16 -5.69
C THR A 63 0.04 7.96 -4.17
N GLU A 64 -1.10 8.05 -3.51
CA GLU A 64 -1.13 7.88 -2.07
C GLU A 64 -2.57 7.69 -1.59
N LEU A 65 -2.70 7.19 -0.37
CA LEU A 65 -4.01 6.96 0.22
C LEU A 65 -3.90 6.98 1.74
N LEU A 66 -5.00 7.37 2.38
CA LEU A 66 -5.04 7.44 3.83
C LEU A 66 -5.52 6.10 4.38
N VAL A 67 -5.01 5.77 5.56
CA VAL A 67 -5.37 4.53 6.22
C VAL A 67 -5.49 4.76 7.72
N PRO A 68 -6.68 5.28 8.13
CA PRO A 68 -6.93 5.56 9.53
C PRO A 68 -7.20 4.27 10.31
N GLY A 69 -7.48 3.21 9.56
CA GLY A 69 -7.74 1.91 10.16
C GLY A 69 -6.67 1.55 11.19
N LEU A 70 -5.43 1.57 10.73
CA LEU A 70 -4.30 1.25 11.59
C LEU A 70 -4.54 1.84 12.98
N ILE A 71 -3.87 1.27 13.96
CA ILE A 71 -3.99 1.73 15.33
C ILE A 71 -2.60 2.00 15.91
N LYS A 72 -2.58 2.27 17.21
CA LYS A 72 -1.33 2.55 17.89
C LYS A 72 -0.90 1.31 18.68
N ASP A 73 0.31 1.38 19.23
CA ASP A 73 0.84 0.28 20.01
C ASP A 73 0.91 -0.97 19.13
N VAL A 74 0.78 -0.75 17.84
CA VAL A 74 0.83 -1.84 16.88
C VAL A 74 1.69 -1.43 15.68
N LEU A 75 2.05 -2.42 14.88
CA LEU A 75 2.87 -2.18 13.71
C LEU A 75 2.16 -2.75 12.48
N TYR A 76 1.39 -1.89 11.82
CA TYR A 76 0.66 -2.30 10.63
C TYR A 76 1.55 -2.22 9.39
N GLU A 77 1.30 -3.15 8.47
CA GLU A 77 2.07 -3.21 7.24
C GLU A 77 1.24 -2.65 6.08
N PHE A 78 1.83 -2.71 4.89
CA PHE A 78 1.17 -2.23 3.70
C PHE A 78 1.78 -2.84 2.43
N ARG A 79 1.00 -2.87 1.38
CA ARG A 79 1.45 -3.41 0.11
C ARG A 79 0.48 -3.04 -1.02
N LEU A 80 1.03 -2.40 -2.04
CA LEU A 80 0.23 -1.99 -3.18
C LEU A 80 0.44 -2.96 -4.33
N VAL A 81 -0.66 -3.32 -4.98
CA VAL A 81 -0.60 -4.24 -6.10
C VAL A 81 -1.33 -3.63 -7.29
N ALA A 82 -0.55 -3.12 -8.23
CA ALA A 82 -1.12 -2.51 -9.43
C ALA A 82 -1.65 -3.60 -10.35
N PHE A 83 -2.89 -3.42 -10.77
CA PHE A 83 -3.53 -4.38 -11.66
C PHE A 83 -4.30 -3.68 -12.78
N ALA A 84 -4.13 -4.19 -13.98
CA ALA A 84 -4.79 -3.62 -15.14
C ALA A 84 -5.72 -4.67 -15.76
N GLY A 85 -7.01 -4.49 -15.52
CA GLY A 85 -8.00 -5.41 -16.04
C GLY A 85 -7.41 -6.80 -16.25
N SER A 86 -7.51 -7.61 -15.19
CA SER A 86 -6.99 -8.97 -15.24
C SER A 86 -5.53 -8.98 -14.78
N PHE A 87 -4.71 -8.22 -15.48
CA PHE A 87 -3.29 -8.14 -15.15
C PHE A 87 -3.09 -7.66 -13.71
N VAL A 88 -2.38 -8.47 -12.95
CA VAL A 88 -2.10 -8.15 -11.56
C VAL A 88 -0.60 -8.02 -11.35
N SER A 89 -0.20 -6.93 -10.72
CA SER A 89 1.22 -6.69 -10.45
C SER A 89 1.56 -7.14 -9.03
N ASP A 90 2.85 -7.35 -8.81
CA ASP A 90 3.33 -7.78 -7.50
C ASP A 90 3.13 -6.65 -6.48
N PRO A 91 3.06 -7.06 -5.19
CA PRO A 91 2.88 -6.09 -4.12
C PRO A 91 4.17 -5.32 -3.85
N SER A 92 4.20 -4.10 -4.35
CA SER A 92 5.36 -3.24 -4.17
C SER A 92 5.92 -3.42 -2.76
N ASN A 93 7.16 -2.97 -2.59
CA ASN A 93 7.82 -3.07 -1.30
C ASN A 93 6.79 -2.90 -0.19
N THR A 94 7.01 -3.62 0.91
CA THR A 94 6.12 -3.55 2.05
C THR A 94 6.42 -2.32 2.89
N ALA A 95 5.36 -1.59 3.20
CA ALA A 95 5.48 -0.38 4.00
C ALA A 95 4.75 -0.58 5.33
N ASN A 96 5.31 0.01 6.37
CA ASN A 96 4.74 -0.08 7.70
C ASN A 96 5.09 1.16 8.51
N VAL A 97 4.22 1.50 9.44
CA VAL A 97 4.43 2.66 10.28
C VAL A 97 4.70 2.20 11.72
N SER A 98 5.17 3.14 12.53
CA SER A 98 5.48 2.85 13.92
C SER A 98 4.86 3.91 14.82
N THR A 99 4.62 3.52 16.07
CA THR A 99 4.04 4.43 17.04
C THR A 99 4.34 3.95 18.47
N SER A 100 5.59 3.57 18.67
CA SER A 100 6.02 3.09 19.97
C SER A 100 6.55 4.27 20.81
N GLY A 101 7.14 5.23 20.11
CA GLY A 101 7.69 6.40 20.78
C GLY A 101 7.73 7.60 19.83
N LEU A 102 6.56 7.92 19.28
CA LEU A 102 6.46 9.04 18.36
C LEU A 102 5.79 10.23 19.07
N SER A 103 6.12 11.42 18.60
CA SER A 103 5.56 12.63 19.19
C SER A 103 5.72 12.59 20.70
N GLY A 104 6.93 12.31 21.14
CA GLY A 104 7.23 12.25 22.56
C GLY A 104 8.32 13.25 22.95
N PRO A 105 9.06 12.89 24.04
CA PRO A 105 10.14 13.74 24.51
C PRO A 105 11.37 13.64 23.60
N SER A 106 12.40 14.39 23.96
CA SER A 106 13.62 14.38 23.18
C SER A 106 14.73 15.10 23.96
N SER A 107 15.62 14.30 24.53
CA SER A 107 16.73 14.85 25.30
C SER A 107 17.53 15.83 24.44
N GLY A 108 18.00 15.33 23.31
CA GLY A 108 18.78 16.16 22.40
C GLY A 108 18.86 15.52 21.02
N GLY A 1 3.94 -17.82 -18.90
CA GLY A 1 2.78 -17.70 -19.77
C GLY A 1 1.69 -18.70 -19.37
N SER A 2 0.45 -18.24 -19.45
CA SER A 2 -0.68 -19.07 -19.10
C SER A 2 -1.99 -18.33 -19.36
N SER A 3 -2.14 -17.21 -18.67
CA SER A 3 -3.32 -16.39 -18.81
C SER A 3 -3.06 -15.24 -19.78
N GLY A 4 -2.24 -15.54 -20.78
CA GLY A 4 -1.90 -14.54 -21.78
C GLY A 4 -0.41 -14.20 -21.72
N SER A 5 -0.10 -12.95 -22.06
CA SER A 5 1.26 -12.48 -22.05
C SER A 5 1.59 -11.82 -20.71
N SER A 6 0.72 -10.90 -20.31
CA SER A 6 0.90 -10.19 -19.05
C SER A 6 2.22 -9.42 -19.08
N GLY A 7 2.10 -8.12 -18.88
CA GLY A 7 3.28 -7.26 -18.88
C GLY A 7 3.01 -5.97 -18.08
N LEU A 8 2.34 -6.15 -16.96
CA LEU A 8 2.02 -5.02 -16.10
C LEU A 8 3.08 -4.90 -15.00
N SER A 9 3.66 -3.71 -14.90
CA SER A 9 4.69 -3.46 -13.90
C SER A 9 4.03 -2.97 -12.61
N PRO A 10 4.55 -3.51 -11.46
CA PRO A 10 4.04 -3.14 -10.16
C PRO A 10 4.51 -1.73 -9.76
N PRO A 11 3.98 -1.26 -8.61
CA PRO A 11 4.32 0.06 -8.11
C PRO A 11 5.73 0.06 -7.50
N ARG A 12 6.17 1.24 -7.10
CA ARG A 12 7.48 1.39 -6.50
C ARG A 12 7.49 2.54 -5.49
N GLY A 13 8.54 2.58 -4.69
CA GLY A 13 8.68 3.63 -3.69
C GLY A 13 7.46 3.64 -2.75
N LEU A 14 7.16 2.47 -2.23
CA LEU A 14 6.03 2.34 -1.31
C LEU A 14 6.51 2.56 0.13
N VAL A 15 6.17 3.72 0.66
CA VAL A 15 6.56 4.06 2.01
C VAL A 15 5.30 4.32 2.84
N ALA A 16 5.52 4.43 4.15
CA ALA A 16 4.42 4.69 5.06
C ALA A 16 4.87 5.66 6.15
N VAL A 17 4.16 6.78 6.24
CA VAL A 17 4.48 7.79 7.22
C VAL A 17 3.24 8.07 8.09
N ARG A 18 3.33 7.66 9.34
CA ARG A 18 2.23 7.84 10.28
C ARG A 18 2.12 9.32 10.66
N THR A 19 0.89 9.74 10.92
CA THR A 19 0.64 11.12 11.31
C THR A 19 -0.60 11.21 12.20
N PRO A 20 -1.00 12.47 12.52
CA PRO A 20 -2.15 12.70 13.36
C PRO A 20 -3.45 12.45 12.58
N ARG A 21 -3.30 12.26 11.28
CA ARG A 21 -4.44 12.01 10.41
C ARG A 21 -4.33 10.62 9.78
N GLY A 22 -3.48 9.80 10.38
CA GLY A 22 -3.28 8.45 9.88
C GLY A 22 -1.85 8.26 9.33
N VAL A 23 -1.74 7.40 8.34
CA VAL A 23 -0.46 7.13 7.73
C VAL A 23 -0.54 7.40 6.22
N LEU A 24 0.38 8.22 5.75
CA LEU A 24 0.41 8.57 4.34
C LEU A 24 1.36 7.61 3.60
N LEU A 25 0.77 6.77 2.77
CA LEU A 25 1.54 5.80 2.01
C LEU A 25 1.87 6.38 0.63
N HIS A 26 3.16 6.63 0.42
CA HIS A 26 3.62 7.18 -0.84
C HIS A 26 4.14 6.06 -1.75
N TRP A 27 3.63 6.04 -2.97
CA TRP A 27 4.04 5.03 -3.93
C TRP A 27 4.28 5.72 -5.27
N ASP A 28 4.85 4.97 -6.19
CA ASP A 28 5.14 5.49 -7.52
C ASP A 28 4.31 4.74 -8.55
N PRO A 29 3.97 5.47 -9.66
CA PRO A 29 3.17 4.88 -10.72
C PRO A 29 4.02 3.93 -11.57
N PRO A 30 3.32 2.90 -12.13
CA PRO A 30 3.99 1.91 -12.96
C PRO A 30 4.31 2.49 -14.34
N GLU A 31 5.60 2.53 -14.63
CA GLU A 31 6.06 3.05 -15.91
C GLU A 31 5.88 1.99 -17.01
N LEU A 32 5.75 0.75 -16.58
CA LEU A 32 5.57 -0.35 -17.51
C LEU A 32 4.18 -0.95 -17.32
N VAL A 33 3.24 -0.42 -18.09
CA VAL A 33 1.87 -0.89 -18.01
C VAL A 33 1.38 -1.23 -19.42
N PRO A 34 0.42 -2.21 -19.48
CA PRO A 34 -0.14 -2.62 -20.76
C PRO A 34 -1.11 -1.59 -21.30
N LYS A 35 -1.88 -1.00 -20.39
CA LYS A 35 -2.86 0.01 -20.78
C LYS A 35 -2.90 1.10 -19.70
N ARG A 36 -4.02 1.15 -19.00
CA ARG A 36 -4.20 2.13 -17.95
C ARG A 36 -4.40 1.43 -16.60
N LEU A 37 -4.00 2.13 -15.55
CA LEU A 37 -4.12 1.60 -14.21
C LEU A 37 -5.60 1.58 -13.80
N ASP A 38 -6.16 0.37 -13.78
CA ASP A 38 -7.55 0.21 -13.42
C ASP A 38 -7.74 0.56 -11.94
N GLY A 39 -6.72 0.22 -11.16
CA GLY A 39 -6.77 0.50 -9.74
C GLY A 39 -5.77 -0.39 -8.98
N TYR A 40 -5.29 0.13 -7.86
CA TYR A 40 -4.34 -0.60 -7.04
C TYR A 40 -5.05 -1.32 -5.89
N VAL A 41 -4.26 -2.05 -5.11
CA VAL A 41 -4.80 -2.79 -3.99
C VAL A 41 -3.88 -2.62 -2.78
N LEU A 42 -4.35 -1.83 -1.83
CA LEU A 42 -3.58 -1.57 -0.62
C LEU A 42 -3.84 -2.69 0.39
N GLU A 43 -2.77 -3.38 0.75
CA GLU A 43 -2.87 -4.47 1.71
C GLU A 43 -1.93 -4.22 2.89
N GLY A 44 -2.50 -4.32 4.08
CA GLY A 44 -1.73 -4.11 5.29
C GLY A 44 -1.96 -5.25 6.29
N ARG A 45 -1.30 -5.13 7.43
CA ARG A 45 -1.42 -6.14 8.48
C ARG A 45 -0.53 -5.78 9.67
N GLN A 46 -1.02 -6.13 10.86
CA GLN A 46 -0.28 -5.85 12.07
C GLN A 46 0.06 -7.15 12.79
N GLY A 47 1.05 -7.06 13.68
CA GLY A 47 1.49 -8.22 14.44
C GLY A 47 1.74 -9.42 13.51
N SER A 48 2.00 -9.11 12.25
CA SER A 48 2.25 -10.14 11.26
C SER A 48 1.01 -11.04 11.11
N GLN A 49 -0.15 -10.41 11.24
CA GLN A 49 -1.40 -11.14 11.13
C GLN A 49 -1.80 -11.29 9.65
N GLY A 50 -3.00 -11.79 9.44
CA GLY A 50 -3.50 -11.99 8.10
C GLY A 50 -3.62 -10.66 7.35
N TRP A 51 -3.22 -10.70 6.08
CA TRP A 51 -3.27 -9.50 5.25
C TRP A 51 -4.73 -9.07 5.13
N GLU A 52 -4.94 -7.77 5.23
CA GLU A 52 -6.28 -7.21 5.14
C GLU A 52 -6.34 -6.17 4.02
N VAL A 53 -7.28 -6.39 3.11
CA VAL A 53 -7.46 -5.49 1.98
C VAL A 53 -7.88 -4.12 2.50
N LEU A 54 -6.88 -3.27 2.72
CA LEU A 54 -7.14 -1.92 3.22
C LEU A 54 -7.93 -1.15 2.17
N ASP A 55 -7.59 -1.38 0.91
CA ASP A 55 -8.26 -0.71 -0.20
C ASP A 55 -8.09 -1.54 -1.47
N PRO A 56 -9.18 -2.26 -1.83
CA PRO A 56 -9.16 -3.10 -3.03
C PRO A 56 -9.26 -2.23 -4.30
N ALA A 57 -10.07 -1.19 -4.21
CA ALA A 57 -10.27 -0.29 -5.33
C ALA A 57 -9.63 1.05 -5.01
N VAL A 58 -8.51 1.32 -5.68
CA VAL A 58 -7.81 2.57 -5.47
C VAL A 58 -7.58 3.25 -6.83
N ALA A 59 -7.93 4.53 -6.88
CA ALA A 59 -7.77 5.30 -8.10
C ALA A 59 -6.53 4.82 -8.85
N GLY A 60 -6.58 4.95 -10.16
CA GLY A 60 -5.47 4.54 -11.00
C GLY A 60 -4.54 5.71 -11.30
N THR A 61 -4.91 6.87 -10.77
CA THR A 61 -4.12 8.07 -10.97
C THR A 61 -3.69 8.67 -9.62
N GLU A 62 -3.49 7.77 -8.67
CA GLU A 62 -3.08 8.19 -7.33
C GLU A 62 -1.61 7.84 -7.10
N THR A 63 -1.06 8.40 -6.03
CA THR A 63 0.33 8.16 -5.69
C THR A 63 0.48 8.02 -4.18
N GLU A 64 -0.65 7.90 -3.51
CA GLU A 64 -0.66 7.76 -2.06
C GLU A 64 -2.09 7.62 -1.55
N LEU A 65 -2.21 7.21 -0.29
CA LEU A 65 -3.50 7.03 0.33
C LEU A 65 -3.35 7.05 1.86
N LEU A 66 -4.43 7.44 2.52
CA LEU A 66 -4.42 7.50 3.97
C LEU A 66 -4.90 6.17 4.54
N VAL A 67 -4.36 5.82 5.70
CA VAL A 67 -4.72 4.58 6.35
C VAL A 67 -4.80 4.82 7.87
N PRO A 68 -5.80 5.64 8.27
CA PRO A 68 -6.00 5.95 9.67
C PRO A 68 -6.63 4.78 10.41
N GLY A 69 -7.02 3.77 9.63
CA GLY A 69 -7.64 2.58 10.21
C GLY A 69 -6.65 1.83 11.10
N LEU A 70 -5.38 2.14 10.92
CA LEU A 70 -4.34 1.50 11.70
C LEU A 70 -4.76 1.47 13.17
N ILE A 71 -3.99 0.72 13.95
CA ILE A 71 -4.27 0.59 15.38
C ILE A 71 -3.10 1.16 16.18
N LYS A 72 -3.32 1.28 17.47
CA LYS A 72 -2.29 1.81 18.36
C LYS A 72 -1.59 0.65 19.07
N ASP A 73 -0.30 0.82 19.29
CA ASP A 73 0.49 -0.20 19.96
C ASP A 73 0.64 -1.42 19.04
N VAL A 74 0.78 -1.13 17.75
CA VAL A 74 0.93 -2.17 16.76
C VAL A 74 1.68 -1.62 15.55
N LEU A 75 2.19 -2.53 14.74
CA LEU A 75 2.94 -2.16 13.55
C LEU A 75 2.25 -2.74 12.32
N TYR A 76 1.42 -1.92 11.69
CA TYR A 76 0.70 -2.33 10.50
C TYR A 76 1.56 -2.18 9.25
N GLU A 77 1.50 -3.19 8.40
CA GLU A 77 2.27 -3.18 7.16
C GLU A 77 1.43 -2.59 6.02
N PHE A 78 2.04 -2.58 4.84
CA PHE A 78 1.36 -2.05 3.67
C PHE A 78 1.99 -2.60 2.38
N ARG A 79 1.14 -2.82 1.40
CA ARG A 79 1.60 -3.34 0.12
C ARG A 79 0.61 -2.97 -1.00
N LEU A 80 1.14 -2.27 -1.99
CA LEU A 80 0.32 -1.84 -3.11
C LEU A 80 0.59 -2.76 -4.32
N VAL A 81 -0.49 -3.13 -4.98
CA VAL A 81 -0.39 -4.00 -6.14
C VAL A 81 -1.30 -3.46 -7.25
N ALA A 82 -0.66 -2.90 -8.27
CA ALA A 82 -1.40 -2.35 -9.39
C ALA A 82 -1.93 -3.50 -10.25
N PHE A 83 -3.12 -3.29 -10.79
CA PHE A 83 -3.75 -4.29 -11.64
C PHE A 83 -4.56 -3.64 -12.76
N ALA A 84 -4.37 -4.14 -13.96
CA ALA A 84 -5.08 -3.62 -15.12
C ALA A 84 -5.86 -4.74 -15.79
N GLY A 85 -7.03 -4.39 -16.32
CA GLY A 85 -7.87 -5.36 -17.00
C GLY A 85 -7.84 -6.70 -16.27
N SER A 86 -7.53 -7.74 -17.03
CA SER A 86 -7.46 -9.09 -16.47
C SER A 86 -6.03 -9.39 -16.03
N PHE A 87 -5.34 -8.35 -15.62
CA PHE A 87 -3.96 -8.49 -15.15
C PHE A 87 -3.82 -8.03 -13.70
N VAL A 88 -2.75 -8.50 -13.07
CA VAL A 88 -2.49 -8.16 -11.68
C VAL A 88 -0.98 -8.03 -11.47
N SER A 89 -0.58 -6.90 -10.93
CA SER A 89 0.83 -6.64 -10.67
C SER A 89 1.18 -7.09 -9.25
N ASP A 90 2.47 -7.34 -9.05
CA ASP A 90 2.96 -7.77 -7.75
C ASP A 90 2.85 -6.61 -6.76
N PRO A 91 2.74 -6.97 -5.46
CA PRO A 91 2.64 -5.97 -4.40
C PRO A 91 3.98 -5.30 -4.14
N SER A 92 4.07 -4.04 -4.57
CA SER A 92 5.30 -3.28 -4.39
C SER A 92 5.86 -3.51 -2.99
N ASN A 93 7.10 -3.08 -2.80
CA ASN A 93 7.76 -3.23 -1.52
C ASN A 93 6.74 -3.04 -0.39
N THR A 94 7.06 -3.62 0.76
CA THR A 94 6.18 -3.51 1.91
C THR A 94 6.57 -2.30 2.77
N ALA A 95 5.57 -1.67 3.34
CA ALA A 95 5.79 -0.51 4.18
C ALA A 95 5.33 -0.81 5.61
N ASN A 96 5.83 -0.03 6.55
CA ASN A 96 5.47 -0.20 7.94
C ASN A 96 5.55 1.15 8.66
N VAL A 97 4.82 1.24 9.76
CA VAL A 97 4.79 2.46 10.54
C VAL A 97 4.73 2.11 12.03
N SER A 98 5.00 3.11 12.85
CA SER A 98 4.97 2.92 14.30
C SER A 98 3.89 3.80 14.92
N THR A 99 3.42 3.37 16.08
CA THR A 99 2.39 4.10 16.80
C THR A 99 2.66 4.08 18.30
N SER A 100 3.94 4.18 18.64
CA SER A 100 4.34 4.17 20.03
C SER A 100 4.06 5.53 20.67
N GLY A 101 4.17 6.56 19.84
CA GLY A 101 3.92 7.92 20.31
C GLY A 101 2.66 8.50 19.66
N LEU A 102 1.63 7.67 19.61
CA LEU A 102 0.37 8.09 19.02
C LEU A 102 -0.54 8.64 20.12
N SER A 103 -1.49 9.47 19.70
CA SER A 103 -2.43 10.06 20.63
C SER A 103 -1.70 10.52 21.89
N GLY A 104 -0.80 11.47 21.71
CA GLY A 104 -0.02 11.99 22.82
C GLY A 104 0.64 13.32 22.46
N PRO A 105 0.80 14.19 23.50
CA PRO A 105 1.41 15.49 23.30
C PRO A 105 2.92 15.37 23.12
N SER A 106 3.33 15.27 21.86
CA SER A 106 4.73 15.14 21.53
C SER A 106 5.28 16.50 21.06
N SER A 107 6.26 16.99 21.79
CA SER A 107 6.88 18.27 21.46
C SER A 107 8.37 18.23 21.81
N GLY A 108 8.65 17.96 23.08
CA GLY A 108 10.01 17.90 23.55
C GLY A 108 10.76 19.20 23.25
N GLY A 1 1.89 -16.03 -14.48
CA GLY A 1 1.90 -15.97 -15.94
C GLY A 1 1.93 -17.36 -16.55
N SER A 2 0.76 -17.81 -16.99
CA SER A 2 0.64 -19.12 -17.59
C SER A 2 -0.27 -19.06 -18.82
N SER A 3 -1.53 -18.73 -18.57
CA SER A 3 -2.50 -18.62 -19.64
C SER A 3 -2.22 -17.39 -20.50
N GLY A 4 -1.52 -16.43 -19.88
CA GLY A 4 -1.18 -15.21 -20.57
C GLY A 4 0.29 -14.83 -20.31
N SER A 5 0.76 -13.88 -21.11
CA SER A 5 2.14 -13.42 -20.99
C SER A 5 2.22 -12.27 -19.97
N SER A 6 1.23 -11.39 -20.04
CA SER A 6 1.18 -10.26 -19.14
C SER A 6 2.45 -9.42 -19.27
N GLY A 7 2.36 -8.17 -18.86
CA GLY A 7 3.48 -7.26 -18.92
C GLY A 7 3.20 -5.98 -18.14
N LEU A 8 2.59 -6.15 -16.98
CA LEU A 8 2.26 -5.02 -16.13
C LEU A 8 3.28 -4.93 -14.99
N SER A 9 3.88 -3.76 -14.86
CA SER A 9 4.87 -3.54 -13.82
C SER A 9 4.18 -3.10 -12.53
N PRO A 10 4.72 -3.63 -11.39
CA PRO A 10 4.17 -3.30 -10.09
C PRO A 10 4.55 -1.87 -9.67
N PRO A 11 3.96 -1.44 -8.51
CA PRO A 11 4.24 -0.11 -8.00
C PRO A 11 5.62 -0.05 -7.34
N ARG A 12 6.02 1.15 -6.99
CA ARG A 12 7.31 1.36 -6.36
C ARG A 12 7.26 2.54 -5.39
N GLY A 13 8.36 2.75 -4.70
CA GLY A 13 8.45 3.85 -3.74
C GLY A 13 7.27 3.81 -2.78
N LEU A 14 6.96 2.62 -2.30
CA LEU A 14 5.86 2.44 -1.37
C LEU A 14 6.36 2.68 0.05
N VAL A 15 5.77 3.68 0.70
CA VAL A 15 6.15 4.01 2.07
C VAL A 15 4.89 4.34 2.87
N ALA A 16 5.07 4.44 4.18
CA ALA A 16 3.97 4.74 5.07
C ALA A 16 4.45 5.72 6.14
N VAL A 17 3.89 6.92 6.10
CA VAL A 17 4.24 7.95 7.06
C VAL A 17 3.05 8.20 8.00
N ARG A 18 3.23 7.76 9.24
CA ARG A 18 2.19 7.91 10.25
C ARG A 18 1.99 9.39 10.57
N THR A 19 0.75 9.74 10.86
CA THR A 19 0.41 11.12 11.18
C THR A 19 -0.86 11.17 12.03
N PRO A 20 -1.33 12.42 12.30
CA PRO A 20 -2.54 12.61 13.09
C PRO A 20 -3.78 12.28 12.28
N ARG A 21 -3.75 12.66 11.01
CA ARG A 21 -4.87 12.41 10.13
C ARG A 21 -4.80 10.99 9.56
N GLY A 22 -3.74 10.28 9.96
CA GLY A 22 -3.54 8.92 9.50
C GLY A 22 -2.19 8.76 8.80
N VAL A 23 -1.86 7.52 8.49
CA VAL A 23 -0.61 7.23 7.82
C VAL A 23 -0.75 7.48 6.32
N LEU A 24 0.09 8.36 5.81
CA LEU A 24 0.07 8.70 4.40
C LEU A 24 1.01 7.77 3.63
N LEU A 25 0.40 6.89 2.84
CA LEU A 25 1.18 5.93 2.06
C LEU A 25 1.55 6.57 0.72
N HIS A 26 2.84 6.57 0.43
CA HIS A 26 3.34 7.15 -0.80
C HIS A 26 3.92 6.04 -1.68
N TRP A 27 3.41 5.98 -2.90
CA TRP A 27 3.86 4.98 -3.86
C TRP A 27 4.16 5.68 -5.18
N ASP A 28 4.65 4.89 -6.13
CA ASP A 28 4.98 5.43 -7.45
C ASP A 28 4.21 4.65 -8.52
N PRO A 29 3.91 5.35 -9.64
CA PRO A 29 3.19 4.75 -10.74
C PRO A 29 4.08 3.79 -11.53
N PRO A 30 3.44 2.74 -12.11
CA PRO A 30 4.18 1.76 -12.89
C PRO A 30 4.56 2.33 -14.26
N GLU A 31 5.86 2.33 -14.52
CA GLU A 31 6.37 2.84 -15.78
C GLU A 31 6.11 1.83 -16.91
N LEU A 32 6.17 0.56 -16.54
CA LEU A 32 5.95 -0.50 -17.50
C LEU A 32 4.52 -1.04 -17.34
N VAL A 33 3.60 -0.41 -18.07
CA VAL A 33 2.21 -0.81 -18.02
C VAL A 33 1.73 -1.17 -19.43
N PRO A 34 0.76 -2.12 -19.48
CA PRO A 34 0.21 -2.56 -20.75
C PRO A 34 -0.73 -1.52 -21.33
N LYS A 35 -1.45 -0.85 -20.43
CA LYS A 35 -2.40 0.17 -20.84
C LYS A 35 -2.53 1.21 -19.73
N ARG A 36 -3.68 1.17 -19.07
CA ARG A 36 -3.95 2.09 -17.97
C ARG A 36 -4.12 1.32 -16.66
N LEU A 37 -3.81 2.01 -15.58
CA LEU A 37 -3.92 1.41 -14.26
C LEU A 37 -5.39 1.41 -13.83
N ASP A 38 -6.00 0.24 -13.90
CA ASP A 38 -7.39 0.09 -13.53
C ASP A 38 -7.57 0.55 -12.09
N GLY A 39 -6.57 0.26 -11.27
CA GLY A 39 -6.62 0.65 -9.87
C GLY A 39 -5.72 -0.26 -9.02
N TYR A 40 -5.23 0.29 -7.93
CA TYR A 40 -4.36 -0.45 -7.03
C TYR A 40 -5.15 -1.03 -5.86
N VAL A 41 -4.46 -1.82 -5.05
CA VAL A 41 -5.08 -2.44 -3.90
C VAL A 41 -4.15 -2.34 -2.69
N LEU A 42 -4.52 -1.46 -1.77
CA LEU A 42 -3.72 -1.25 -0.58
C LEU A 42 -4.04 -2.36 0.44
N GLU A 43 -3.03 -3.16 0.73
CA GLU A 43 -3.19 -4.25 1.67
C GLU A 43 -2.23 -4.08 2.85
N GLY A 44 -2.81 -4.04 4.04
CA GLY A 44 -2.02 -3.87 5.25
C GLY A 44 -2.30 -5.01 6.25
N ARG A 45 -1.43 -5.11 7.23
CA ARG A 45 -1.56 -6.15 8.25
C ARG A 45 -0.64 -5.84 9.44
N GLN A 46 -1.01 -6.39 10.58
CA GLN A 46 -0.24 -6.20 11.80
C GLN A 46 0.67 -7.40 12.06
N GLY A 47 1.83 -7.12 12.63
CA GLY A 47 2.79 -8.17 12.92
C GLY A 47 2.77 -9.26 11.84
N SER A 48 2.11 -10.36 12.17
CA SER A 48 2.02 -11.47 11.24
C SER A 48 0.55 -11.91 11.11
N GLN A 49 -0.33 -10.92 11.02
CA GLN A 49 -1.75 -11.18 10.89
C GLN A 49 -2.10 -11.44 9.42
N GLY A 50 -3.39 -11.60 9.18
CA GLY A 50 -3.87 -11.85 7.84
C GLY A 50 -3.91 -10.56 7.02
N TRP A 51 -3.34 -10.63 5.83
CA TRP A 51 -3.29 -9.47 4.95
C TRP A 51 -4.71 -8.89 4.85
N GLU A 52 -4.87 -7.72 5.44
CA GLU A 52 -6.16 -7.06 5.43
C GLU A 52 -6.28 -6.14 4.20
N VAL A 53 -7.39 -6.29 3.50
CA VAL A 53 -7.63 -5.49 2.31
C VAL A 53 -8.14 -4.11 2.73
N LEU A 54 -7.20 -3.17 2.81
CA LEU A 54 -7.54 -1.81 3.19
C LEU A 54 -8.42 -1.18 2.12
N ASP A 55 -7.95 -1.27 0.88
CA ASP A 55 -8.68 -0.73 -0.24
C ASP A 55 -8.18 -1.37 -1.54
N PRO A 56 -8.99 -2.32 -2.07
CA PRO A 56 -8.64 -3.01 -3.30
C PRO A 56 -8.85 -2.10 -4.51
N ALA A 57 -9.79 -1.19 -4.38
CA ALA A 57 -10.10 -0.26 -5.45
C ALA A 57 -9.46 1.09 -5.15
N VAL A 58 -8.34 1.35 -5.82
CA VAL A 58 -7.63 2.59 -5.64
C VAL A 58 -7.41 3.26 -6.99
N ALA A 59 -7.91 4.48 -7.11
CA ALA A 59 -7.78 5.23 -8.34
C ALA A 59 -6.41 4.95 -8.96
N GLY A 60 -6.41 4.78 -10.28
CA GLY A 60 -5.18 4.51 -10.99
C GLY A 60 -4.41 5.80 -11.29
N THR A 61 -4.86 6.88 -10.66
CA THR A 61 -4.24 8.17 -10.84
C THR A 61 -3.71 8.70 -9.50
N GLU A 62 -3.94 7.92 -8.46
CA GLU A 62 -3.49 8.29 -7.13
C GLU A 62 -2.02 7.87 -6.93
N THR A 63 -1.40 8.49 -5.94
CA THR A 63 0.00 8.20 -5.64
C THR A 63 0.18 8.01 -4.13
N GLU A 64 -0.94 7.98 -3.43
CA GLU A 64 -0.92 7.79 -1.98
C GLU A 64 -2.33 7.53 -1.46
N LEU A 65 -2.38 7.08 -0.21
CA LEU A 65 -3.66 6.79 0.43
C LEU A 65 -3.52 6.96 1.94
N LEU A 66 -4.65 7.24 2.58
CA LEU A 66 -4.67 7.43 4.02
C LEU A 66 -5.18 6.14 4.69
N VAL A 67 -4.55 5.81 5.80
CA VAL A 67 -4.91 4.62 6.55
C VAL A 67 -4.83 4.91 8.05
N PRO A 68 -5.74 5.81 8.51
CA PRO A 68 -5.78 6.18 9.91
C PRO A 68 -6.39 5.07 10.76
N GLY A 69 -6.91 4.06 10.07
CA GLY A 69 -7.53 2.94 10.74
C GLY A 69 -6.50 2.15 11.57
N LEU A 70 -5.25 2.35 11.22
CA LEU A 70 -4.16 1.68 11.92
C LEU A 70 -4.46 1.65 13.42
N ILE A 71 -3.77 0.75 14.11
CA ILE A 71 -3.95 0.62 15.54
C ILE A 71 -2.70 1.13 16.26
N LYS A 72 -2.81 1.25 17.57
CA LYS A 72 -1.70 1.72 18.39
C LYS A 72 -1.09 0.54 19.15
N ASP A 73 0.23 0.55 19.22
CA ASP A 73 0.95 -0.51 19.92
C ASP A 73 1.10 -1.71 18.98
N VAL A 74 1.03 -1.42 17.69
CA VAL A 74 1.16 -2.47 16.69
C VAL A 74 1.93 -1.92 15.49
N LEU A 75 2.28 -2.83 14.59
CA LEU A 75 3.02 -2.45 13.40
C LEU A 75 2.26 -2.92 12.16
N TYR A 76 1.46 -2.01 11.61
CA TYR A 76 0.68 -2.31 10.42
C TYR A 76 1.52 -2.18 9.16
N GLU A 77 1.37 -3.17 8.28
CA GLU A 77 2.12 -3.17 7.04
C GLU A 77 1.26 -2.59 5.91
N PHE A 78 1.85 -2.56 4.72
CA PHE A 78 1.15 -2.03 3.56
C PHE A 78 1.77 -2.56 2.27
N ARG A 79 0.90 -2.89 1.33
CA ARG A 79 1.34 -3.41 0.04
C ARG A 79 0.38 -2.98 -1.07
N LEU A 80 0.95 -2.37 -2.10
CA LEU A 80 0.17 -1.90 -3.22
C LEU A 80 0.33 -2.87 -4.39
N VAL A 81 -0.80 -3.18 -5.02
CA VAL A 81 -0.78 -4.09 -6.15
C VAL A 81 -1.44 -3.41 -7.36
N ALA A 82 -0.61 -3.12 -8.35
CA ALA A 82 -1.10 -2.47 -9.56
C ALA A 82 -1.65 -3.53 -10.52
N PHE A 83 -2.96 -3.51 -10.68
CA PHE A 83 -3.62 -4.45 -11.56
C PHE A 83 -4.38 -3.72 -12.68
N ALA A 84 -4.20 -4.22 -13.89
CA ALA A 84 -4.87 -3.63 -15.05
C ALA A 84 -5.83 -4.65 -15.65
N GLY A 85 -7.11 -4.44 -15.39
CA GLY A 85 -8.14 -5.32 -15.90
C GLY A 85 -7.58 -6.74 -16.11
N SER A 86 -7.73 -7.55 -15.08
CA SER A 86 -7.26 -8.92 -15.13
C SER A 86 -5.81 -8.99 -14.64
N PHE A 87 -4.95 -8.25 -15.31
CA PHE A 87 -3.54 -8.22 -14.95
C PHE A 87 -3.35 -7.77 -13.50
N VAL A 88 -2.63 -8.58 -12.75
CA VAL A 88 -2.36 -8.28 -11.35
C VAL A 88 -0.86 -8.26 -11.12
N SER A 89 -0.35 -7.05 -10.91
CA SER A 89 1.08 -6.87 -10.67
C SER A 89 1.43 -7.31 -9.25
N ASP A 90 2.72 -7.43 -9.00
CA ASP A 90 3.20 -7.84 -7.69
C ASP A 90 3.00 -6.68 -6.70
N PRO A 91 2.87 -7.06 -5.40
CA PRO A 91 2.67 -6.08 -4.35
C PRO A 91 3.98 -5.34 -4.05
N SER A 92 4.04 -4.10 -4.48
CA SER A 92 5.22 -3.27 -4.25
C SER A 92 5.76 -3.52 -2.85
N ASN A 93 7.00 -3.10 -2.64
CA ASN A 93 7.65 -3.27 -1.35
C ASN A 93 6.61 -3.05 -0.24
N THR A 94 6.91 -3.63 0.90
CA THR A 94 6.03 -3.51 2.05
C THR A 94 6.37 -2.27 2.87
N ALA A 95 5.33 -1.62 3.37
CA ALA A 95 5.51 -0.42 4.17
C ALA A 95 4.77 -0.57 5.49
N ASN A 96 5.31 0.08 6.52
CA ASN A 96 4.70 0.02 7.84
C ASN A 96 5.01 1.32 8.60
N VAL A 97 4.30 1.51 9.70
CA VAL A 97 4.49 2.69 10.51
C VAL A 97 4.35 2.32 11.98
N SER A 98 5.30 2.82 12.78
CA SER A 98 5.29 2.54 14.21
C SER A 98 4.24 3.42 14.90
N THR A 99 3.58 2.81 15.88
CA THR A 99 2.55 3.52 16.64
C THR A 99 2.85 3.46 18.14
N SER A 100 4.00 3.98 18.50
CA SER A 100 4.41 3.99 19.90
C SER A 100 4.45 5.43 20.43
N GLY A 101 4.79 6.34 19.54
CA GLY A 101 4.86 7.75 19.90
C GLY A 101 3.69 8.53 19.31
N LEU A 102 2.49 8.07 19.62
CA LEU A 102 1.29 8.71 19.13
C LEU A 102 0.62 9.49 20.26
N SER A 103 -0.32 10.33 19.89
CA SER A 103 -1.04 11.13 20.87
C SER A 103 -0.06 11.72 21.89
N GLY A 104 0.66 12.74 21.46
CA GLY A 104 1.64 13.40 22.32
C GLY A 104 2.96 12.64 22.31
N PRO A 105 3.95 13.20 23.07
CA PRO A 105 5.27 12.59 23.15
C PRO A 105 5.24 11.35 24.05
N SER A 106 5.76 10.26 23.50
CA SER A 106 5.81 9.01 24.24
C SER A 106 7.03 8.19 23.82
N SER A 107 7.73 7.67 24.83
CA SER A 107 8.91 6.88 24.58
C SER A 107 9.95 7.70 23.80
N GLY A 108 11.17 7.20 23.80
CA GLY A 108 12.25 7.88 23.10
C GLY A 108 13.46 8.05 24.03
N GLY A 1 -1.10 -15.45 -7.62
CA GLY A 1 0.28 -15.89 -7.64
C GLY A 1 0.94 -15.56 -8.98
N SER A 2 1.77 -16.48 -9.45
CA SER A 2 2.47 -16.29 -10.71
C SER A 2 1.90 -17.24 -11.76
N SER A 3 1.41 -16.65 -12.84
CA SER A 3 0.84 -17.43 -13.92
C SER A 3 1.80 -17.46 -15.12
N GLY A 4 3.09 -17.44 -14.80
CA GLY A 4 4.11 -17.46 -15.82
C GLY A 4 4.89 -16.15 -15.84
N SER A 5 4.61 -15.34 -16.85
CA SER A 5 5.28 -14.05 -16.98
C SER A 5 4.29 -12.91 -16.76
N SER A 6 4.84 -11.73 -16.56
CA SER A 6 4.02 -10.55 -16.33
C SER A 6 4.49 -9.39 -17.22
N GLY A 7 3.59 -8.44 -17.42
CA GLY A 7 3.91 -7.28 -18.24
C GLY A 7 3.72 -5.99 -17.46
N LEU A 8 2.66 -5.95 -16.66
CA LEU A 8 2.36 -4.78 -15.85
C LEU A 8 3.35 -4.71 -14.69
N SER A 9 4.19 -3.67 -14.74
CA SER A 9 5.17 -3.47 -13.70
C SER A 9 4.50 -3.07 -12.39
N PRO A 10 5.06 -3.59 -11.27
CA PRO A 10 4.51 -3.29 -9.96
C PRO A 10 4.87 -1.87 -9.52
N PRO A 11 4.22 -1.42 -8.41
CA PRO A 11 4.46 -0.08 -7.89
C PRO A 11 5.81 -0.02 -7.16
N ARG A 12 6.12 1.17 -6.68
CA ARG A 12 7.37 1.38 -5.96
C ARG A 12 7.26 2.62 -5.08
N GLY A 13 8.36 2.91 -4.39
CA GLY A 13 8.42 4.07 -3.52
C GLY A 13 7.27 4.03 -2.50
N LEU A 14 6.70 2.84 -2.33
CA LEU A 14 5.61 2.66 -1.40
C LEU A 14 6.10 2.94 0.02
N VAL A 15 5.73 4.10 0.52
CA VAL A 15 6.13 4.50 1.86
C VAL A 15 4.88 4.88 2.66
N ALA A 16 5.07 4.99 3.97
CA ALA A 16 3.97 5.34 4.86
C ALA A 16 4.32 6.62 5.61
N VAL A 17 3.32 7.20 6.24
CA VAL A 17 3.51 8.42 7.00
C VAL A 17 2.42 8.53 8.08
N ARG A 18 2.76 8.03 9.26
CA ARG A 18 1.83 8.06 10.38
C ARG A 18 1.57 9.50 10.81
N THR A 19 0.47 10.05 10.32
CA THR A 19 0.10 11.41 10.66
C THR A 19 -0.98 11.42 11.75
N PRO A 20 -1.50 12.64 12.04
CA PRO A 20 -2.53 12.79 13.04
C PRO A 20 -3.88 12.31 12.53
N ARG A 21 -4.14 12.60 11.26
CA ARG A 21 -5.38 12.21 10.63
C ARG A 21 -5.32 10.74 10.19
N GLY A 22 -4.11 10.18 10.31
CA GLY A 22 -3.90 8.79 9.93
C GLY A 22 -2.52 8.59 9.33
N VAL A 23 -2.30 7.39 8.81
CA VAL A 23 -1.02 7.07 8.20
C VAL A 23 -1.17 7.13 6.67
N LEU A 24 -0.47 8.08 6.08
CA LEU A 24 -0.51 8.26 4.64
C LEU A 24 0.46 7.27 3.98
N LEU A 25 0.13 6.90 2.76
CA LEU A 25 0.94 5.96 2.01
C LEU A 25 1.32 6.58 0.66
N HIS A 26 2.61 6.68 0.43
CA HIS A 26 3.12 7.25 -0.81
C HIS A 26 3.77 6.15 -1.65
N TRP A 27 3.23 5.94 -2.83
CA TRP A 27 3.75 4.94 -3.73
C TRP A 27 4.09 5.61 -5.06
N ASP A 28 4.70 4.84 -5.95
CA ASP A 28 5.08 5.35 -7.26
C ASP A 28 4.33 4.58 -8.34
N PRO A 29 4.01 5.31 -9.45
CA PRO A 29 3.30 4.71 -10.55
C PRO A 29 4.22 3.80 -11.37
N PRO A 30 3.64 2.64 -11.82
CA PRO A 30 4.39 1.69 -12.60
C PRO A 30 4.58 2.18 -14.04
N GLU A 31 5.81 2.57 -14.34
CA GLU A 31 6.13 3.06 -15.67
C GLU A 31 5.67 2.06 -16.73
N LEU A 32 6.04 0.81 -16.53
CA LEU A 32 5.66 -0.24 -17.46
C LEU A 32 4.19 -0.61 -17.24
N VAL A 33 3.40 -0.35 -18.27
CA VAL A 33 1.97 -0.64 -18.21
C VAL A 33 1.52 -1.23 -19.55
N PRO A 34 0.59 -2.22 -19.46
CA PRO A 34 0.07 -2.87 -20.65
C PRO A 34 -0.92 -1.97 -21.39
N LYS A 35 -1.31 -0.90 -20.70
CA LYS A 35 -2.24 0.05 -21.28
C LYS A 35 -2.47 1.20 -20.30
N ARG A 36 -3.42 1.01 -19.39
CA ARG A 36 -3.74 2.02 -18.41
C ARG A 36 -3.85 1.37 -17.02
N LEU A 37 -4.01 2.23 -16.02
CA LEU A 37 -4.13 1.76 -14.64
C LEU A 37 -5.62 1.61 -14.30
N ASP A 38 -6.00 0.37 -14.05
CA ASP A 38 -7.38 0.07 -13.71
C ASP A 38 -7.61 0.39 -12.22
N GLY A 39 -6.58 0.17 -11.43
CA GLY A 39 -6.66 0.44 -10.01
C GLY A 39 -5.72 -0.48 -9.23
N TYR A 40 -5.23 0.04 -8.10
CA TYR A 40 -4.32 -0.73 -7.26
C TYR A 40 -5.07 -1.38 -6.09
N VAL A 41 -4.34 -2.15 -5.32
CA VAL A 41 -4.92 -2.83 -4.17
C VAL A 41 -4.07 -2.55 -2.93
N LEU A 42 -4.60 -1.67 -2.08
CA LEU A 42 -3.90 -1.30 -0.87
C LEU A 42 -4.27 -2.29 0.25
N GLU A 43 -3.26 -2.98 0.74
CA GLU A 43 -3.46 -3.96 1.80
C GLU A 43 -2.73 -3.52 3.07
N GLY A 44 -3.01 -4.24 4.15
CA GLY A 44 -2.39 -3.93 5.43
C GLY A 44 -2.58 -5.09 6.42
N ARG A 45 -1.85 -5.00 7.53
CA ARG A 45 -1.92 -6.03 8.55
C ARG A 45 -0.97 -5.70 9.70
N GLN A 46 -1.39 -6.08 10.90
CA GLN A 46 -0.57 -5.83 12.08
C GLN A 46 -0.15 -7.16 12.71
N GLY A 47 1.04 -7.14 13.30
CA GLY A 47 1.58 -8.33 13.93
C GLY A 47 1.75 -9.47 12.93
N SER A 48 1.09 -10.57 13.21
CA SER A 48 1.15 -11.74 12.34
C SER A 48 -0.25 -12.15 11.91
N GLN A 49 -1.06 -11.15 11.59
CA GLN A 49 -2.42 -11.39 11.16
C GLN A 49 -2.47 -11.63 9.65
N GLY A 50 -3.68 -11.69 9.13
CA GLY A 50 -3.88 -11.92 7.70
C GLY A 50 -4.05 -10.59 6.96
N TRP A 51 -3.45 -10.53 5.77
CA TRP A 51 -3.52 -9.34 4.95
C TRP A 51 -4.99 -8.97 4.78
N GLU A 52 -5.34 -7.79 5.26
CA GLU A 52 -6.70 -7.31 5.17
C GLU A 52 -6.80 -6.19 4.13
N VAL A 53 -7.31 -6.56 2.96
CA VAL A 53 -7.46 -5.60 1.88
C VAL A 53 -8.12 -4.32 2.41
N LEU A 54 -7.31 -3.29 2.55
CA LEU A 54 -7.80 -2.02 3.05
C LEU A 54 -8.60 -1.32 1.96
N ASP A 55 -8.06 -1.35 0.75
CA ASP A 55 -8.71 -0.73 -0.39
C ASP A 55 -8.42 -1.54 -1.66
N PRO A 56 -9.46 -2.27 -2.13
CA PRO A 56 -9.32 -3.08 -3.33
C PRO A 56 -9.29 -2.22 -4.59
N ALA A 57 -10.11 -1.18 -4.57
CA ALA A 57 -10.20 -0.26 -5.70
C ALA A 57 -9.52 1.05 -5.34
N VAL A 58 -8.38 1.30 -5.99
CA VAL A 58 -7.63 2.51 -5.75
C VAL A 58 -7.40 3.24 -7.07
N ALA A 59 -7.69 4.53 -7.07
CA ALA A 59 -7.53 5.34 -8.25
C ALA A 59 -6.26 4.92 -8.99
N GLY A 60 -6.40 4.73 -10.29
CA GLY A 60 -5.27 4.33 -11.11
C GLY A 60 -4.29 5.49 -11.30
N THR A 61 -4.70 6.65 -10.85
CA THR A 61 -3.87 7.84 -10.96
C THR A 61 -3.36 8.27 -9.58
N GLU A 62 -3.96 7.69 -8.56
CA GLU A 62 -3.57 7.99 -7.19
C GLU A 62 -2.13 7.57 -6.93
N THR A 63 -1.44 8.38 -6.14
CA THR A 63 -0.06 8.10 -5.81
C THR A 63 0.11 7.93 -4.30
N GLU A 64 -1.02 7.89 -3.61
CA GLU A 64 -1.01 7.73 -2.18
C GLU A 64 -2.43 7.46 -1.66
N LEU A 65 -2.51 7.15 -0.37
CA LEU A 65 -3.80 6.87 0.24
C LEU A 65 -3.65 6.91 1.77
N LEU A 66 -4.74 7.25 2.43
CA LEU A 66 -4.74 7.33 3.89
C LEU A 66 -5.30 6.03 4.46
N VAL A 67 -4.73 5.62 5.58
CA VAL A 67 -5.16 4.39 6.24
C VAL A 67 -5.10 4.59 7.76
N PRO A 68 -6.13 5.30 8.29
CA PRO A 68 -6.20 5.57 9.72
C PRO A 68 -6.62 4.31 10.49
N GLY A 69 -6.93 3.26 9.73
CA GLY A 69 -7.35 2.01 10.32
C GLY A 69 -6.17 1.30 11.00
N LEU A 70 -5.46 2.05 11.83
CA LEU A 70 -4.31 1.52 12.54
C LEU A 70 -4.49 1.76 14.04
N ILE A 71 -3.74 0.99 14.82
CA ILE A 71 -3.81 1.11 16.27
C ILE A 71 -2.42 1.51 16.80
N LYS A 72 -2.29 1.44 18.12
CA LYS A 72 -1.04 1.80 18.76
C LYS A 72 -0.45 0.56 19.43
N ASP A 73 0.87 0.55 19.52
CA ASP A 73 1.57 -0.57 20.13
C ASP A 73 1.72 -1.69 19.11
N VAL A 74 1.12 -1.48 17.95
CA VAL A 74 1.18 -2.47 16.88
C VAL A 74 1.93 -1.88 15.69
N LEU A 75 2.27 -2.75 14.75
CA LEU A 75 2.99 -2.33 13.56
C LEU A 75 2.24 -2.82 12.32
N TYR A 76 1.41 -1.94 11.78
CA TYR A 76 0.64 -2.26 10.59
C TYR A 76 1.48 -2.08 9.33
N GLU A 77 1.38 -3.07 8.45
CA GLU A 77 2.12 -3.04 7.20
C GLU A 77 1.20 -2.57 6.06
N PHE A 78 1.76 -2.58 4.86
CA PHE A 78 1.02 -2.17 3.68
C PHE A 78 1.70 -2.65 2.40
N ARG A 79 0.88 -2.90 1.40
CA ARG A 79 1.38 -3.37 0.11
C ARG A 79 0.42 -2.99 -1.02
N LEU A 80 0.98 -2.39 -2.05
CA LEU A 80 0.19 -1.98 -3.19
C LEU A 80 0.39 -2.96 -4.34
N VAL A 81 -0.70 -3.28 -5.02
CA VAL A 81 -0.65 -4.21 -6.13
C VAL A 81 -1.42 -3.61 -7.32
N ALA A 82 -0.66 -3.07 -8.26
CA ALA A 82 -1.25 -2.47 -9.44
C ALA A 82 -1.74 -3.57 -10.38
N PHE A 83 -2.94 -3.36 -10.92
CA PHE A 83 -3.52 -4.32 -11.83
C PHE A 83 -4.30 -3.62 -12.95
N ALA A 84 -4.16 -4.16 -14.15
CA ALA A 84 -4.85 -3.60 -15.31
C ALA A 84 -5.72 -4.67 -15.94
N GLY A 85 -7.01 -4.37 -16.01
CA GLY A 85 -7.98 -5.28 -16.59
C GLY A 85 -7.91 -6.65 -15.90
N SER A 86 -7.14 -7.54 -16.50
CA SER A 86 -6.98 -8.88 -15.96
C SER A 86 -5.51 -9.13 -15.58
N PHE A 87 -4.76 -8.03 -15.50
CA PHE A 87 -3.36 -8.11 -15.15
C PHE A 87 -3.12 -7.65 -13.71
N VAL A 88 -2.37 -8.45 -12.99
CA VAL A 88 -2.05 -8.14 -11.60
C VAL A 88 -0.54 -8.00 -11.44
N SER A 89 -0.14 -6.89 -10.82
CA SER A 89 1.27 -6.63 -10.60
C SER A 89 1.68 -7.11 -9.20
N ASP A 90 2.99 -7.21 -9.01
CA ASP A 90 3.51 -7.65 -7.73
C ASP A 90 3.28 -6.57 -6.68
N PRO A 91 3.19 -7.01 -5.40
CA PRO A 91 2.96 -6.08 -4.30
C PRO A 91 4.24 -5.31 -3.97
N SER A 92 4.28 -4.07 -4.43
CA SER A 92 5.43 -3.22 -4.19
C SER A 92 5.96 -3.44 -2.77
N ASN A 93 7.20 -3.02 -2.56
CA ASN A 93 7.84 -3.16 -1.26
C ASN A 93 6.79 -2.95 -0.17
N THR A 94 6.99 -3.63 0.96
CA THR A 94 6.08 -3.53 2.08
C THR A 94 6.38 -2.26 2.89
N ALA A 95 5.33 -1.48 3.13
CA ALA A 95 5.46 -0.26 3.89
C ALA A 95 4.63 -0.36 5.16
N ASN A 96 5.19 0.17 6.24
CA ASN A 96 4.51 0.14 7.53
C ASN A 96 4.86 1.41 8.30
N VAL A 97 4.10 1.65 9.36
CA VAL A 97 4.33 2.82 10.20
C VAL A 97 4.53 2.38 11.65
N SER A 98 5.17 3.25 12.42
CA SER A 98 5.44 2.96 13.81
C SER A 98 4.56 3.83 14.71
N THR A 99 4.20 3.27 15.86
CA THR A 99 3.36 3.98 16.81
C THR A 99 3.74 3.59 18.24
N SER A 100 4.96 3.91 18.60
CA SER A 100 5.45 3.60 19.94
C SER A 100 5.85 4.89 20.66
N GLY A 101 6.33 5.85 19.88
CA GLY A 101 6.74 7.14 20.43
C GLY A 101 5.98 8.28 19.77
N LEU A 102 4.89 7.92 19.10
CA LEU A 102 4.06 8.91 18.43
C LEU A 102 3.14 9.58 19.45
N SER A 103 2.44 10.60 18.99
CA SER A 103 1.53 11.33 19.85
C SER A 103 2.13 11.47 21.24
N GLY A 104 3.31 12.07 21.29
CA GLY A 104 4.00 12.28 22.56
C GLY A 104 4.96 13.47 22.46
N PRO A 105 5.47 13.88 23.65
CA PRO A 105 6.39 15.00 23.73
C PRO A 105 7.78 14.60 23.24
N SER A 106 8.50 15.58 22.72
CA SER A 106 9.84 15.34 22.21
C SER A 106 10.82 16.33 22.84
N SER A 107 12.11 16.07 22.63
CA SER A 107 13.14 16.93 23.16
C SER A 107 13.89 17.62 22.02
N GLY A 108 14.49 18.75 22.36
CA GLY A 108 15.23 19.53 21.37
C GLY A 108 16.20 20.50 22.05
N GLY A 1 -2.75 -14.17 -9.26
CA GLY A 1 -3.20 -15.15 -10.22
C GLY A 1 -2.38 -15.09 -11.52
N SER A 2 -2.44 -16.17 -12.27
CA SER A 2 -1.71 -16.24 -13.53
C SER A 2 -2.68 -16.07 -14.71
N SER A 3 -2.64 -14.89 -15.30
CA SER A 3 -3.51 -14.60 -16.43
C SER A 3 -2.74 -14.80 -17.74
N GLY A 4 -1.78 -15.70 -17.68
CA GLY A 4 -0.96 -16.00 -18.85
C GLY A 4 0.19 -15.00 -18.99
N SER A 5 -0.13 -13.85 -19.57
CA SER A 5 0.87 -12.81 -19.76
C SER A 5 0.55 -11.61 -18.87
N SER A 6 1.61 -10.93 -18.45
CA SER A 6 1.46 -9.77 -17.59
C SER A 6 2.41 -8.67 -18.04
N GLY A 7 1.82 -7.57 -18.52
CA GLY A 7 2.61 -6.45 -18.99
C GLY A 7 2.48 -5.26 -18.03
N LEU A 8 2.01 -5.56 -16.83
CA LEU A 8 1.84 -4.53 -15.81
C LEU A 8 2.89 -4.72 -14.72
N SER A 9 3.74 -3.72 -14.58
CA SER A 9 4.80 -3.76 -13.58
C SER A 9 4.25 -3.27 -12.24
N PRO A 10 4.91 -3.75 -11.15
CA PRO A 10 4.50 -3.37 -9.80
C PRO A 10 4.94 -1.94 -9.48
N PRO A 11 4.35 -1.38 -8.39
CA PRO A 11 4.67 -0.03 -7.97
C PRO A 11 6.05 0.02 -7.30
N ARG A 12 6.43 1.22 -6.90
CA ARG A 12 7.71 1.42 -6.25
C ARG A 12 7.63 2.60 -5.27
N GLY A 13 8.72 2.78 -4.52
CA GLY A 13 8.78 3.86 -3.55
C GLY A 13 7.53 3.88 -2.67
N LEU A 14 7.23 2.72 -2.11
CA LEU A 14 6.07 2.59 -1.24
C LEU A 14 6.47 2.88 0.20
N VAL A 15 5.89 3.92 0.76
CA VAL A 15 6.19 4.31 2.13
C VAL A 15 4.87 4.44 2.91
N ALA A 16 5.02 4.56 4.23
CA ALA A 16 3.86 4.70 5.09
C ALA A 16 4.22 5.61 6.27
N VAL A 17 3.49 6.72 6.36
CA VAL A 17 3.72 7.67 7.43
C VAL A 17 2.44 7.81 8.26
N ARG A 18 2.47 7.22 9.45
CA ARG A 18 1.33 7.26 10.34
C ARG A 18 1.11 8.70 10.83
N THR A 19 -0.16 9.07 10.92
CA THR A 19 -0.52 10.40 11.37
C THR A 19 -1.77 10.35 12.24
N PRO A 20 -2.22 11.56 12.69
CA PRO A 20 -3.40 11.65 13.53
C PRO A 20 -4.68 11.44 12.71
N ARG A 21 -4.49 11.19 11.42
CA ARG A 21 -5.60 10.97 10.52
C ARG A 21 -5.38 9.71 9.70
N GLY A 22 -4.50 8.87 10.20
CA GLY A 22 -4.19 7.61 9.53
C GLY A 22 -2.72 7.55 9.13
N VAL A 23 -2.47 6.98 7.96
CA VAL A 23 -1.12 6.85 7.46
C VAL A 23 -1.08 7.24 5.99
N LEU A 24 -0.18 8.16 5.67
CA LEU A 24 -0.04 8.64 4.30
C LEU A 24 0.94 7.73 3.55
N LEU A 25 0.38 6.86 2.74
CA LEU A 25 1.18 5.93 1.96
C LEU A 25 1.53 6.57 0.62
N HIS A 26 2.83 6.62 0.33
CA HIS A 26 3.30 7.19 -0.91
C HIS A 26 3.99 6.11 -1.75
N TRP A 27 3.47 5.92 -2.95
CA TRP A 27 4.02 4.94 -3.86
C TRP A 27 4.31 5.63 -5.19
N ASP A 28 4.91 4.87 -6.10
CA ASP A 28 5.25 5.39 -7.41
C ASP A 28 4.49 4.61 -8.48
N PRO A 29 4.14 5.32 -9.58
CA PRO A 29 3.41 4.71 -10.69
C PRO A 29 4.33 3.81 -11.51
N PRO A 30 3.76 2.66 -11.98
CA PRO A 30 4.51 1.72 -12.78
C PRO A 30 4.71 2.24 -14.20
N GLU A 31 5.95 2.59 -14.51
CA GLU A 31 6.29 3.10 -15.82
C GLU A 31 5.88 2.08 -16.91
N LEU A 32 5.87 0.82 -16.51
CA LEU A 32 5.51 -0.25 -17.43
C LEU A 32 4.03 -0.58 -17.26
N VAL A 33 3.24 -0.18 -18.24
CA VAL A 33 1.81 -0.43 -18.20
C VAL A 33 1.38 -1.06 -19.54
N PRO A 34 0.43 -2.02 -19.43
CA PRO A 34 -0.08 -2.70 -20.61
C PRO A 34 -1.03 -1.80 -21.40
N LYS A 35 -1.48 -0.74 -20.73
CA LYS A 35 -2.39 0.21 -21.36
C LYS A 35 -2.81 1.26 -20.33
N ARG A 36 -3.91 0.95 -19.64
CA ARG A 36 -4.43 1.86 -18.64
C ARG A 36 -4.51 1.15 -17.28
N LEU A 37 -4.25 1.91 -16.23
CA LEU A 37 -4.29 1.38 -14.88
C LEU A 37 -5.75 1.33 -14.39
N ASP A 38 -6.13 0.16 -13.88
CA ASP A 38 -7.48 -0.02 -13.38
C ASP A 38 -7.55 0.44 -11.92
N GLY A 39 -6.41 0.33 -11.25
CA GLY A 39 -6.32 0.72 -9.86
C GLY A 39 -5.40 -0.21 -9.08
N TYR A 40 -5.10 0.19 -7.85
CA TYR A 40 -4.22 -0.60 -7.00
C TYR A 40 -5.00 -1.23 -5.85
N VAL A 41 -4.30 -2.02 -5.05
CA VAL A 41 -4.91 -2.68 -3.91
C VAL A 41 -4.03 -2.49 -2.68
N LEU A 42 -4.49 -1.64 -1.79
CA LEU A 42 -3.75 -1.35 -0.57
C LEU A 42 -4.03 -2.47 0.45
N GLU A 43 -2.99 -3.24 0.73
CA GLU A 43 -3.11 -4.34 1.67
C GLU A 43 -2.23 -4.07 2.90
N GLY A 44 -2.88 -3.98 4.04
CA GLY A 44 -2.19 -3.72 5.30
C GLY A 44 -2.40 -4.88 6.29
N ARG A 45 -1.71 -4.77 7.42
CA ARG A 45 -1.81 -5.79 8.45
C ARG A 45 -0.91 -5.44 9.63
N GLN A 46 -1.29 -5.94 10.79
CA GLN A 46 -0.53 -5.69 12.00
C GLN A 46 0.01 -7.00 12.57
N GLY A 47 1.12 -6.90 13.30
CA GLY A 47 1.74 -8.05 13.90
C GLY A 47 1.84 -9.21 12.89
N SER A 48 1.91 -8.83 11.62
CA SER A 48 2.01 -9.83 10.56
C SER A 48 0.72 -10.64 10.49
N GLN A 49 -0.38 -9.98 10.82
CA GLN A 49 -1.68 -10.64 10.79
C GLN A 49 -2.09 -10.93 9.35
N GLY A 50 -3.34 -11.38 9.20
CA GLY A 50 -3.87 -11.71 7.89
C GLY A 50 -3.89 -10.46 6.98
N TRP A 51 -3.17 -10.56 5.88
CA TRP A 51 -3.10 -9.47 4.93
C TRP A 51 -4.54 -9.01 4.64
N GLU A 52 -4.79 -7.75 4.94
CA GLU A 52 -6.11 -7.18 4.71
C GLU A 52 -6.03 -6.05 3.69
N VAL A 53 -6.99 -6.04 2.78
CA VAL A 53 -7.04 -5.04 1.74
C VAL A 53 -7.76 -3.79 2.28
N LEU A 54 -6.98 -2.74 2.51
CA LEU A 54 -7.53 -1.50 3.02
C LEU A 54 -8.41 -0.85 1.96
N ASP A 55 -7.99 -1.01 0.71
CA ASP A 55 -8.74 -0.45 -0.41
C ASP A 55 -8.46 -1.28 -1.66
N PRO A 56 -9.50 -2.06 -2.08
CA PRO A 56 -9.38 -2.89 -3.26
C PRO A 56 -9.45 -2.06 -4.54
N ALA A 57 -10.15 -0.93 -4.43
CA ALA A 57 -10.30 -0.04 -5.57
C ALA A 57 -9.59 1.28 -5.27
N VAL A 58 -8.44 1.45 -5.90
CA VAL A 58 -7.65 2.66 -5.72
C VAL A 58 -7.38 3.30 -7.07
N ALA A 59 -7.68 4.59 -7.16
CA ALA A 59 -7.47 5.33 -8.39
C ALA A 59 -6.18 4.85 -9.05
N GLY A 60 -6.27 4.58 -10.34
CA GLY A 60 -5.12 4.11 -11.10
C GLY A 60 -4.14 5.26 -11.34
N THR A 61 -4.52 6.44 -10.88
CA THR A 61 -3.69 7.61 -11.04
C THR A 61 -3.12 8.05 -9.69
N GLU A 62 -3.86 7.75 -8.64
CA GLU A 62 -3.44 8.10 -7.30
C GLU A 62 -1.99 7.67 -7.06
N THR A 63 -1.32 8.41 -6.19
CA THR A 63 0.06 8.12 -5.87
C THR A 63 0.23 7.99 -4.36
N GLU A 64 -0.85 8.23 -3.64
CA GLU A 64 -0.83 8.15 -2.19
C GLU A 64 -2.21 7.74 -1.66
N LEU A 65 -2.24 7.39 -0.39
CA LEU A 65 -3.49 6.99 0.25
C LEU A 65 -3.37 7.19 1.76
N LEU A 66 -4.49 7.58 2.36
CA LEU A 66 -4.52 7.81 3.80
C LEU A 66 -5.39 6.74 4.46
N VAL A 67 -4.81 6.09 5.46
CA VAL A 67 -5.51 5.04 6.18
C VAL A 67 -5.66 5.45 7.64
N PRO A 68 -6.89 5.93 7.98
CA PRO A 68 -7.17 6.36 9.35
C PRO A 68 -7.35 5.16 10.28
N GLY A 69 -7.44 3.98 9.66
CA GLY A 69 -7.60 2.75 10.41
C GLY A 69 -6.47 2.58 11.43
N LEU A 70 -5.62 1.60 11.16
CA LEU A 70 -4.50 1.33 12.04
C LEU A 70 -4.98 1.31 13.49
N ILE A 71 -4.03 1.14 14.40
CA ILE A 71 -4.34 1.11 15.81
C ILE A 71 -3.18 1.72 16.60
N LYS A 72 -3.01 1.23 17.83
CA LYS A 72 -1.95 1.72 18.69
C LYS A 72 -1.25 0.53 19.35
N ASP A 73 0.07 0.62 19.41
CA ASP A 73 0.87 -0.44 20.01
C ASP A 73 0.94 -1.63 19.04
N VAL A 74 1.01 -1.30 17.76
CA VAL A 74 1.09 -2.32 16.73
C VAL A 74 1.76 -1.73 15.48
N LEU A 75 2.42 -2.60 14.73
CA LEU A 75 3.09 -2.18 13.52
C LEU A 75 2.26 -2.60 12.30
N TYR A 76 1.48 -1.65 11.81
CA TYR A 76 0.63 -1.91 10.66
C TYR A 76 1.43 -1.79 9.35
N GLU A 77 1.39 -2.86 8.57
CA GLU A 77 2.10 -2.88 7.31
C GLU A 77 1.19 -2.40 6.18
N PHE A 78 1.74 -2.38 4.98
CA PHE A 78 0.99 -1.94 3.82
C PHE A 78 1.69 -2.36 2.52
N ARG A 79 0.89 -2.89 1.60
CA ARG A 79 1.42 -3.34 0.32
C ARG A 79 0.48 -2.94 -0.81
N LEU A 80 1.06 -2.34 -1.84
CA LEU A 80 0.28 -1.91 -2.99
C LEU A 80 0.48 -2.90 -4.13
N VAL A 81 -0.62 -3.18 -4.82
CA VAL A 81 -0.59 -4.11 -5.94
C VAL A 81 -1.36 -3.51 -7.12
N ALA A 82 -0.59 -3.00 -8.07
CA ALA A 82 -1.18 -2.40 -9.26
C ALA A 82 -1.71 -3.51 -10.18
N PHE A 83 -2.97 -3.36 -10.57
CA PHE A 83 -3.60 -4.33 -11.44
C PHE A 83 -4.29 -3.63 -12.62
N ALA A 84 -4.24 -4.30 -13.76
CA ALA A 84 -4.86 -3.77 -14.96
C ALA A 84 -5.80 -4.81 -15.56
N GLY A 85 -7.09 -4.59 -15.39
CA GLY A 85 -8.09 -5.50 -15.90
C GLY A 85 -7.54 -6.93 -15.98
N SER A 86 -7.74 -7.67 -14.89
CA SER A 86 -7.29 -9.05 -14.82
C SER A 86 -5.83 -9.08 -14.34
N PHE A 87 -4.97 -8.43 -15.11
CA PHE A 87 -3.55 -8.38 -14.78
C PHE A 87 -3.35 -7.77 -13.39
N VAL A 88 -2.61 -8.50 -12.57
CA VAL A 88 -2.32 -8.05 -11.21
C VAL A 88 -0.81 -8.01 -11.00
N SER A 89 -0.31 -6.81 -10.73
CA SER A 89 1.12 -6.62 -10.50
C SER A 89 1.49 -7.12 -9.11
N ASP A 90 2.80 -7.26 -8.90
CA ASP A 90 3.30 -7.73 -7.61
C ASP A 90 3.13 -6.63 -6.56
N PRO A 91 3.07 -7.06 -5.28
CA PRO A 91 2.91 -6.13 -4.19
C PRO A 91 4.22 -5.38 -3.90
N SER A 92 4.24 -4.11 -4.27
CA SER A 92 5.41 -3.29 -4.07
C SER A 92 5.97 -3.51 -2.66
N ASN A 93 7.18 -3.01 -2.44
CA ASN A 93 7.83 -3.15 -1.15
C ASN A 93 6.79 -2.97 -0.05
N THR A 94 7.07 -3.60 1.09
CA THR A 94 6.18 -3.52 2.23
C THR A 94 6.51 -2.30 3.09
N ALA A 95 5.46 -1.54 3.41
CA ALA A 95 5.62 -0.36 4.22
C ALA A 95 5.18 -0.65 5.66
N ASN A 96 5.84 0.01 6.59
CA ASN A 96 5.54 -0.18 7.99
C ASN A 96 5.65 1.16 8.73
N VAL A 97 4.73 1.37 9.66
CA VAL A 97 4.72 2.60 10.42
C VAL A 97 4.71 2.26 11.93
N SER A 98 5.21 3.20 12.71
CA SER A 98 5.26 3.02 14.15
C SER A 98 4.20 3.89 14.82
N THR A 99 3.59 3.33 15.86
CA THR A 99 2.56 4.03 16.59
C THR A 99 2.84 3.98 18.10
N SER A 100 4.02 3.48 18.42
CA SER A 100 4.44 3.38 19.81
C SER A 100 5.46 4.46 20.14
N GLY A 101 6.12 4.95 19.11
CA GLY A 101 7.11 5.99 19.27
C GLY A 101 6.65 7.31 18.63
N LEU A 102 5.35 7.54 18.72
CA LEU A 102 4.78 8.74 18.15
C LEU A 102 4.73 9.83 19.22
N SER A 103 4.35 11.03 18.79
CA SER A 103 4.28 12.16 19.70
C SER A 103 5.54 12.23 20.56
N GLY A 104 6.64 12.57 19.91
CA GLY A 104 7.92 12.68 20.61
C GLY A 104 9.08 12.37 19.66
N PRO A 105 9.83 13.46 19.30
CA PRO A 105 10.97 13.32 18.41
C PRO A 105 12.16 12.68 19.14
N SER A 106 13.23 12.50 18.39
CA SER A 106 14.44 11.89 18.95
C SER A 106 15.58 11.99 17.93
N SER A 107 16.62 12.70 18.33
CA SER A 107 17.78 12.88 17.47
C SER A 107 19.07 12.58 18.25
N GLY A 108 19.99 11.91 17.58
CA GLY A 108 21.25 11.57 18.20
C GLY A 108 21.96 10.44 17.43
N GLY A 1 3.14 -22.21 -29.06
CA GLY A 1 2.91 -21.48 -27.83
C GLY A 1 2.99 -19.97 -28.08
N SER A 2 2.22 -19.23 -27.30
CA SER A 2 2.19 -17.78 -27.42
C SER A 2 2.55 -17.13 -26.08
N SER A 3 3.73 -16.53 -26.06
CA SER A 3 4.21 -15.87 -24.86
C SER A 3 4.47 -14.39 -25.14
N GLY A 4 3.64 -13.83 -25.99
CA GLY A 4 3.77 -12.42 -26.35
C GLY A 4 2.55 -11.62 -25.88
N SER A 5 2.49 -11.42 -24.58
CA SER A 5 1.40 -10.67 -23.98
C SER A 5 1.58 -10.56 -22.47
N SER A 6 0.78 -9.70 -21.87
CA SER A 6 0.86 -9.48 -20.43
C SER A 6 2.24 -8.96 -20.05
N GLY A 7 2.27 -8.13 -19.02
CA GLY A 7 3.50 -7.56 -18.54
C GLY A 7 3.27 -6.23 -17.82
N LEU A 8 2.46 -6.31 -16.78
CA LEU A 8 2.14 -5.12 -16.00
C LEU A 8 3.17 -4.96 -14.89
N SER A 9 3.77 -3.77 -14.84
CA SER A 9 4.77 -3.47 -13.84
C SER A 9 4.10 -2.99 -12.55
N PRO A 10 4.62 -3.51 -11.41
CA PRO A 10 4.08 -3.15 -10.11
C PRO A 10 4.50 -1.73 -9.71
N PRO A 11 3.93 -1.26 -8.57
CA PRO A 11 4.24 0.07 -8.07
C PRO A 11 5.63 0.11 -7.44
N ARG A 12 6.06 1.32 -7.11
CA ARG A 12 7.37 1.51 -6.50
C ARG A 12 7.32 2.65 -5.49
N GLY A 13 8.39 2.76 -4.72
CA GLY A 13 8.48 3.81 -3.70
C GLY A 13 7.29 3.75 -2.75
N LEU A 14 6.94 2.53 -2.36
CA LEU A 14 5.82 2.33 -1.46
C LEU A 14 6.31 2.49 -0.01
N VAL A 15 5.89 3.58 0.60
CA VAL A 15 6.27 3.86 1.98
C VAL A 15 5.02 4.19 2.79
N ALA A 16 5.20 4.23 4.10
CA ALA A 16 4.10 4.52 5.01
C ALA A 16 4.56 5.57 6.02
N VAL A 17 4.03 6.77 5.87
CA VAL A 17 4.36 7.87 6.77
C VAL A 17 3.23 8.05 7.79
N ARG A 18 3.57 7.82 9.04
CA ARG A 18 2.60 7.97 10.12
C ARG A 18 2.19 9.43 10.28
N THR A 19 0.90 9.68 10.14
CA THR A 19 0.37 11.02 10.27
C THR A 19 -0.62 11.10 11.42
N PRO A 20 -0.94 12.36 11.82
CA PRO A 20 -1.89 12.58 12.91
C PRO A 20 -3.32 12.32 12.46
N ARG A 21 -3.45 11.93 11.20
CA ARG A 21 -4.76 11.65 10.64
C ARG A 21 -4.84 10.18 10.21
N GLY A 22 -3.69 9.52 10.23
CA GLY A 22 -3.62 8.12 9.84
C GLY A 22 -2.23 7.78 9.30
N VAL A 23 -2.24 6.98 8.24
CA VAL A 23 -0.99 6.56 7.61
C VAL A 23 -1.08 6.84 6.11
N LEU A 24 -0.22 7.74 5.65
CA LEU A 24 -0.17 8.10 4.25
C LEU A 24 0.81 7.18 3.52
N LEU A 25 0.25 6.37 2.62
CA LEU A 25 1.06 5.44 1.85
C LEU A 25 1.48 6.10 0.53
N HIS A 26 2.77 6.37 0.43
CA HIS A 26 3.30 7.00 -0.77
C HIS A 26 3.90 5.93 -1.69
N TRP A 27 3.43 5.93 -2.93
CA TRP A 27 3.90 4.96 -3.91
C TRP A 27 4.15 5.71 -5.22
N ASP A 28 4.64 4.97 -6.20
CA ASP A 28 4.91 5.55 -7.51
C ASP A 28 4.14 4.79 -8.58
N PRO A 29 3.86 5.50 -9.70
CA PRO A 29 3.13 4.90 -10.80
C PRO A 29 4.01 3.94 -11.59
N PRO A 30 3.36 2.88 -12.15
CA PRO A 30 4.08 1.88 -12.92
C PRO A 30 4.44 2.43 -14.31
N GLU A 31 5.73 2.37 -14.60
CA GLU A 31 6.22 2.85 -15.88
C GLU A 31 5.95 1.83 -16.98
N LEU A 32 6.06 0.57 -16.60
CA LEU A 32 5.83 -0.53 -17.54
C LEU A 32 4.40 -1.06 -17.36
N VAL A 33 3.48 -0.47 -18.09
CA VAL A 33 2.09 -0.88 -18.02
C VAL A 33 1.60 -1.28 -19.42
N PRO A 34 0.65 -2.25 -19.44
CA PRO A 34 0.09 -2.72 -20.69
C PRO A 34 -0.89 -1.69 -21.28
N LYS A 35 -1.57 -1.00 -20.38
CA LYS A 35 -2.54 0.01 -20.79
C LYS A 35 -2.60 1.12 -19.74
N ARG A 36 -3.69 1.11 -18.99
CA ARG A 36 -3.88 2.10 -17.94
C ARG A 36 -4.14 1.41 -16.60
N LEU A 37 -3.75 2.10 -15.53
CA LEU A 37 -3.92 1.58 -14.19
C LEU A 37 -5.41 1.61 -13.83
N ASP A 38 -6.03 0.43 -13.91
CA ASP A 38 -7.45 0.31 -13.60
C ASP A 38 -7.68 0.69 -12.14
N GLY A 39 -6.71 0.32 -11.30
CA GLY A 39 -6.79 0.61 -9.89
C GLY A 39 -5.80 -0.25 -9.09
N TYR A 40 -5.37 0.29 -7.96
CA TYR A 40 -4.43 -0.41 -7.11
C TYR A 40 -5.15 -1.14 -5.97
N VAL A 41 -4.38 -1.90 -5.20
CA VAL A 41 -4.94 -2.64 -4.09
C VAL A 41 -4.00 -2.52 -2.88
N LEU A 42 -4.44 -1.72 -1.92
CA LEU A 42 -3.66 -1.51 -0.71
C LEU A 42 -3.92 -2.66 0.27
N GLU A 43 -2.83 -3.24 0.75
CA GLU A 43 -2.93 -4.34 1.70
C GLU A 43 -2.02 -4.09 2.90
N GLY A 44 -2.63 -4.09 4.08
CA GLY A 44 -1.88 -3.86 5.30
C GLY A 44 -2.16 -4.97 6.32
N ARG A 45 -1.48 -4.88 7.45
CA ARG A 45 -1.65 -5.86 8.51
C ARG A 45 -0.70 -5.55 9.67
N GLN A 46 -1.17 -5.86 10.87
CA GLN A 46 -0.39 -5.62 12.07
C GLN A 46 -0.01 -6.94 12.73
N GLY A 47 1.09 -6.92 13.47
CA GLY A 47 1.56 -8.11 14.16
C GLY A 47 1.80 -9.26 13.18
N SER A 48 1.06 -10.34 13.40
CA SER A 48 1.17 -11.51 12.54
C SER A 48 -0.21 -11.94 12.06
N GLN A 49 -1.07 -10.95 11.85
CA GLN A 49 -2.43 -11.21 11.39
C GLN A 49 -2.43 -11.58 9.91
N GLY A 50 -3.62 -11.71 9.36
CA GLY A 50 -3.77 -12.05 7.95
C GLY A 50 -3.78 -10.80 7.08
N TRP A 51 -3.13 -10.91 5.94
CA TRP A 51 -3.06 -9.80 5.00
C TRP A 51 -4.50 -9.38 4.66
N GLU A 52 -4.74 -8.09 4.76
CA GLU A 52 -6.06 -7.55 4.47
C GLU A 52 -5.95 -6.34 3.56
N VAL A 53 -6.83 -6.28 2.58
CA VAL A 53 -6.84 -5.18 1.63
C VAL A 53 -7.54 -3.97 2.26
N LEU A 54 -6.75 -2.93 2.49
CA LEU A 54 -7.27 -1.72 3.10
C LEU A 54 -8.06 -0.94 2.05
N ASP A 55 -7.77 -1.24 0.79
CA ASP A 55 -8.45 -0.58 -0.32
C ASP A 55 -8.19 -1.36 -1.61
N PRO A 56 -9.25 -2.08 -2.06
CA PRO A 56 -9.16 -2.87 -3.27
C PRO A 56 -9.20 -1.98 -4.52
N ALA A 57 -10.12 -1.02 -4.48
CA ALA A 57 -10.27 -0.09 -5.59
C ALA A 57 -9.63 1.25 -5.23
N VAL A 58 -8.50 1.52 -5.87
CA VAL A 58 -7.78 2.75 -5.63
C VAL A 58 -7.54 3.47 -6.95
N ALA A 59 -7.93 4.73 -6.99
CA ALA A 59 -7.76 5.53 -8.19
C ALA A 59 -6.42 5.19 -8.85
N GLY A 60 -6.49 4.81 -10.11
CA GLY A 60 -5.30 4.45 -10.86
C GLY A 60 -4.42 5.67 -11.10
N THR A 61 -4.94 6.83 -10.71
CA THR A 61 -4.22 8.08 -10.88
C THR A 61 -3.65 8.56 -9.55
N GLU A 62 -4.09 7.89 -8.49
CA GLU A 62 -3.64 8.23 -7.14
C GLU A 62 -2.22 7.74 -6.91
N THR A 63 -1.54 8.38 -5.98
CA THR A 63 -0.17 8.02 -5.65
C THR A 63 0.02 7.93 -4.13
N GLU A 64 -1.09 8.09 -3.43
CA GLU A 64 -1.07 8.02 -1.98
C GLU A 64 -2.42 7.55 -1.44
N LEU A 65 -2.43 7.20 -0.17
CA LEU A 65 -3.64 6.74 0.48
C LEU A 65 -3.48 6.83 2.00
N LEU A 66 -4.61 6.98 2.67
CA LEU A 66 -4.61 7.09 4.11
C LEU A 66 -5.23 5.82 4.72
N VAL A 67 -4.69 5.40 5.85
CA VAL A 67 -5.18 4.22 6.53
C VAL A 67 -5.25 4.49 8.03
N PRO A 68 -6.39 5.09 8.45
CA PRO A 68 -6.59 5.41 9.85
C PRO A 68 -6.92 4.15 10.67
N GLY A 69 -7.43 3.15 9.96
CA GLY A 69 -7.79 1.89 10.59
C GLY A 69 -6.71 1.47 11.60
N LEU A 70 -5.47 1.75 11.25
CA LEU A 70 -4.36 1.40 12.12
C LEU A 70 -4.75 1.65 13.57
N ILE A 71 -4.03 0.99 14.46
CA ILE A 71 -4.28 1.12 15.88
C ILE A 71 -3.22 2.02 16.52
N LYS A 72 -2.56 1.49 17.54
CA LYS A 72 -1.52 2.23 18.23
C LYS A 72 -0.33 1.32 18.47
N ASP A 73 -0.33 0.68 19.63
CA ASP A 73 0.74 -0.22 19.99
C ASP A 73 0.73 -1.43 19.05
N VAL A 74 1.00 -1.15 17.78
CA VAL A 74 1.03 -2.19 16.78
C VAL A 74 1.85 -1.73 15.58
N LEU A 75 2.23 -2.68 14.74
CA LEU A 75 3.02 -2.38 13.56
C LEU A 75 2.25 -2.84 12.32
N TYR A 76 1.49 -1.91 11.76
CA TYR A 76 0.71 -2.20 10.56
C TYR A 76 1.56 -2.04 9.30
N GLU A 77 1.49 -3.05 8.45
CA GLU A 77 2.25 -3.04 7.21
C GLU A 77 1.39 -2.49 6.07
N PHE A 78 1.96 -2.50 4.88
CA PHE A 78 1.27 -2.00 3.71
C PHE A 78 1.91 -2.54 2.42
N ARG A 79 1.06 -2.73 1.42
CA ARG A 79 1.51 -3.24 0.14
C ARG A 79 0.50 -2.90 -0.96
N LEU A 80 1.00 -2.24 -2.00
CA LEU A 80 0.15 -1.86 -3.12
C LEU A 80 0.37 -2.83 -4.27
N VAL A 81 -0.73 -3.14 -4.95
CA VAL A 81 -0.68 -4.05 -6.07
C VAL A 81 -1.42 -3.44 -7.26
N ALA A 82 -0.65 -2.96 -8.22
CA ALA A 82 -1.22 -2.34 -9.41
C ALA A 82 -1.76 -3.43 -10.33
N PHE A 83 -3.02 -3.28 -10.69
CA PHE A 83 -3.67 -4.25 -11.57
C PHE A 83 -4.43 -3.55 -12.70
N ALA A 84 -4.25 -4.08 -13.90
CA ALA A 84 -4.91 -3.51 -15.07
C ALA A 84 -5.74 -4.59 -15.76
N GLY A 85 -6.73 -4.14 -16.51
CA GLY A 85 -7.61 -5.06 -17.23
C GLY A 85 -7.80 -6.35 -16.44
N SER A 86 -7.01 -7.35 -16.80
CA SER A 86 -7.09 -8.64 -16.14
C SER A 86 -5.70 -9.06 -15.65
N PHE A 87 -4.85 -8.07 -15.47
CA PHE A 87 -3.50 -8.32 -15.01
C PHE A 87 -3.30 -7.78 -13.58
N VAL A 88 -2.63 -8.58 -12.77
CA VAL A 88 -2.36 -8.20 -11.39
C VAL A 88 -0.86 -8.14 -11.16
N SER A 89 -0.38 -6.93 -10.85
CA SER A 89 1.03 -6.72 -10.61
C SER A 89 1.39 -7.17 -9.19
N ASP A 90 2.69 -7.34 -8.97
CA ASP A 90 3.18 -7.77 -7.67
C ASP A 90 3.00 -6.64 -6.67
N PRO A 91 2.94 -7.03 -5.37
CA PRO A 91 2.77 -6.05 -4.30
C PRO A 91 4.07 -5.29 -4.05
N SER A 92 4.10 -4.06 -4.51
CA SER A 92 5.28 -3.22 -4.33
C SER A 92 5.87 -3.42 -2.93
N ASN A 93 7.11 -2.99 -2.78
CA ASN A 93 7.79 -3.12 -1.50
C ASN A 93 6.79 -2.90 -0.36
N THR A 94 7.07 -3.55 0.76
CA THR A 94 6.21 -3.44 1.92
C THR A 94 6.64 -2.25 2.79
N ALA A 95 5.65 -1.50 3.24
CA ALA A 95 5.90 -0.34 4.08
C ALA A 95 5.02 -0.41 5.33
N ASN A 96 5.53 0.17 6.40
CA ASN A 96 4.80 0.18 7.66
C ASN A 96 5.18 1.43 8.46
N VAL A 97 4.41 1.68 9.50
CA VAL A 97 4.66 2.84 10.35
C VAL A 97 4.73 2.38 11.81
N SER A 98 5.36 3.21 12.63
CA SER A 98 5.51 2.91 14.03
C SER A 98 4.73 3.91 14.87
N THR A 99 3.96 3.38 15.81
CA THR A 99 3.15 4.22 16.69
C THR A 99 3.37 3.84 18.15
N SER A 100 4.46 4.35 18.70
CA SER A 100 4.79 4.07 20.09
C SER A 100 4.82 5.37 20.89
N GLY A 101 5.24 6.44 20.23
CA GLY A 101 5.31 7.74 20.87
C GLY A 101 4.41 8.75 20.15
N LEU A 102 3.12 8.45 20.17
CA LEU A 102 2.14 9.33 19.53
C LEU A 102 1.35 10.06 20.61
N SER A 103 0.52 11.00 20.16
CA SER A 103 -0.29 11.78 21.07
C SER A 103 -1.47 10.93 21.57
N GLY A 104 -2.28 10.48 20.63
CA GLY A 104 -3.44 9.67 20.96
C GLY A 104 -4.14 10.20 22.21
N PRO A 105 -4.70 9.25 23.01
CA PRO A 105 -5.40 9.61 24.24
C PRO A 105 -4.41 10.01 25.33
N SER A 106 -3.61 11.01 25.03
CA SER A 106 -2.62 11.51 25.98
C SER A 106 -2.19 12.92 25.60
N SER A 107 -2.73 13.88 26.34
CA SER A 107 -2.41 15.28 26.10
C SER A 107 -0.92 15.44 25.82
N GLY A 108 -0.12 14.97 26.77
CA GLY A 108 1.32 15.06 26.64
C GLY A 108 1.76 16.46 26.23
N GLY A 1 -0.68 -20.81 -13.06
CA GLY A 1 0.40 -19.97 -13.55
C GLY A 1 0.45 -19.99 -15.08
N SER A 2 -0.30 -19.09 -15.68
CA SER A 2 -0.35 -18.99 -17.13
C SER A 2 0.81 -18.13 -17.63
N SER A 3 1.22 -18.41 -18.86
CA SER A 3 2.32 -17.67 -19.47
C SER A 3 1.77 -16.49 -20.28
N GLY A 4 0.72 -15.89 -19.74
CA GLY A 4 0.09 -14.75 -20.39
C GLY A 4 1.14 -13.72 -20.81
N SER A 5 0.66 -12.67 -21.46
CA SER A 5 1.54 -11.60 -21.92
C SER A 5 1.42 -10.38 -21.01
N SER A 6 1.56 -10.64 -19.71
CA SER A 6 1.46 -9.57 -18.73
C SER A 6 2.40 -8.43 -19.11
N GLY A 7 1.88 -7.22 -18.98
CA GLY A 7 2.66 -6.03 -19.30
C GLY A 7 2.41 -4.92 -18.28
N LEU A 8 2.04 -5.33 -17.08
CA LEU A 8 1.77 -4.38 -16.01
C LEU A 8 2.85 -4.53 -14.93
N SER A 9 3.59 -3.45 -14.74
CA SER A 9 4.65 -3.44 -13.74
C SER A 9 4.08 -3.08 -12.37
N PRO A 10 4.74 -3.61 -11.31
CA PRO A 10 4.30 -3.35 -9.95
C PRO A 10 4.68 -1.94 -9.51
N PRO A 11 4.08 -1.51 -8.37
CA PRO A 11 4.34 -0.18 -7.84
C PRO A 11 5.72 -0.12 -7.17
N ARG A 12 6.09 1.08 -6.77
CA ARG A 12 7.38 1.29 -6.12
C ARG A 12 7.31 2.50 -5.18
N GLY A 13 8.45 2.81 -4.58
CA GLY A 13 8.53 3.92 -3.66
C GLY A 13 7.34 3.93 -2.70
N LEU A 14 6.99 2.74 -2.23
CA LEU A 14 5.87 2.60 -1.32
C LEU A 14 6.38 2.76 0.12
N VAL A 15 5.80 3.72 0.81
CA VAL A 15 6.18 3.98 2.20
C VAL A 15 4.93 4.36 3.00
N ALA A 16 5.10 4.39 4.31
CA ALA A 16 4.01 4.73 5.20
C ALA A 16 4.50 5.74 6.24
N VAL A 17 3.95 6.95 6.14
CA VAL A 17 4.33 8.01 7.06
C VAL A 17 3.22 8.20 8.09
N ARG A 18 3.53 7.84 9.33
CA ARG A 18 2.57 7.96 10.41
C ARG A 18 2.28 9.43 10.70
N THR A 19 1.00 9.78 10.66
CA THR A 19 0.59 11.15 10.91
C THR A 19 -0.51 11.18 11.97
N PRO A 20 -0.93 12.42 12.33
CA PRO A 20 -1.96 12.61 13.33
C PRO A 20 -3.35 12.27 12.75
N ARG A 21 -3.55 12.68 11.51
CA ARG A 21 -4.81 12.44 10.84
C ARG A 21 -4.92 10.96 10.44
N GLY A 22 -3.81 10.25 10.63
CA GLY A 22 -3.78 8.84 10.29
C GLY A 22 -2.41 8.44 9.74
N VAL A 23 -2.44 7.64 8.68
CA VAL A 23 -1.22 7.19 8.04
C VAL A 23 -1.28 7.48 6.55
N LEU A 24 -0.25 8.15 6.06
CA LEU A 24 -0.17 8.50 4.65
C LEU A 24 0.82 7.57 3.95
N LEU A 25 0.32 6.86 2.95
CA LEU A 25 1.16 5.94 2.20
C LEU A 25 1.57 6.59 0.88
N HIS A 26 2.87 6.60 0.64
CA HIS A 26 3.40 7.19 -0.58
C HIS A 26 4.01 6.09 -1.46
N TRP A 27 3.42 5.91 -2.63
CA TRP A 27 3.89 4.91 -3.56
C TRP A 27 4.20 5.60 -4.89
N ASP A 28 4.69 4.81 -5.83
CA ASP A 28 5.03 5.34 -7.14
C ASP A 28 4.27 4.54 -8.21
N PRO A 29 3.92 5.26 -9.31
CA PRO A 29 3.20 4.63 -10.41
C PRO A 29 4.13 3.74 -11.24
N PRO A 30 3.54 2.67 -11.82
CA PRO A 30 4.29 1.73 -12.64
C PRO A 30 4.61 2.34 -14.00
N GLU A 31 5.82 2.07 -14.47
CA GLU A 31 6.26 2.58 -15.76
C GLU A 31 5.71 1.70 -16.89
N LEU A 32 5.86 0.40 -16.71
CA LEU A 32 5.39 -0.55 -17.71
C LEU A 32 3.91 -0.83 -17.47
N VAL A 33 3.09 -0.43 -18.44
CA VAL A 33 1.66 -0.63 -18.34
C VAL A 33 1.15 -1.21 -19.67
N PRO A 34 0.14 -2.11 -19.54
CA PRO A 34 -0.45 -2.74 -20.71
C PRO A 34 -1.37 -1.78 -21.46
N LYS A 35 -1.72 -0.70 -20.77
CA LYS A 35 -2.58 0.32 -21.36
C LYS A 35 -2.90 1.38 -20.31
N ARG A 36 -3.97 1.12 -19.56
CA ARG A 36 -4.39 2.04 -18.52
C ARG A 36 -4.56 1.29 -17.18
N LEU A 37 -4.10 1.94 -16.13
CA LEU A 37 -4.19 1.35 -14.80
C LEU A 37 -5.65 1.34 -14.35
N ASP A 38 -6.08 0.19 -13.87
CA ASP A 38 -7.45 0.03 -13.40
C ASP A 38 -7.53 0.45 -11.93
N GLY A 39 -6.40 0.33 -11.24
CA GLY A 39 -6.34 0.70 -9.84
C GLY A 39 -5.52 -0.34 -9.05
N TYR A 40 -4.99 0.13 -7.92
CA TYR A 40 -4.20 -0.73 -7.07
C TYR A 40 -5.04 -1.29 -5.91
N VAL A 41 -4.40 -2.12 -5.10
CA VAL A 41 -5.07 -2.72 -3.96
C VAL A 41 -4.17 -2.61 -2.73
N LEU A 42 -4.61 -1.78 -1.78
CA LEU A 42 -3.86 -1.58 -0.56
C LEU A 42 -4.14 -2.74 0.40
N GLU A 43 -3.06 -3.43 0.77
CA GLU A 43 -3.18 -4.56 1.67
C GLU A 43 -2.26 -4.36 2.87
N GLY A 44 -2.87 -4.15 4.03
CA GLY A 44 -2.12 -3.95 5.25
C GLY A 44 -2.33 -5.11 6.22
N ARG A 45 -1.64 -5.03 7.35
CA ARG A 45 -1.75 -6.07 8.37
C ARG A 45 -0.87 -5.71 9.57
N GLN A 46 -1.29 -6.23 10.73
CA GLN A 46 -0.55 -5.98 11.96
C GLN A 46 0.57 -7.01 12.13
N GLY A 47 1.30 -6.87 13.22
CA GLY A 47 2.40 -7.77 13.52
C GLY A 47 2.04 -9.21 13.15
N SER A 48 2.75 -9.72 12.16
CA SER A 48 2.52 -11.08 11.70
C SER A 48 1.02 -11.39 11.72
N GLN A 49 0.27 -10.52 11.06
CA GLN A 49 -1.18 -10.69 11.00
C GLN A 49 -1.60 -11.08 9.58
N GLY A 50 -2.91 -11.10 9.38
CA GLY A 50 -3.46 -11.47 8.08
C GLY A 50 -3.56 -10.25 7.17
N TRP A 51 -3.21 -10.46 5.91
CA TRP A 51 -3.25 -9.38 4.93
C TRP A 51 -4.71 -8.98 4.73
N GLU A 52 -5.03 -7.79 5.19
CA GLU A 52 -6.39 -7.28 5.08
C GLU A 52 -6.48 -6.29 3.91
N VAL A 53 -7.48 -6.51 3.07
CA VAL A 53 -7.69 -5.65 1.92
C VAL A 53 -8.28 -4.32 2.39
N LEU A 54 -7.41 -3.32 2.48
CA LEU A 54 -7.83 -2.00 2.91
C LEU A 54 -8.72 -1.37 1.83
N ASP A 55 -8.23 -1.41 0.61
CA ASP A 55 -8.97 -0.86 -0.52
C ASP A 55 -8.38 -1.40 -1.82
N PRO A 56 -9.13 -2.35 -2.44
CA PRO A 56 -8.70 -2.95 -3.70
C PRO A 56 -8.89 -1.98 -4.87
N ALA A 57 -9.76 -1.00 -4.64
CA ALA A 57 -10.05 0.00 -5.67
C ALA A 57 -9.36 1.31 -5.30
N VAL A 58 -8.20 1.52 -5.91
CA VAL A 58 -7.43 2.73 -5.66
C VAL A 58 -7.14 3.43 -6.99
N ALA A 59 -7.44 4.72 -7.01
CA ALA A 59 -7.20 5.51 -8.22
C ALA A 59 -5.91 5.04 -8.89
N GLY A 60 -6.04 4.68 -10.16
CA GLY A 60 -4.91 4.21 -10.93
C GLY A 60 -3.90 5.34 -11.15
N THR A 61 -4.30 6.53 -10.77
CA THR A 61 -3.45 7.71 -10.92
C THR A 61 -2.93 8.16 -9.56
N GLU A 62 -3.61 7.72 -8.52
CA GLU A 62 -3.22 8.07 -7.16
C GLU A 62 -1.78 7.64 -6.89
N THR A 63 -1.20 8.26 -5.87
CA THR A 63 0.17 7.96 -5.50
C THR A 63 0.29 7.85 -3.98
N GLU A 64 -0.85 7.85 -3.32
CA GLU A 64 -0.88 7.76 -1.87
C GLU A 64 -2.31 7.55 -1.38
N LEU A 65 -2.44 7.29 -0.09
CA LEU A 65 -3.74 7.07 0.51
C LEU A 65 -3.61 7.13 2.04
N LEU A 66 -4.72 7.46 2.68
CA LEU A 66 -4.75 7.56 4.13
C LEU A 66 -5.21 6.23 4.72
N VAL A 67 -4.57 5.85 5.80
CA VAL A 67 -4.91 4.60 6.48
C VAL A 67 -4.98 4.83 7.98
N PRO A 68 -5.99 5.67 8.38
CA PRO A 68 -6.19 5.99 9.78
C PRO A 68 -6.82 4.80 10.53
N GLY A 69 -7.08 3.74 9.78
CA GLY A 69 -7.68 2.55 10.36
C GLY A 69 -6.65 1.74 11.14
N LEU A 70 -5.39 2.17 11.04
CA LEU A 70 -4.30 1.49 11.73
C LEU A 70 -4.54 1.59 13.24
N ILE A 71 -3.89 0.69 13.95
CA ILE A 71 -4.01 0.66 15.40
C ILE A 71 -2.75 1.25 16.03
N LYS A 72 -2.81 1.44 17.35
CA LYS A 72 -1.69 2.00 18.07
C LYS A 72 -1.04 0.90 18.93
N ASP A 73 0.28 0.97 19.01
CA ASP A 73 1.03 0.00 19.78
C ASP A 73 1.25 -1.27 18.93
N VAL A 74 1.10 -1.09 17.63
CA VAL A 74 1.27 -2.20 16.70
C VAL A 74 2.03 -1.71 15.47
N LEU A 75 2.26 -2.64 14.56
CA LEU A 75 2.98 -2.32 13.33
C LEU A 75 2.13 -2.74 12.13
N TYR A 76 1.38 -1.77 11.60
CA TYR A 76 0.53 -2.03 10.46
C TYR A 76 1.33 -1.96 9.16
N GLU A 77 1.32 -3.08 8.43
CA GLU A 77 2.05 -3.15 7.17
C GLU A 77 1.14 -2.69 6.03
N PHE A 78 1.71 -2.73 4.82
CA PHE A 78 0.96 -2.33 3.64
C PHE A 78 1.63 -2.85 2.36
N ARG A 79 0.84 -2.96 1.31
CA ARG A 79 1.34 -3.45 0.05
C ARG A 79 0.37 -3.07 -1.09
N LEU A 80 0.93 -2.42 -2.10
CA LEU A 80 0.13 -2.01 -3.24
C LEU A 80 0.34 -2.99 -4.39
N VAL A 81 -0.74 -3.26 -5.11
CA VAL A 81 -0.69 -4.17 -6.23
C VAL A 81 -1.33 -3.52 -7.46
N ALA A 82 -0.48 -3.11 -8.39
CA ALA A 82 -0.94 -2.47 -9.60
C ALA A 82 -1.56 -3.51 -10.52
N PHE A 83 -2.88 -3.42 -10.68
CA PHE A 83 -3.60 -4.36 -11.53
C PHE A 83 -4.41 -3.61 -12.59
N ALA A 84 -4.39 -4.16 -13.79
CA ALA A 84 -5.11 -3.56 -14.91
C ALA A 84 -5.93 -4.64 -15.61
N GLY A 85 -7.23 -4.43 -15.64
CA GLY A 85 -8.14 -5.36 -16.28
C GLY A 85 -7.95 -6.78 -15.71
N SER A 86 -7.19 -7.58 -16.43
CA SER A 86 -6.92 -8.94 -16.02
C SER A 86 -5.45 -9.09 -15.61
N PHE A 87 -4.73 -7.98 -15.70
CA PHE A 87 -3.32 -7.96 -15.34
C PHE A 87 -3.12 -7.55 -13.88
N VAL A 88 -2.56 -8.45 -13.11
CA VAL A 88 -2.32 -8.20 -11.70
C VAL A 88 -0.81 -8.18 -11.44
N SER A 89 -0.31 -6.98 -11.14
CA SER A 89 1.11 -6.81 -10.88
C SER A 89 1.44 -7.31 -9.47
N ASP A 90 2.73 -7.46 -9.21
CA ASP A 90 3.19 -7.93 -7.92
C ASP A 90 3.01 -6.81 -6.88
N PRO A 91 2.87 -7.24 -5.60
CA PRO A 91 2.69 -6.29 -4.52
C PRO A 91 4.01 -5.59 -4.17
N SER A 92 4.06 -4.30 -4.49
CA SER A 92 5.26 -3.52 -4.22
C SER A 92 5.80 -3.84 -2.83
N ASN A 93 6.96 -3.29 -2.54
CA ASN A 93 7.59 -3.51 -1.24
C ASN A 93 6.54 -3.36 -0.15
N THR A 94 6.96 -3.67 1.07
CA THR A 94 6.08 -3.59 2.22
C THR A 94 6.39 -2.32 3.04
N ALA A 95 5.35 -1.55 3.29
CA ALA A 95 5.49 -0.33 4.06
C ALA A 95 4.98 -0.56 5.49
N ASN A 96 5.85 -0.30 6.45
CA ASN A 96 5.49 -0.47 7.85
C ASN A 96 5.32 0.90 8.51
N VAL A 97 4.39 0.96 9.46
CA VAL A 97 4.13 2.19 10.16
C VAL A 97 4.44 2.01 11.65
N SER A 98 4.96 3.07 12.25
CA SER A 98 5.30 3.03 13.66
C SER A 98 4.36 3.94 14.45
N THR A 99 4.01 3.48 15.64
CA THR A 99 3.12 4.24 16.50
C THR A 99 3.43 3.95 17.97
N SER A 100 4.45 4.62 18.47
CA SER A 100 4.87 4.45 19.85
C SER A 100 4.66 5.75 20.63
N GLY A 101 4.86 6.86 19.91
CA GLY A 101 4.69 8.16 20.52
C GLY A 101 3.22 8.53 20.67
N LEU A 102 2.42 8.05 19.72
CA LEU A 102 0.99 8.31 19.74
C LEU A 102 0.37 7.63 20.95
N SER A 103 -0.83 8.09 21.31
CA SER A 103 -1.54 7.52 22.44
C SER A 103 -0.56 7.20 23.56
N GLY A 104 -0.21 8.23 24.32
CA GLY A 104 0.71 8.08 25.43
C GLY A 104 1.83 9.11 25.36
N PRO A 105 2.56 9.24 26.50
CA PRO A 105 3.66 10.19 26.58
C PRO A 105 4.88 9.68 25.81
N SER A 106 5.73 10.62 25.42
CA SER A 106 6.94 10.28 24.69
C SER A 106 7.96 11.42 24.80
N SER A 107 9.22 11.07 24.57
CA SER A 107 10.29 12.05 24.65
C SER A 107 11.51 11.53 23.87
N GLY A 108 12.21 12.47 23.25
CA GLY A 108 13.39 12.14 22.48
C GLY A 108 14.66 12.38 23.29
#